data_6V8W
#
_entry.id   6V8W
#
_cell.length_a   88.840
_cell.length_b   82.160
_cell.length_c   128.630
_cell.angle_alpha   90.000
_cell.angle_beta   97.440
_cell.angle_gamma   90.000
#
_symmetry.space_group_name_H-M   'P 1 21 1'
#
loop_
_entity.id
_entity.type
_entity.pdbx_description
1 polymer 'Chromodomain Y-like protein 2'
2 polymer IVA-PHE-ALA-PHE-5T3-SER-NH2
3 non-polymer 'UNKNOWN LIGAND'
#
loop_
_entity_poly.entity_id
_entity_poly.type
_entity_poly.pdbx_seq_one_letter_code
_entity_poly.pdbx_strand_id
1 'polypeptide(L)' GASGDLYEVERIVDKRKNKKGKWEYLIRWKGYGSTEDTWEPEHHLLHCEEFIDEFNGLHMSK A,B,C,D,E,F,G,H,I,J,K,L,M,N,O,P,Q,R,S,T,U,V,W,X,Y,Z
2 'polypeptide(L)' (IVA)FAF(5T3)S(NH2) AA,BB,CC,DD,EE,FF,GG,HH,II,JJ,KK,LL,MM,NN,OO,PP,QQ,RR,SS,TT,UU,VV,WW,XX,YY,ZZ
#
# COMPACT_ATOMS: atom_id res chain seq x y z
N GLY A 4 19.95 -7.00 -23.74
CA GLY A 4 20.44 -6.58 -22.44
C GLY A 4 21.88 -6.86 -22.03
N ASP A 5 22.60 -7.68 -22.78
CA ASP A 5 23.99 -7.98 -22.45
C ASP A 5 24.94 -6.91 -23.02
N LEU A 6 26.15 -6.88 -22.46
CA LEU A 6 27.17 -5.90 -22.87
C LEU A 6 28.29 -6.60 -23.64
N TYR A 7 28.65 -6.06 -24.79
CA TYR A 7 29.71 -6.63 -25.61
C TYR A 7 30.83 -5.61 -25.79
N GLU A 8 32.07 -6.10 -25.84
CA GLU A 8 33.19 -5.17 -25.90
C GLU A 8 33.26 -4.48 -27.26
N VAL A 9 33.46 -3.16 -27.25
CA VAL A 9 33.60 -2.39 -28.49
C VAL A 9 35.08 -2.34 -28.83
N GLU A 10 35.40 -2.80 -30.04
CA GLU A 10 36.75 -2.76 -30.58
C GLU A 10 37.05 -1.44 -31.27
N ARG A 11 36.11 -0.90 -32.04
CA ARG A 11 36.38 0.29 -32.82
C ARG A 11 35.07 0.99 -33.14
N ILE A 12 35.12 2.31 -33.20
CA ILE A 12 34.06 3.12 -33.81
C ILE A 12 34.46 3.40 -35.26
N VAL A 13 33.72 2.81 -36.21
CA VAL A 13 34.06 2.94 -37.63
C VAL A 13 33.39 4.13 -38.30
N ASP A 14 32.31 4.68 -37.73
CA ASP A 14 31.60 5.79 -38.35
C ASP A 14 30.70 6.46 -37.33
N LYS A 15 30.43 7.75 -37.54
CA LYS A 15 29.52 8.52 -36.71
C LYS A 15 28.43 9.17 -37.57
N ARG A 16 27.32 9.58 -36.92
CA ARG A 16 26.26 10.30 -37.59
C ARG A 16 25.36 10.99 -36.56
N LYS A 17 24.75 12.09 -36.99
CA LYS A 17 23.76 12.84 -36.21
C LYS A 17 22.36 12.53 -36.71
N ASN A 18 21.42 12.30 -35.79
CA ASN A 18 20.04 12.08 -36.18
C ASN A 18 19.30 13.42 -36.27
N LYS A 19 18.00 13.35 -36.56
CA LYS A 19 17.18 14.56 -36.65
C LYS A 19 17.17 15.32 -35.32
N LYS A 20 17.09 14.60 -34.19
CA LYS A 20 17.10 15.27 -32.90
C LYS A 20 18.48 15.80 -32.49
N GLY A 21 19.51 15.63 -33.31
CA GLY A 21 20.81 16.17 -32.97
C GLY A 21 21.65 15.36 -32.02
N LYS A 22 21.25 14.13 -31.70
CA LYS A 22 22.05 13.29 -30.84
C LYS A 22 22.89 12.35 -31.69
N TRP A 23 24.03 11.91 -31.15
CA TRP A 23 25.00 11.12 -31.92
C TRP A 23 24.71 9.63 -31.92
N GLU A 24 25.07 8.97 -33.02
CA GLU A 24 24.97 7.52 -33.18
C GLU A 24 26.28 7.03 -33.76
N TYR A 25 26.74 5.86 -33.32
CA TYR A 25 28.05 5.35 -33.67
C TYR A 25 27.95 3.97 -34.28
N LEU A 26 28.71 3.77 -35.36
CA LEU A 26 28.74 2.47 -36.01
C LEU A 26 29.83 1.67 -35.31
N ILE A 27 29.42 0.63 -34.60
CA ILE A 27 30.26 -0.11 -33.67
C ILE A 27 30.79 -1.35 -34.38
N ARG A 28 32.11 -1.52 -34.34
CA ARG A 28 32.78 -2.78 -34.66
C ARG A 28 32.91 -3.58 -33.37
N TRP A 29 32.22 -4.70 -33.26
CA TRP A 29 32.25 -5.48 -32.02
C TRP A 29 33.45 -6.41 -31.99
N LYS A 30 34.25 -6.33 -30.91
CA LYS A 30 35.43 -7.17 -30.78
C LYS A 30 35.10 -8.64 -30.93
N GLY A 31 35.89 -9.33 -31.73
CA GLY A 31 35.71 -10.72 -31.99
C GLY A 31 34.85 -11.02 -33.19
N TYR A 32 34.38 -10.00 -33.89
CA TYR A 32 33.54 -10.17 -35.06
C TYR A 32 34.08 -9.28 -36.17
N GLY A 33 33.56 -9.49 -37.39
CA GLY A 33 33.98 -8.71 -38.52
C GLY A 33 32.94 -7.67 -38.93
N SER A 34 33.26 -6.94 -40.01
CA SER A 34 32.48 -5.79 -40.45
C SER A 34 31.01 -6.11 -40.69
N THR A 35 30.65 -7.36 -40.98
CA THR A 35 29.25 -7.70 -41.23
C THR A 35 28.36 -7.49 -40.01
N GLU A 36 28.93 -7.49 -38.80
CA GLU A 36 28.16 -7.36 -37.58
C GLU A 36 28.10 -5.93 -37.07
N ASP A 37 28.69 -4.99 -37.77
CA ASP A 37 28.64 -3.61 -37.31
C ASP A 37 27.20 -3.15 -37.15
N THR A 38 26.93 -2.39 -36.08
CA THR A 38 25.59 -1.89 -35.81
C THR A 38 25.68 -0.43 -35.35
N TRP A 39 24.69 0.36 -35.71
CA TRP A 39 24.64 1.75 -35.26
C TRP A 39 24.04 1.77 -33.86
N GLU A 40 24.77 2.35 -32.92
CA GLU A 40 24.25 2.35 -31.57
C GLU A 40 24.14 3.78 -31.06
N PRO A 41 23.12 4.08 -30.26
CA PRO A 41 23.05 5.41 -29.68
C PRO A 41 24.22 5.65 -28.73
N GLU A 42 24.57 6.93 -28.60
CA GLU A 42 25.72 7.35 -27.81
C GLU A 42 25.71 6.74 -26.42
N HIS A 43 24.54 6.71 -25.75
CA HIS A 43 24.51 6.26 -24.37
C HIS A 43 24.61 4.74 -24.24
N HIS A 44 24.70 4.01 -25.34
CA HIS A 44 24.97 2.59 -25.24
C HIS A 44 26.42 2.30 -24.92
N LEU A 45 27.32 3.27 -25.11
CA LEU A 45 28.75 3.04 -24.86
C LEU A 45 29.01 3.24 -23.39
N LEU A 46 29.47 2.18 -22.72
CA LEU A 46 29.69 2.17 -21.28
C LEU A 46 31.15 1.95 -20.98
N HIS A 47 31.65 2.63 -19.94
CA HIS A 47 32.95 2.34 -19.35
C HIS A 47 32.70 1.51 -18.10
N CYS A 48 33.39 0.38 -17.96
CA CYS A 48 33.17 -0.52 -16.83
C CYS A 48 34.44 -0.62 -15.97
N GLU A 49 34.27 -0.48 -14.66
CA GLU A 49 35.35 -0.62 -13.68
C GLU A 49 34.90 -1.63 -12.64
N GLU A 50 35.86 -2.18 -11.90
CA GLU A 50 35.55 -3.14 -10.86
C GLU A 50 34.62 -2.52 -9.81
N PHE A 51 33.64 -3.31 -9.37
CA PHE A 51 32.59 -2.87 -8.44
C PHE A 51 32.99 -3.00 -6.97
N ILE A 52 33.88 -3.94 -6.65
CA ILE A 52 34.30 -4.25 -5.28
C ILE A 52 35.81 -4.18 -5.20
N ASP A 53 36.33 -3.09 -4.65
CA ASP A 53 37.78 -2.94 -4.52
C ASP A 53 38.16 -2.30 -3.19
N PHE B 2 32.46 -1.17 -23.23
CA PHE B 2 31.47 -2.15 -23.67
C PHE B 2 30.21 -1.41 -24.12
N ALA B 3 29.32 -2.09 -24.84
CA ALA B 3 28.10 -1.45 -25.29
C ALA B 3 26.92 -2.42 -25.42
N PHE B 4 25.74 -1.93 -25.10
CA PHE B 4 24.50 -2.62 -25.41
C PHE B 4 24.36 -2.73 -26.90
N SER B 6 21.67 -2.88 -29.18
CA SER B 6 20.21 -2.75 -29.34
C SER B 6 20.06 -1.99 -30.67
N GLY C 4 34.17 -13.43 -22.27
CA GLY C 4 34.47 -12.03 -22.56
C GLY C 4 33.33 -11.04 -22.62
N ASP C 5 32.08 -11.51 -22.67
CA ASP C 5 30.91 -10.65 -22.61
C ASP C 5 30.51 -10.36 -21.16
N LEU C 6 29.67 -9.35 -21.01
CA LEU C 6 29.17 -8.92 -19.71
C LEU C 6 27.68 -9.21 -19.61
N TYR C 7 27.27 -9.84 -18.51
CA TYR C 7 25.89 -10.21 -18.24
C TYR C 7 25.44 -9.54 -16.96
N GLU C 8 24.17 -9.16 -16.90
CA GLU C 8 23.67 -8.42 -15.74
C GLU C 8 23.53 -9.33 -14.51
N VAL C 9 23.98 -8.82 -13.38
CA VAL C 9 23.88 -9.54 -12.12
C VAL C 9 22.60 -9.09 -11.43
N GLU C 10 21.69 -10.04 -11.21
CA GLU C 10 20.42 -9.85 -10.53
C GLU C 10 20.58 -9.98 -9.02
N ARG C 11 21.42 -10.89 -8.58
CA ARG C 11 21.54 -11.16 -7.16
C ARG C 11 22.90 -11.82 -6.90
N ILE C 12 23.50 -11.47 -5.77
CA ILE C 12 24.58 -12.26 -5.18
C ILE C 12 23.90 -13.22 -4.21
N VAL C 13 24.00 -14.52 -4.50
CA VAL C 13 23.29 -15.53 -3.73
C VAL C 13 24.08 -16.03 -2.52
N ASP C 14 25.42 -15.94 -2.57
CA ASP C 14 26.27 -16.48 -1.51
C ASP C 14 27.64 -15.82 -1.62
N LYS C 15 28.34 -15.75 -0.49
CA LYS C 15 29.70 -15.22 -0.43
C LYS C 15 30.64 -16.31 0.12
N ARG C 16 31.94 -16.18 -0.20
CA ARG C 16 32.94 -17.08 0.36
C ARG C 16 34.35 -16.56 0.05
N LYS C 17 35.30 -16.95 0.90
CA LYS C 17 36.73 -16.72 0.68
C LYS C 17 37.42 -18.03 0.30
N ASN C 18 38.32 -17.94 -0.68
CA ASN C 18 39.09 -19.10 -1.11
C ASN C 18 40.32 -19.26 -0.20
N LYS C 19 41.14 -20.28 -0.49
CA LYS C 19 42.32 -20.50 0.34
C LYS C 19 43.20 -19.25 0.39
N LYS C 20 43.36 -18.57 -0.75
CA LYS C 20 44.16 -17.35 -0.81
C LYS C 20 43.49 -16.16 -0.14
N GLY C 21 42.32 -16.34 0.49
CA GLY C 21 41.68 -15.21 1.12
C GLY C 21 40.92 -14.28 0.20
N LYS C 22 40.70 -14.68 -1.04
CA LYS C 22 40.01 -13.83 -1.99
C LYS C 22 38.53 -14.16 -2.07
N TRP C 23 37.72 -13.14 -2.35
CA TRP C 23 36.28 -13.31 -2.36
C TRP C 23 35.82 -13.89 -3.68
N GLU C 24 34.80 -14.75 -3.61
CA GLU C 24 34.11 -15.31 -4.77
C GLU C 24 32.63 -15.20 -4.45
N TYR C 25 31.81 -14.89 -5.46
CA TYR C 25 30.41 -14.66 -5.23
C TYR C 25 29.59 -15.58 -6.12
N LEU C 26 28.50 -16.11 -5.57
CA LEU C 26 27.60 -16.97 -6.31
C LEU C 26 26.55 -16.07 -6.94
N ILE C 27 26.55 -15.99 -8.26
CA ILE C 27 25.83 -14.98 -9.01
C ILE C 27 24.52 -15.57 -9.51
N ARG C 28 23.43 -14.86 -9.26
CA ARG C 28 22.16 -15.11 -9.95
C ARG C 28 22.10 -14.22 -11.19
N TRP C 29 22.17 -14.81 -12.38
CA TRP C 29 22.22 -14.04 -13.61
C TRP C 29 20.81 -13.64 -14.05
N LYS C 30 20.57 -12.34 -14.21
CA LYS C 30 19.26 -11.83 -14.61
C LYS C 30 18.75 -12.51 -15.86
N GLY C 31 17.51 -12.96 -15.80
CA GLY C 31 16.92 -13.71 -16.88
C GLY C 31 17.07 -15.20 -16.77
N TYR C 32 17.69 -15.70 -15.70
CA TYR C 32 17.92 -17.11 -15.49
C TYR C 32 17.57 -17.48 -14.06
N GLY C 33 17.50 -18.78 -13.81
CA GLY C 33 17.26 -19.34 -12.50
C GLY C 33 18.51 -19.96 -11.91
N SER C 34 18.32 -20.58 -10.74
CA SER C 34 19.43 -21.10 -9.94
C SER C 34 20.29 -22.12 -10.69
N THR C 35 19.73 -22.86 -11.66
CA THR C 35 20.56 -23.86 -12.35
C THR C 35 21.74 -23.21 -13.10
N GLU C 36 21.64 -21.93 -13.45
CA GLU C 36 22.71 -21.25 -14.17
C GLU C 36 23.62 -20.45 -13.24
N ASP C 37 23.36 -20.47 -11.93
CA ASP C 37 24.21 -19.79 -10.95
C ASP C 37 25.63 -20.33 -11.01
N THR C 38 26.60 -19.42 -10.89
CA THR C 38 28.02 -19.79 -10.94
C THR C 38 28.80 -18.99 -9.91
N TRP C 39 29.86 -19.59 -9.41
CA TRP C 39 30.75 -18.87 -8.52
C TRP C 39 31.70 -18.02 -9.36
N GLU C 40 31.73 -16.72 -9.08
CA GLU C 40 32.62 -15.88 -9.85
C GLU C 40 33.57 -15.16 -8.91
N PRO C 41 34.83 -15.01 -9.30
CA PRO C 41 35.77 -14.29 -8.43
C PRO C 41 35.39 -12.81 -8.34
N GLU C 42 35.78 -12.21 -7.22
CA GLU C 42 35.40 -10.84 -6.91
C GLU C 42 35.58 -9.87 -8.06
N HIS C 43 36.70 -9.95 -8.77
CA HIS C 43 37.00 -8.93 -9.77
C HIS C 43 36.20 -9.09 -11.06
N HIS C 44 35.36 -10.11 -11.19
CA HIS C 44 34.49 -10.17 -12.36
C HIS C 44 33.31 -9.21 -12.27
N LEU C 45 32.99 -8.68 -11.09
CA LEU C 45 31.80 -7.85 -10.91
C LEU C 45 32.13 -6.41 -11.27
N LEU C 46 31.47 -5.88 -12.29
CA LEU C 46 31.77 -4.55 -12.78
C LEU C 46 30.58 -3.62 -12.62
N HIS C 47 30.88 -2.36 -12.30
CA HIS C 47 29.94 -1.26 -12.34
C HIS C 47 30.17 -0.46 -13.61
N CYS C 48 29.13 -0.28 -14.41
CA CYS C 48 29.26 0.35 -15.72
C CYS C 48 28.48 1.67 -15.78
N GLU C 49 29.14 2.72 -16.25
CA GLU C 49 28.53 4.02 -16.47
C GLU C 49 28.77 4.45 -17.91
N GLU C 50 27.95 5.39 -18.36
CA GLU C 50 28.03 5.93 -19.72
C GLU C 50 29.40 6.56 -19.99
N PHE C 51 29.98 6.21 -21.15
CA PHE C 51 31.34 6.59 -21.53
C PHE C 51 31.42 8.00 -22.11
N ILE C 52 30.35 8.48 -22.71
CA ILE C 52 30.29 9.80 -23.33
C ILE C 52 29.19 10.57 -22.63
N ASP C 53 29.59 11.49 -21.74
CA ASP C 53 28.64 12.28 -20.95
C ASP C 53 29.11 13.71 -20.82
N PHE D 2 27.24 -5.58 -13.67
CA PHE D 2 27.39 -6.62 -14.67
C PHE D 2 28.63 -7.48 -14.36
N ALA D 3 28.72 -8.71 -14.87
CA ALA D 3 29.87 -9.55 -14.58
C ALA D 3 30.33 -10.49 -15.72
N PHE D 4 31.62 -10.79 -15.74
CA PHE D 4 32.17 -11.82 -16.62
C PHE D 4 31.77 -13.18 -16.12
N SER D 6 32.43 -16.82 -15.99
CA SER D 6 33.60 -17.71 -16.17
C SER D 6 33.65 -18.38 -14.80
N GLY E 4 54.75 9.94 -23.64
CA GLY E 4 54.60 8.68 -24.36
C GLY E 4 53.78 7.56 -23.71
N ASP E 5 53.40 7.75 -22.44
CA ASP E 5 52.65 6.71 -21.74
C ASP E 5 51.17 6.80 -22.10
N LEU E 6 50.47 5.69 -21.87
CA LEU E 6 49.04 5.59 -22.11
C LEU E 6 48.32 5.54 -20.77
N TYR E 7 47.27 6.34 -20.64
CA TYR E 7 46.48 6.44 -19.43
C TYR E 7 45.06 6.03 -19.74
N GLU E 8 44.38 5.41 -18.77
CA GLU E 8 43.03 4.95 -19.03
C GLU E 8 42.05 6.12 -19.10
N VAL E 9 41.15 6.07 -20.08
CA VAL E 9 40.12 7.09 -20.25
C VAL E 9 38.86 6.64 -19.53
N GLU E 10 38.40 7.46 -18.58
CA GLU E 10 37.18 7.14 -17.84
C GLU E 10 35.93 7.63 -18.54
N ARG E 11 35.99 8.82 -19.14
CA ARG E 11 34.81 9.44 -19.71
C ARG E 11 35.25 10.43 -20.79
N ILE E 12 34.46 10.51 -21.86
CA ILE E 12 34.57 11.64 -22.79
C ILE E 12 33.53 12.67 -22.36
N VAL E 13 33.99 13.79 -21.82
CA VAL E 13 33.08 14.80 -21.28
C VAL E 13 32.67 15.86 -22.31
N ASP E 14 33.37 15.98 -23.43
CA ASP E 14 32.99 16.98 -24.42
C ASP E 14 33.69 16.64 -25.71
N LYS E 15 33.09 17.02 -26.83
CA LYS E 15 33.63 16.91 -28.17
C LYS E 15 33.69 18.29 -28.81
N ARG E 16 34.52 18.42 -29.85
CA ARG E 16 34.60 19.64 -30.66
C ARG E 16 35.37 19.33 -31.94
N LYS E 17 35.06 20.08 -33.00
CA LYS E 17 35.78 19.94 -34.27
C LYS E 17 36.81 21.07 -34.37
N ASN E 18 38.05 20.72 -34.64
CA ASN E 18 39.09 21.75 -34.69
C ASN E 18 39.26 22.33 -36.09
N LYS E 19 40.21 23.28 -36.20
CA LYS E 19 40.42 24.00 -37.45
C LYS E 19 40.67 23.05 -38.61
N LYS E 20 41.44 21.99 -38.39
CA LYS E 20 41.63 21.07 -39.51
C LYS E 20 40.36 20.27 -39.83
N GLY E 21 39.25 20.52 -39.14
CA GLY E 21 38.01 19.80 -39.39
C GLY E 21 37.94 18.41 -38.77
N LYS E 22 38.91 18.05 -37.94
CA LYS E 22 39.02 16.77 -37.26
C LYS E 22 38.52 16.89 -35.81
N TRP E 23 38.11 15.76 -35.25
CA TRP E 23 37.51 15.76 -33.91
C TRP E 23 38.56 15.76 -32.79
N GLU E 24 38.22 16.42 -31.69
CA GLU E 24 39.01 16.45 -30.46
C GLU E 24 38.08 16.17 -29.27
N TYR E 25 38.60 15.48 -28.26
CA TYR E 25 37.78 15.07 -27.13
C TYR E 25 38.38 15.52 -25.80
N LEU E 26 37.51 16.01 -24.90
CA LEU E 26 37.90 16.40 -23.56
C LEU E 26 37.81 15.16 -22.68
N ILE E 27 38.94 14.69 -22.19
CA ILE E 27 39.08 13.37 -21.57
C ILE E 27 38.97 13.49 -20.05
N ARG E 28 38.13 12.65 -19.45
CA ARG E 28 38.18 12.42 -18.00
C ARG E 28 39.10 11.24 -17.74
N TRP E 29 40.25 11.49 -17.14
CA TRP E 29 41.22 10.43 -16.93
C TRP E 29 40.89 9.63 -15.68
N LYS E 30 40.80 8.30 -15.82
CA LYS E 30 40.50 7.43 -14.69
C LYS E 30 41.47 7.68 -13.54
N GLY E 31 40.91 7.85 -12.34
CA GLY E 31 41.69 8.16 -11.16
C GLY E 31 41.89 9.65 -10.86
N TYR E 32 41.32 10.55 -11.66
CA TYR E 32 41.50 11.98 -11.45
C TYR E 32 40.15 12.66 -11.57
N GLY E 33 40.10 13.93 -11.17
CA GLY E 33 38.91 14.73 -11.30
C GLY E 33 39.02 15.67 -12.49
N SER E 34 37.97 16.49 -12.65
CA SER E 34 37.87 17.40 -13.80
C SER E 34 39.07 18.30 -13.93
N THR E 35 39.80 18.55 -12.83
CA THR E 35 40.96 19.42 -12.87
C THR E 35 42.04 18.91 -13.81
N GLU E 36 42.06 17.62 -14.11
CA GLU E 36 43.08 17.06 -14.98
C GLU E 36 42.59 16.86 -16.40
N ASP E 37 41.33 17.19 -16.68
CA ASP E 37 40.77 16.97 -18.00
C ASP E 37 41.60 17.70 -19.05
N THR E 38 41.80 17.06 -20.18
CA THR E 38 42.56 17.68 -21.25
C THR E 38 41.90 17.36 -22.56
N TRP E 39 42.02 18.29 -23.51
CA TRP E 39 41.55 18.05 -24.85
C TRP E 39 42.60 17.21 -25.58
N GLU E 40 42.16 16.07 -26.13
CA GLU E 40 43.02 15.18 -26.88
C GLU E 40 42.46 14.97 -28.29
N PRO E 41 43.33 14.90 -29.30
CA PRO E 41 42.84 14.64 -30.66
C PRO E 41 42.35 13.21 -30.78
N GLU E 42 41.38 13.03 -31.69
CA GLU E 42 40.69 11.77 -31.90
C GLU E 42 41.63 10.56 -31.91
N HIS E 43 42.77 10.67 -32.59
CA HIS E 43 43.65 9.51 -32.76
C HIS E 43 44.47 9.18 -31.51
N HIS E 44 44.31 9.91 -30.41
CA HIS E 44 44.95 9.52 -29.16
C HIS E 44 44.22 8.40 -28.45
N LEU E 45 42.95 8.17 -28.78
CA LEU E 45 42.15 7.16 -28.09
C LEU E 45 42.51 5.81 -28.68
N LEU E 46 43.10 4.95 -27.85
CA LEU E 46 43.55 3.64 -28.28
C LEU E 46 42.73 2.56 -27.62
N HIS E 47 42.48 1.49 -28.37
CA HIS E 47 41.93 0.26 -27.84
C HIS E 47 43.03 -0.80 -27.71
N CYS E 48 43.19 -1.35 -26.51
CA CYS E 48 44.30 -2.25 -26.23
C CYS E 48 43.80 -3.65 -25.85
N GLU E 49 44.33 -4.65 -26.53
CA GLU E 49 44.03 -6.03 -26.24
C GLU E 49 45.34 -6.75 -26.04
N GLU E 50 45.21 -7.93 -25.43
CA GLU E 50 46.37 -8.77 -25.22
C GLU E 50 47.05 -9.11 -26.54
N PHE E 51 48.38 -8.99 -26.53
CA PHE E 51 49.22 -9.16 -27.72
C PHE E 51 49.56 -10.62 -28.02
N ILE E 52 49.57 -11.48 -27.01
CA ILE E 52 49.94 -12.90 -27.15
C ILE E 52 48.78 -13.73 -26.65
N ASP E 53 47.96 -14.24 -27.58
CA ASP E 53 46.80 -15.05 -27.23
C ASP E 53 46.52 -16.06 -28.33
N GLU E 54 46.33 -17.32 -27.94
CA GLU E 54 45.79 -18.37 -28.82
C GLU E 54 44.57 -17.91 -29.63
N PHE F 2 42.49 3.50 -23.80
CA PHE F 2 43.60 4.24 -23.20
C PHE F 2 43.94 5.46 -24.08
N ALA F 3 44.63 6.45 -23.55
CA ALA F 3 44.94 7.58 -24.41
C ALA F 3 46.22 8.28 -24.02
N PHE F 4 46.92 8.78 -25.04
CA PHE F 4 48.03 9.68 -24.84
C PHE F 4 47.52 11.02 -24.28
N SER F 6 48.10 14.65 -24.60
CA SER F 6 48.72 15.78 -25.31
C SER F 6 48.60 16.97 -24.30
N GLY G 4 48.37 1.10 -13.31
CA GLY G 4 47.26 0.97 -14.23
C GLY G 4 47.59 1.58 -15.59
N ASP G 5 48.72 2.28 -15.65
CA ASP G 5 49.14 2.90 -16.89
C ASP G 5 49.86 1.89 -17.78
N LEU G 6 49.95 2.23 -19.06
CA LEU G 6 50.61 1.41 -20.06
C LEU G 6 51.89 2.10 -20.51
N TYR G 7 53.00 1.34 -20.54
CA TYR G 7 54.29 1.85 -20.96
C TYR G 7 54.76 1.09 -22.20
N GLU G 8 55.42 1.80 -23.12
CA GLU G 8 55.85 1.21 -24.38
C GLU G 8 56.99 0.22 -24.14
N VAL G 9 56.92 -0.93 -24.79
CA VAL G 9 57.94 -1.95 -24.62
C VAL G 9 58.96 -1.79 -25.73
N GLU G 10 60.21 -1.58 -25.37
CA GLU G 10 61.26 -1.49 -26.37
C GLU G 10 61.79 -2.86 -26.78
N ARG G 11 61.92 -3.80 -25.85
CA ARG G 11 62.53 -5.07 -26.20
C ARG G 11 62.08 -6.13 -25.21
N ILE G 12 61.90 -7.34 -25.70
CA ILE G 12 61.78 -8.52 -24.85
C ILE G 12 63.20 -9.08 -24.74
N VAL G 13 63.82 -8.93 -23.55
CA VAL G 13 65.22 -9.33 -23.43
C VAL G 13 65.39 -10.75 -22.91
N ASP G 14 64.35 -11.35 -22.32
CA ASP G 14 64.43 -12.73 -21.86
C ASP G 14 63.02 -13.24 -21.61
N LYS G 15 62.82 -14.55 -21.79
CA LYS G 15 61.54 -15.18 -21.45
C LYS G 15 61.78 -16.37 -20.53
N ARG G 16 60.72 -16.78 -19.83
CA ARG G 16 60.82 -17.94 -18.96
C ARG G 16 59.43 -18.47 -18.63
N LYS G 17 59.36 -19.77 -18.38
CA LYS G 17 58.11 -20.41 -17.97
C LYS G 17 58.11 -20.58 -16.45
N ASN G 18 57.05 -20.16 -15.79
CA ASN G 18 57.04 -20.30 -14.35
C ASN G 18 56.49 -21.68 -13.98
N LYS G 19 56.49 -21.99 -12.68
CA LYS G 19 56.00 -23.30 -12.24
C LYS G 19 54.57 -23.52 -12.68
N LYS G 20 53.72 -22.48 -12.61
CA LYS G 20 52.34 -22.71 -13.03
C LYS G 20 52.20 -22.91 -14.56
N GLY G 21 53.30 -22.97 -15.30
CA GLY G 21 53.30 -23.22 -16.72
C GLY G 21 53.01 -22.04 -17.62
N LYS G 22 52.92 -20.83 -17.08
CA LYS G 22 52.65 -19.63 -17.86
C LYS G 22 53.92 -18.84 -18.13
N TRP G 23 53.93 -18.11 -19.25
CA TRP G 23 55.12 -17.37 -19.65
C TRP G 23 55.22 -16.00 -18.97
N GLU G 24 56.48 -15.60 -18.74
CA GLU G 24 56.84 -14.31 -18.19
C GLU G 24 57.97 -13.74 -19.03
N TYR G 25 57.98 -12.41 -19.18
CA TYR G 25 58.98 -11.81 -20.05
C TYR G 25 59.72 -10.70 -19.33
N LEU G 26 61.03 -10.64 -19.58
CA LEU G 26 61.88 -9.59 -19.05
C LEU G 26 61.80 -8.41 -20.01
N ILE G 27 61.18 -7.31 -19.57
CA ILE G 27 60.81 -6.20 -20.46
C ILE G 27 61.87 -5.11 -20.34
N ARG G 28 62.42 -4.70 -21.48
CA ARG G 28 63.16 -3.44 -21.62
C ARG G 28 62.15 -2.34 -21.97
N TRP G 29 61.94 -1.40 -21.04
CA TRP G 29 60.98 -0.33 -21.25
C TRP G 29 61.62 0.81 -22.05
N LYS G 30 60.99 1.21 -23.16
CA LYS G 30 61.50 2.33 -23.96
C LYS G 30 61.74 3.54 -23.08
N GLY G 31 62.90 4.18 -23.27
CA GLY G 31 63.28 5.31 -22.46
C GLY G 31 64.02 4.99 -21.19
N TYR G 32 64.31 3.72 -20.91
CA TYR G 32 65.00 3.31 -19.69
C TYR G 32 66.19 2.41 -19.99
N GLY G 33 67.04 2.22 -18.98
CA GLY G 33 68.22 1.40 -19.11
C GLY G 33 68.00 0.04 -18.48
N SER G 34 69.02 -0.81 -18.62
CA SER G 34 68.84 -2.21 -18.24
C SER G 34 68.43 -2.38 -16.76
N THR G 35 68.78 -1.46 -15.87
CA THR G 35 68.42 -1.62 -14.46
C THR G 35 66.91 -1.60 -14.21
N GLU G 36 66.11 -1.08 -15.13
CA GLU G 36 64.68 -0.99 -14.90
C GLU G 36 63.93 -2.15 -15.49
N ASP G 37 64.65 -3.10 -16.11
CA ASP G 37 64.01 -4.27 -16.67
C ASP G 37 63.25 -4.99 -15.56
N THR G 38 62.05 -5.45 -15.88
CA THR G 38 61.24 -6.18 -14.94
C THR G 38 60.57 -7.35 -15.63
N TRP G 39 60.39 -8.43 -14.88
CA TRP G 39 59.70 -9.62 -15.38
C TRP G 39 58.21 -9.37 -15.30
N GLU G 40 57.51 -9.49 -16.42
CA GLU G 40 56.09 -9.24 -16.54
C GLU G 40 55.37 -10.47 -17.06
N PRO G 41 54.16 -10.77 -16.56
CA PRO G 41 53.38 -11.87 -17.13
C PRO G 41 52.88 -11.58 -18.55
N GLU G 42 52.72 -12.67 -19.31
CA GLU G 42 52.36 -12.62 -20.72
C GLU G 42 51.18 -11.69 -20.98
N HIS G 43 50.14 -11.76 -20.16
CA HIS G 43 48.97 -10.96 -20.50
C HIS G 43 49.15 -9.48 -20.19
N HIS G 44 50.33 -9.06 -19.74
CA HIS G 44 50.57 -7.64 -19.60
C HIS G 44 50.94 -6.99 -20.93
N LEU G 45 51.43 -7.74 -21.92
CA LEU G 45 51.85 -7.12 -23.18
C LEU G 45 50.62 -6.90 -24.04
N LEU G 46 50.32 -5.64 -24.37
CA LEU G 46 49.12 -5.27 -25.09
C LEU G 46 49.46 -4.66 -26.46
N HIS G 47 48.62 -4.96 -27.46
CA HIS G 47 48.65 -4.29 -28.75
C HIS G 47 47.55 -3.22 -28.79
N CYS G 48 47.93 -1.98 -29.08
CA CYS G 48 47.01 -0.85 -29.06
C CYS G 48 46.83 -0.27 -30.45
N GLU G 49 45.57 -0.09 -30.85
CA GLU G 49 45.23 0.46 -32.15
C GLU G 49 44.30 1.64 -31.92
N GLU G 50 44.20 2.49 -32.94
CA GLU G 50 43.29 3.62 -32.84
C GLU G 50 41.85 3.14 -32.65
N PHE G 51 41.15 3.72 -31.69
CA PHE G 51 39.80 3.33 -31.31
C PHE G 51 38.75 3.92 -32.24
N ILE G 52 39.05 5.03 -32.91
CA ILE G 52 38.12 5.67 -33.83
C ILE G 52 38.77 5.77 -35.20
N ASP G 53 38.40 4.85 -36.09
CA ASP G 53 38.91 4.80 -37.47
C ASP G 53 37.76 4.43 -38.43
N PHE H 2 52.50 -2.07 -25.77
CA PHE H 2 52.60 -1.48 -24.45
C PHE H 2 52.31 -2.56 -23.39
N ALA H 3 52.82 -2.42 -22.16
CA ALA H 3 52.48 -3.41 -21.13
C ALA H 3 52.23 -2.74 -19.80
N PHE H 4 51.51 -3.42 -18.92
CA PHE H 4 51.39 -2.98 -17.53
C PHE H 4 52.67 -3.31 -16.78
N SER H 6 54.18 -4.68 -13.52
CA SER H 6 53.78 -5.47 -12.31
C SER H 6 54.52 -4.75 -11.15
N ALA I 2 48.80 6.02 -46.96
CA ALA I 2 47.75 5.03 -47.17
C ALA I 2 48.05 3.74 -46.39
N SER I 3 48.84 2.84 -47.01
CA SER I 3 49.14 1.54 -46.40
C SER I 3 49.71 1.72 -44.99
N GLY I 4 49.40 0.78 -44.12
CA GLY I 4 50.08 0.74 -42.84
C GLY I 4 51.50 0.20 -42.91
N ASP I 5 51.93 -0.30 -44.05
CA ASP I 5 53.17 -1.05 -44.13
C ASP I 5 54.36 -0.12 -44.22
N LEU I 6 55.54 -0.68 -43.88
CA LEU I 6 56.80 0.04 -43.86
C LEU I 6 57.68 -0.44 -45.01
N TYR I 7 58.26 0.50 -45.73
CA TYR I 7 59.10 0.19 -46.88
C TYR I 7 60.53 0.67 -46.64
N GLU I 8 61.50 -0.08 -47.13
CA GLU I 8 62.89 0.22 -46.81
C GLU I 8 63.35 1.48 -47.54
N VAL I 9 64.00 2.38 -46.82
CA VAL I 9 64.50 3.63 -47.37
C VAL I 9 65.95 3.45 -47.79
N GLU I 10 66.25 3.80 -49.04
CA GLU I 10 67.63 3.74 -49.48
C GLU I 10 68.37 5.04 -49.20
N ARG I 11 67.71 6.17 -49.42
CA ARG I 11 68.36 7.46 -49.34
C ARG I 11 67.33 8.55 -49.11
N ILE I 12 67.75 9.61 -48.45
CA ILE I 12 67.03 10.88 -48.43
C ILE I 12 67.63 11.78 -49.53
N VAL I 13 66.87 12.11 -50.59
CA VAL I 13 67.46 12.95 -51.63
C VAL I 13 67.21 14.44 -51.42
N ASP I 14 66.20 14.83 -50.62
CA ASP I 14 65.94 16.25 -50.43
C ASP I 14 65.06 16.46 -49.19
N LYS I 15 65.21 17.61 -48.57
CA LYS I 15 64.38 18.03 -47.45
C LYS I 15 63.72 19.37 -47.77
N ARG I 16 62.65 19.68 -47.03
CA ARG I 16 61.93 20.94 -47.19
C ARG I 16 61.05 21.15 -45.97
N LYS I 17 60.77 22.42 -45.67
CA LYS I 17 59.89 22.82 -44.57
C LYS I 17 58.50 23.14 -45.11
N ASN I 18 57.47 22.62 -44.46
CA ASN I 18 56.10 22.87 -44.89
C ASN I 18 55.58 24.14 -44.25
N LYS I 19 54.32 24.48 -44.56
CA LYS I 19 53.68 25.70 -44.07
C LYS I 19 53.69 25.77 -42.55
N LYS I 20 53.43 24.65 -41.88
CA LYS I 20 53.43 24.63 -40.42
C LYS I 20 54.85 24.70 -39.82
N GLY I 21 55.88 24.87 -40.65
CA GLY I 21 57.24 24.96 -40.17
C GLY I 21 57.90 23.64 -39.85
N LYS I 22 57.27 22.51 -40.18
CA LYS I 22 57.79 21.18 -39.92
C LYS I 22 58.45 20.60 -41.16
N TRP I 23 59.40 19.70 -40.94
CA TRP I 23 60.23 19.15 -42.02
C TRP I 23 59.57 17.98 -42.76
N GLU I 24 59.92 17.85 -44.05
CA GLU I 24 59.51 16.72 -44.89
C GLU I 24 60.69 16.28 -45.75
N TYR I 25 60.77 14.97 -46.03
CA TYR I 25 61.93 14.40 -46.72
C TYR I 25 61.51 13.70 -48.00
N LEU I 26 62.31 13.88 -49.04
CA LEU I 26 62.07 13.22 -50.32
C LEU I 26 62.77 11.87 -50.29
N ILE I 27 61.99 10.80 -50.33
CA ILE I 27 62.48 9.46 -50.04
C ILE I 27 62.80 8.78 -51.35
N ARG I 28 64.02 8.29 -51.49
CA ARG I 28 64.36 7.33 -52.54
C ARG I 28 64.17 5.94 -51.93
N TRP I 29 63.17 5.21 -52.43
CA TRP I 29 62.82 3.91 -51.86
C TRP I 29 63.70 2.81 -52.40
N LYS I 30 64.24 1.99 -51.49
CA LYS I 30 65.07 0.87 -51.91
C LYS I 30 64.33 0.01 -52.93
N GLY I 31 65.02 -0.35 -53.99
CA GLY I 31 64.47 -1.15 -55.06
C GLY I 31 63.80 -0.34 -56.16
N TYR I 32 63.74 0.97 -56.03
CA TYR I 32 63.11 1.83 -57.02
C TYR I 32 64.01 3.02 -57.34
N GLY I 33 63.65 3.71 -58.43
CA GLY I 33 64.34 4.90 -58.86
C GLY I 33 63.53 6.16 -58.61
N SER I 34 64.07 7.27 -59.11
CA SER I 34 63.50 8.58 -58.82
C SER I 34 62.03 8.70 -59.22
N THR I 35 61.54 7.87 -60.15
CA THR I 35 60.15 7.98 -60.60
C THR I 35 59.17 7.84 -59.46
N GLU I 36 59.53 7.06 -58.45
CA GLU I 36 58.68 6.73 -57.32
C GLU I 36 58.98 7.54 -56.07
N ASP I 37 59.94 8.47 -56.12
CA ASP I 37 60.26 9.27 -54.94
C ASP I 37 59.04 10.01 -54.45
N THR I 38 58.86 10.07 -53.13
CA THR I 38 57.71 10.74 -52.52
C THR I 38 58.18 11.58 -51.34
N TRP I 39 57.49 12.69 -51.12
CA TRP I 39 57.80 13.56 -50.00
C TRP I 39 57.13 13.01 -48.74
N GLU I 40 57.93 12.75 -47.71
CA GLU I 40 57.34 12.15 -46.53
C GLU I 40 57.58 13.03 -45.33
N PRO I 41 56.61 13.15 -44.44
CA PRO I 41 56.84 13.94 -43.23
C PRO I 41 57.85 13.27 -42.34
N GLU I 42 58.53 14.10 -41.55
CA GLU I 42 59.61 13.67 -40.69
C GLU I 42 59.23 12.41 -39.90
N HIS I 43 58.05 12.39 -39.31
CA HIS I 43 57.74 11.28 -38.42
C HIS I 43 57.44 9.97 -39.16
N HIS I 44 57.52 9.93 -40.48
CA HIS I 44 57.36 8.66 -41.16
C HIS I 44 58.62 7.82 -41.17
N LEU I 45 59.80 8.43 -40.93
CA LEU I 45 61.05 7.68 -40.98
C LEU I 45 61.26 6.91 -39.67
N LEU I 46 61.30 5.58 -39.75
CA LEU I 46 61.39 4.74 -38.56
C LEU I 46 62.70 3.97 -38.54
N HIS I 47 63.27 3.83 -37.35
CA HIS I 47 64.40 2.98 -37.10
C HIS I 47 63.92 1.69 -36.44
N CYS I 48 64.20 0.53 -37.06
CA CYS I 48 63.66 -0.76 -36.63
C CYS I 48 64.72 -1.73 -36.15
N GLU I 49 64.54 -2.26 -34.94
CA GLU I 49 65.46 -3.24 -34.38
C GLU I 49 64.68 -4.43 -33.89
N GLU I 50 65.39 -5.55 -33.72
CA GLU I 50 64.75 -6.75 -33.26
C GLU I 50 64.09 -6.53 -31.91
N PHE I 51 62.83 -6.97 -31.81
CA PHE I 51 61.98 -6.77 -30.65
C PHE I 51 62.29 -7.81 -29.58
N ILE I 52 62.81 -8.97 -29.97
CA ILE I 52 63.14 -10.06 -29.05
C ILE I 52 64.63 -10.33 -29.19
N ASP I 53 65.44 -9.74 -28.32
CA ASP I 53 66.88 -9.88 -28.42
C ASP I 53 67.50 -9.92 -27.03
N GLU I 54 68.33 -10.96 -26.80
CA GLU I 54 68.94 -11.16 -25.48
C GLU I 54 69.85 -10.00 -25.07
N PHE I 55 70.41 -9.27 -26.05
CA PHE I 55 71.17 -8.03 -25.78
C PHE I 55 71.62 -7.36 -27.08
N PHE J 2 63.25 2.42 -42.38
CA PHE J 2 62.04 2.13 -43.11
C PHE J 2 61.10 3.33 -42.99
N ALA J 3 60.12 3.50 -43.87
CA ALA J 3 59.20 4.61 -43.70
C ALA J 3 57.82 4.27 -44.24
N PHE J 4 56.80 4.96 -43.70
CA PHE J 4 55.44 4.97 -44.22
C PHE J 4 55.39 5.71 -45.56
N SER J 6 53.43 7.89 -48.78
CA SER J 6 52.42 8.94 -49.12
C SER J 6 51.76 9.50 -47.81
N GLY K 4 60.54 -7.92 -48.47
CA GLY K 4 61.44 -7.01 -47.81
C GLY K 4 60.76 -5.91 -47.01
N ASP K 5 59.44 -5.79 -47.16
CA ASP K 5 58.64 -4.81 -46.46
C ASP K 5 58.27 -5.33 -45.06
N LEU K 6 57.87 -4.40 -44.19
CA LEU K 6 57.47 -4.70 -42.83
C LEU K 6 55.95 -4.50 -42.67
N TYR K 7 55.28 -5.49 -42.08
CA TYR K 7 53.85 -5.42 -41.85
C TYR K 7 53.55 -5.49 -40.36
N GLU K 8 52.55 -4.75 -39.91
CA GLU K 8 52.26 -4.67 -38.49
C GLU K 8 51.71 -5.97 -37.94
N VAL K 9 52.22 -6.36 -36.79
CA VAL K 9 51.83 -7.58 -36.11
C VAL K 9 50.71 -7.22 -35.17
N GLU K 10 49.57 -7.89 -35.32
CA GLU K 10 48.42 -7.71 -34.44
C GLU K 10 48.50 -8.62 -33.23
N ARG K 11 48.91 -9.86 -33.42
CA ARG K 11 48.92 -10.81 -32.32
C ARG K 11 49.89 -11.94 -32.63
N ILE K 12 50.55 -12.42 -31.58
CA ILE K 12 51.26 -13.70 -31.62
C ILE K 12 50.27 -14.73 -31.13
N VAL K 13 49.87 -15.66 -32.00
CA VAL K 13 48.85 -16.63 -31.64
C VAL K 13 49.43 -17.93 -31.09
N ASP K 14 50.69 -18.25 -31.39
CA ASP K 14 51.29 -19.49 -30.93
C ASP K 14 52.81 -19.39 -31.06
N LYS K 15 53.50 -20.13 -30.20
CA LYS K 15 54.95 -20.26 -30.24
C LYS K 15 55.30 -21.73 -30.37
N ARG K 16 56.54 -21.97 -30.78
CA ARG K 16 57.09 -23.30 -30.86
C ARG K 16 58.59 -23.16 -31.04
N LYS K 17 59.31 -24.14 -30.51
CA LYS K 17 60.76 -24.23 -30.60
C LYS K 17 61.10 -25.18 -31.73
N ASN K 18 61.96 -24.76 -32.65
CA ASN K 18 62.25 -25.62 -33.78
C ASN K 18 63.39 -26.57 -33.43
N LYS K 19 63.69 -27.47 -34.37
CA LYS K 19 64.70 -28.51 -34.15
C LYS K 19 66.07 -27.91 -33.81
N LYS K 20 66.46 -26.81 -34.47
CA LYS K 20 67.70 -26.09 -34.20
C LYS K 20 67.71 -25.38 -32.84
N GLY K 21 66.65 -25.51 -32.05
CA GLY K 21 66.57 -24.86 -30.75
C GLY K 21 66.12 -23.41 -30.77
N LYS K 22 65.71 -22.88 -31.92
CA LYS K 22 65.29 -21.50 -32.05
C LYS K 22 63.76 -21.36 -32.06
N TRP K 23 63.28 -20.21 -31.59
CA TRP K 23 61.86 -19.96 -31.43
C TRP K 23 61.23 -19.40 -32.71
N GLU K 24 59.97 -19.77 -32.94
CA GLU K 24 59.15 -19.24 -34.04
C GLU K 24 57.77 -18.88 -33.52
N TYR K 25 57.17 -17.84 -34.10
CA TYR K 25 55.88 -17.33 -33.63
C TYR K 25 54.89 -17.31 -34.79
N LEU K 26 53.66 -17.71 -34.51
CA LEU K 26 52.58 -17.68 -35.51
C LEU K 26 51.92 -16.31 -35.45
N ILE K 27 52.04 -15.54 -36.52
CA ILE K 27 51.73 -14.12 -36.53
C ILE K 27 50.31 -13.88 -37.05
N ARG K 28 49.51 -13.16 -36.27
CA ARG K 28 48.28 -12.56 -36.79
C ARG K 28 48.60 -11.17 -37.32
N TRP K 29 48.54 -11.00 -38.63
CA TRP K 29 48.88 -9.72 -39.24
C TRP K 29 47.72 -8.73 -39.16
N LYS K 30 48.00 -7.53 -38.65
CA LYS K 30 46.97 -6.50 -38.57
C LYS K 30 46.33 -6.30 -39.94
N GLY K 31 44.99 -6.31 -39.97
CA GLY K 31 44.24 -6.17 -41.19
C GLY K 31 43.90 -7.46 -41.91
N TYR K 32 44.26 -8.60 -41.36
CA TYR K 32 44.02 -9.90 -41.96
C TYR K 32 43.47 -10.85 -40.92
N GLY K 33 43.01 -12.00 -41.39
CA GLY K 33 42.50 -13.05 -40.54
C GLY K 33 43.40 -14.27 -40.53
N SER K 34 42.94 -15.28 -39.77
CA SER K 34 43.69 -16.50 -39.49
C SER K 34 44.14 -17.23 -40.75
N THR K 35 43.45 -17.03 -41.86
CA THR K 35 43.87 -17.70 -43.09
C THR K 35 45.24 -17.23 -43.53
N GLU K 36 45.64 -16.02 -43.15
CA GLU K 36 46.92 -15.46 -43.58
C GLU K 36 48.01 -15.61 -42.54
N ASP K 37 47.73 -16.22 -41.40
CA ASP K 37 48.74 -16.38 -40.36
C ASP K 37 49.93 -17.19 -40.86
N THR K 38 51.12 -16.76 -40.46
CA THR K 38 52.34 -17.40 -40.88
C THR K 38 53.27 -17.54 -39.68
N TRP K 39 54.07 -18.61 -39.70
CA TRP K 39 55.10 -18.83 -38.70
C TRP K 39 56.35 -18.04 -39.06
N GLU K 40 56.80 -17.21 -38.14
CA GLU K 40 57.96 -16.41 -38.45
C GLU K 40 59.07 -16.67 -37.44
N PRO K 41 60.32 -16.62 -37.87
CA PRO K 41 61.43 -16.74 -36.92
C PRO K 41 61.52 -15.52 -36.02
N GLU K 42 62.05 -15.75 -34.82
CA GLU K 42 62.11 -14.73 -33.77
C GLU K 42 62.69 -13.42 -34.27
N HIS K 43 63.74 -13.48 -35.06
CA HIS K 43 64.40 -12.24 -35.47
C HIS K 43 63.63 -11.48 -36.56
N HIS K 44 62.45 -11.96 -36.98
CA HIS K 44 61.63 -11.19 -37.90
C HIS K 44 60.84 -10.10 -37.20
N LEU K 45 60.62 -10.21 -35.89
CA LEU K 45 59.85 -9.21 -35.16
C LEU K 45 60.74 -8.02 -34.81
N LEU K 46 60.36 -6.85 -35.30
CA LEU K 46 61.10 -5.62 -35.12
C LEU K 46 60.26 -4.64 -34.31
N HIS K 47 60.96 -3.86 -33.50
CA HIS K 47 60.41 -2.68 -32.85
C HIS K 47 60.89 -1.46 -33.62
N CYS K 48 59.96 -0.65 -34.09
CA CYS K 48 60.30 0.51 -34.90
C CYS K 48 59.88 1.78 -34.18
N GLU K 49 60.79 2.70 -34.06
CA GLU K 49 60.58 3.99 -33.43
C GLU K 49 60.99 5.05 -34.43
N GLU K 50 60.47 6.25 -34.24
CA GLU K 50 60.82 7.35 -35.10
C GLU K 50 62.31 7.64 -35.04
N PHE K 51 62.92 7.82 -36.21
CA PHE K 51 64.35 8.01 -36.35
C PHE K 51 64.77 9.46 -36.15
N ILE K 52 63.87 10.41 -36.41
CA ILE K 52 64.12 11.85 -36.23
C ILE K 52 63.07 12.37 -35.26
N ASP K 53 63.47 12.62 -34.02
CA ASP K 53 62.52 13.01 -32.98
C ASP K 53 63.11 14.10 -32.11
N GLU K 54 62.42 15.25 -32.07
CA GLU K 54 62.81 16.40 -31.24
C GLU K 54 62.57 16.12 -29.75
N PHE L 2 56.38 -4.55 -35.75
CA PHE L 2 56.22 -4.93 -37.15
C PHE L 2 57.09 -6.15 -37.48
N ALA L 3 56.73 -6.91 -38.52
CA ALA L 3 57.54 -8.09 -38.87
C ALA L 3 57.73 -8.32 -40.38
N PHE L 4 58.88 -8.88 -40.76
CA PHE L 4 59.08 -9.40 -42.12
C PHE L 4 58.26 -10.66 -42.26
N SER L 6 58.11 -14.21 -43.79
CA SER L 6 58.93 -15.28 -44.39
C SER L 6 57.92 -15.94 -45.33
N GLY M 4 -77.90 -0.70 65.40
CA GLY M 4 -78.33 -0.99 64.03
C GLY M 4 -79.53 -1.93 63.89
N ASP M 5 -79.95 -2.56 64.97
CA ASP M 5 -81.11 -3.45 64.96
C ASP M 5 -82.40 -2.68 65.22
N LEU M 6 -83.52 -3.32 64.88
CA LEU M 6 -84.84 -2.74 65.05
C LEU M 6 -85.59 -3.48 66.16
N TYR M 7 -86.18 -2.74 67.08
CA TYR M 7 -86.91 -3.27 68.23
C TYR M 7 -88.36 -2.79 68.17
N GLU M 8 -89.26 -3.65 68.63
CA GLU M 8 -90.69 -3.34 68.53
C GLU M 8 -91.07 -2.25 69.52
N VAL M 9 -91.85 -1.30 69.04
CA VAL M 9 -92.32 -0.18 69.83
C VAL M 9 -93.68 -0.55 70.40
N GLU M 10 -93.83 -0.45 71.73
CA GLU M 10 -95.12 -0.73 72.34
C GLU M 10 -96.02 0.51 72.40
N ARG M 11 -95.45 1.67 72.73
CA ARG M 11 -96.24 2.87 72.90
C ARG M 11 -95.33 4.09 72.79
N ILE M 12 -95.89 5.20 72.30
CA ILE M 12 -95.26 6.51 72.43
C ILE M 12 -95.81 7.14 73.70
N VAL M 13 -94.96 7.30 74.72
CA VAL M 13 -95.45 7.77 76.01
C VAL M 13 -95.34 9.28 76.18
N ASP M 14 -94.46 9.94 75.42
CA ASP M 14 -94.21 11.37 75.52
C ASP M 14 -93.57 11.87 74.24
N LYS M 15 -93.80 13.16 73.93
CA LYS M 15 -93.17 13.86 72.81
C LYS M 15 -92.43 15.09 73.30
N ARG M 16 -91.45 15.55 72.51
CA ARG M 16 -90.75 16.79 72.84
C ARG M 16 -89.97 17.26 71.61
N LYS M 17 -89.79 18.58 71.52
CA LYS M 17 -89.03 19.21 70.44
C LYS M 17 -87.63 19.57 70.92
N ASN M 18 -86.63 19.26 70.09
CA ASN M 18 -85.24 19.53 70.44
C ASN M 18 -84.88 20.97 70.09
N LYS M 19 -83.64 21.36 70.42
CA LYS M 19 -83.21 22.73 70.20
C LYS M 19 -83.33 23.14 68.74
N LYS M 20 -82.94 22.24 67.84
CA LYS M 20 -83.05 22.50 66.40
C LYS M 20 -84.50 22.42 65.90
N GLY M 21 -85.47 22.23 66.80
CA GLY M 21 -86.86 22.24 66.39
C GLY M 21 -87.39 20.96 65.79
N LYS M 22 -86.61 19.88 65.84
CA LYS M 22 -87.04 18.57 65.35
C LYS M 22 -87.52 17.74 66.53
N TRP M 23 -88.43 16.80 66.26
CA TRP M 23 -89.09 16.06 67.32
C TRP M 23 -88.27 14.88 67.84
N GLU M 24 -88.46 14.58 69.13
CA GLU M 24 -87.89 13.41 69.78
C GLU M 24 -89.00 12.74 70.58
N TYR M 25 -88.99 11.41 70.62
CA TYR M 25 -90.08 10.67 71.23
C TYR M 25 -89.58 9.71 72.29
N LEU M 26 -90.33 9.62 73.39
CA LEU M 26 -90.03 8.70 74.48
C LEU M 26 -90.75 7.37 74.18
N ILE M 27 -89.95 6.34 73.91
CA ILE M 27 -90.42 5.07 73.35
C ILE M 27 -90.56 4.05 74.48
N ARG M 28 -91.75 3.46 74.62
CA ARG M 28 -91.96 2.28 75.46
C ARG M 28 -91.68 1.03 74.63
N TRP M 29 -90.60 0.33 74.94
CA TRP M 29 -90.20 -0.80 74.12
C TRP M 29 -90.98 -2.04 74.51
N LYS M 30 -91.58 -2.69 73.51
CA LYS M 30 -92.32 -3.92 73.77
C LYS M 30 -91.45 -4.93 74.50
N GLY M 31 -92.00 -5.53 75.54
CA GLY M 31 -91.27 -6.50 76.32
C GLY M 31 -90.52 -5.94 77.50
N TYR M 32 -90.60 -4.64 77.76
CA TYR M 32 -89.90 -4.00 78.87
C TYR M 32 -90.87 -3.08 79.60
N GLY M 33 -90.45 -2.59 80.76
CA GLY M 33 -91.23 -1.65 81.52
C GLY M 33 -90.65 -0.24 81.42
N SER M 34 -91.35 0.69 82.08
CA SER M 34 -91.03 2.12 81.97
C SER M 34 -89.60 2.45 82.37
N THR M 35 -88.96 1.61 83.19
CA THR M 35 -87.57 1.86 83.57
C THR M 35 -86.62 1.84 82.38
N GLU M 36 -86.98 1.19 81.28
CA GLU M 36 -86.10 1.07 80.11
C GLU M 36 -86.41 2.06 78.98
N ASP M 37 -87.39 2.95 79.16
CA ASP M 37 -87.74 3.92 78.12
C ASP M 37 -86.57 4.80 77.71
N THR M 38 -86.49 5.12 76.42
CA THR M 38 -85.43 5.96 75.89
C THR M 38 -86.00 6.96 74.89
N TRP M 39 -85.38 8.14 74.85
CA TRP M 39 -85.73 9.17 73.88
C TRP M 39 -85.06 8.87 72.56
N GLU M 40 -85.85 8.82 71.49
CA GLU M 40 -85.35 8.56 70.16
C GLU M 40 -85.80 9.64 69.19
N PRO M 41 -84.97 9.99 68.23
CA PRO M 41 -85.36 10.98 67.23
C PRO M 41 -86.48 10.47 66.33
N GLU M 42 -87.23 11.41 65.76
CA GLU M 42 -88.38 11.08 64.92
C GLU M 42 -88.05 10.02 63.86
N HIS M 43 -86.93 10.18 63.16
CA HIS M 43 -86.63 9.32 62.01
C HIS M 43 -86.19 7.90 62.39
N HIS M 44 -86.14 7.56 63.67
CA HIS M 44 -85.88 6.19 64.09
C HIS M 44 -87.12 5.28 64.02
N LEU M 45 -88.33 5.84 63.96
CA LEU M 45 -89.52 5.01 64.01
C LEU M 45 -89.86 4.50 62.62
N LEU M 46 -89.86 3.18 62.44
CA LEU M 46 -90.06 2.56 61.14
C LEU M 46 -91.33 1.71 61.09
N HIS M 47 -91.98 1.75 59.94
CA HIS M 47 -93.08 0.89 59.55
C HIS M 47 -92.55 -0.19 58.59
N CYS M 48 -92.78 -1.45 58.92
CA CYS M 48 -92.20 -2.56 58.17
C CYS M 48 -93.29 -3.41 57.54
N GLU M 49 -93.14 -3.72 56.26
CA GLU M 49 -94.04 -4.56 55.50
C GLU M 49 -93.27 -5.71 54.88
N GLU M 50 -93.99 -6.76 54.49
CA GLU M 50 -93.34 -7.91 53.85
C GLU M 50 -92.73 -7.49 52.51
N PHE M 51 -91.48 -7.90 52.29
CA PHE M 51 -90.74 -7.50 51.10
C PHE M 51 -90.99 -8.38 49.89
N ILE M 52 -91.42 -9.62 50.08
CA ILE M 52 -91.67 -10.54 48.98
C ILE M 52 -93.13 -10.95 49.09
N ASP M 53 -94.01 -10.20 48.41
CA ASP M 53 -95.46 -10.45 48.44
C ASP M 53 -96.11 -10.14 47.08
N PHE N 2 -91.50 -0.42 64.46
CA PHE N 2 -90.22 -0.80 65.04
C PHE N 2 -89.28 0.40 65.09
N ALA N 3 -88.22 0.37 65.91
CA ALA N 3 -87.28 1.50 65.97
C ALA N 3 -85.84 1.12 66.32
N PHE N 4 -84.90 1.89 65.79
CA PHE N 4 -83.49 1.81 66.16
C PHE N 4 -83.27 2.25 67.60
N SER N 6 -80.81 3.51 69.36
CA SER N 6 -79.48 4.11 69.23
C SER N 6 -79.50 5.52 69.92
N GLY O 4 -88.38 -11.68 67.97
CA GLY O 4 -89.22 -10.54 67.64
C GLY O 4 -88.49 -9.29 67.15
N ASP O 5 -87.17 -9.28 67.28
CA ASP O 5 -86.40 -8.16 66.80
C ASP O 5 -86.11 -8.30 65.31
N LEU O 6 -85.80 -7.18 64.67
CA LEU O 6 -85.46 -7.15 63.26
C LEU O 6 -83.97 -6.85 63.12
N TYR O 7 -83.29 -7.65 62.29
CA TYR O 7 -81.88 -7.51 62.00
C TYR O 7 -81.68 -7.23 60.52
N GLU O 8 -80.65 -6.45 60.22
CA GLU O 8 -80.46 -6.04 58.84
C GLU O 8 -79.98 -7.23 58.01
N VAL O 9 -80.56 -7.38 56.82
CA VAL O 9 -80.18 -8.43 55.88
C VAL O 9 -79.15 -7.83 54.94
N GLU O 10 -77.97 -8.46 54.86
CA GLU O 10 -76.96 -8.00 53.93
C GLU O 10 -77.10 -8.65 52.57
N ARG O 11 -77.43 -9.94 52.52
CA ARG O 11 -77.49 -10.67 51.27
C ARG O 11 -78.38 -11.89 51.43
N ILE O 12 -79.11 -12.23 50.37
CA ILE O 12 -79.76 -13.53 50.28
C ILE O 12 -78.76 -14.44 49.60
N VAL O 13 -78.23 -15.41 50.35
CA VAL O 13 -77.16 -16.26 49.86
C VAL O 13 -77.73 -17.48 49.14
N ASP O 14 -78.97 -17.86 49.44
CA ASP O 14 -79.58 -19.02 48.80
C ASP O 14 -81.09 -18.97 49.02
N LYS O 15 -81.83 -19.50 48.05
CA LYS O 15 -83.27 -19.66 48.14
C LYS O 15 -83.59 -21.12 47.93
N ARG O 16 -84.78 -21.54 48.39
CA ARG O 16 -85.24 -22.90 48.18
C ARG O 16 -86.72 -23.03 48.53
N LYS O 17 -87.38 -24.00 47.89
CA LYS O 17 -88.78 -24.31 48.21
C LYS O 17 -88.80 -25.52 49.14
N ASN O 18 -89.53 -25.43 50.25
CA ASN O 18 -89.54 -26.53 51.20
C ASN O 18 -90.64 -27.53 50.82
N LYS O 19 -90.73 -28.62 51.60
CA LYS O 19 -91.70 -29.67 51.32
C LYS O 19 -93.13 -29.13 51.25
N LYS O 20 -93.49 -28.22 52.15
CA LYS O 20 -94.83 -27.65 52.12
C LYS O 20 -95.03 -26.68 50.97
N GLY O 21 -94.04 -26.53 50.09
CA GLY O 21 -94.17 -25.68 48.92
C GLY O 21 -94.02 -24.20 49.17
N LYS O 22 -93.62 -23.80 50.37
CA LYS O 22 -93.39 -22.39 50.65
C LYS O 22 -91.90 -22.10 50.58
N TRP O 23 -91.56 -20.86 50.23
CA TRP O 23 -90.19 -20.43 49.99
C TRP O 23 -89.50 -19.98 51.28
N GLU O 24 -88.20 -20.27 51.35
CA GLU O 24 -87.33 -19.90 52.45
C GLU O 24 -86.03 -19.35 51.87
N TYR O 25 -85.41 -18.41 52.58
CA TYR O 25 -84.19 -17.78 52.12
C TYR O 25 -83.08 -17.92 53.15
N LEU O 26 -81.86 -18.17 52.66
CA LEU O 26 -80.66 -18.25 53.51
C LEU O 26 -80.09 -16.84 53.64
N ILE O 27 -80.11 -16.30 54.86
CA ILE O 27 -79.83 -14.89 55.10
C ILE O 27 -78.39 -14.71 55.55
N ARG O 28 -77.67 -13.80 54.89
CA ARG O 28 -76.42 -13.26 55.39
C ARG O 28 -76.77 -12.01 56.20
N TRP O 29 -76.57 -12.06 57.50
CA TRP O 29 -76.94 -10.95 58.37
C TRP O 29 -75.85 -9.90 58.38
N LYS O 30 -76.19 -8.64 58.09
CA LYS O 30 -75.20 -7.57 58.07
C LYS O 30 -74.47 -7.48 59.41
N GLY O 31 -73.15 -7.39 59.35
CA GLY O 31 -72.35 -7.33 60.54
C GLY O 31 -71.89 -8.66 61.09
N TYR O 32 -72.24 -9.76 60.44
CA TYR O 32 -71.89 -11.10 60.87
C TYR O 32 -71.32 -11.86 59.69
N GLY O 33 -70.69 -13.00 59.97
CA GLY O 33 -70.13 -13.83 58.93
C GLY O 33 -71.02 -15.04 58.62
N SER O 34 -70.55 -15.83 57.66
CA SER O 34 -71.33 -16.96 57.15
C SER O 34 -71.67 -17.96 58.25
N THR O 35 -70.84 -18.03 59.29
CA THR O 35 -71.11 -18.95 60.39
C THR O 35 -72.46 -18.67 61.04
N GLU O 36 -72.98 -17.45 60.89
CA GLU O 36 -74.25 -17.06 61.49
C GLU O 36 -75.43 -17.12 60.52
N ASP O 37 -75.21 -17.54 59.27
CA ASP O 37 -76.30 -17.61 58.29
C ASP O 37 -77.41 -18.52 58.78
N THR O 38 -78.65 -18.12 58.52
CA THR O 38 -79.83 -18.87 58.94
C THR O 38 -80.85 -18.91 57.82
N TRP O 39 -81.61 -20.00 57.75
CA TRP O 39 -82.70 -20.10 56.79
C TRP O 39 -83.95 -19.44 57.36
N GLU O 40 -84.51 -18.49 56.61
CA GLU O 40 -85.69 -17.80 57.10
C GLU O 40 -86.84 -17.93 56.12
N PRO O 41 -88.06 -18.09 56.61
CA PRO O 41 -89.20 -18.13 55.71
C PRO O 41 -89.43 -16.79 55.04
N GLU O 42 -90.06 -16.85 53.88
CA GLU O 42 -90.31 -15.68 53.03
C GLU O 42 -90.91 -14.51 53.80
N HIS O 43 -91.82 -14.76 54.71
CA HIS O 43 -92.48 -13.63 55.38
C HIS O 43 -91.61 -13.01 56.47
N HIS O 44 -90.39 -13.49 56.66
CA HIS O 44 -89.50 -12.82 57.60
C HIS O 44 -88.83 -11.58 57.01
N LEU O 45 -88.76 -11.47 55.68
CA LEU O 45 -88.07 -10.36 55.05
C LEU O 45 -88.99 -9.14 54.95
N LEU O 46 -88.65 -8.05 55.65
CA LEU O 46 -89.45 -6.84 55.73
C LEU O 46 -88.75 -5.63 55.12
N HIS O 47 -89.52 -4.78 54.45
CA HIS O 47 -89.07 -3.48 53.97
C HIS O 47 -89.59 -2.41 54.93
N CYS O 48 -88.68 -1.61 55.49
CA CYS O 48 -89.03 -0.63 56.53
C CYS O 48 -88.77 0.78 56.04
N GLU O 49 -89.76 1.66 56.19
CA GLU O 49 -89.63 3.07 55.86
C GLU O 49 -90.06 3.90 57.07
N GLU O 50 -89.66 5.17 57.07
CA GLU O 50 -89.98 6.08 58.17
C GLU O 50 -91.48 6.27 58.36
N PHE O 51 -91.93 6.21 59.62
CA PHE O 51 -93.35 6.19 59.93
C PHE O 51 -93.99 7.57 59.92
N ILE O 52 -93.20 8.63 60.16
CA ILE O 52 -93.72 10.00 60.17
C ILE O 52 -92.90 10.82 59.17
N ASP O 53 -93.47 11.05 57.98
CA ASP O 53 -92.81 11.85 56.93
C ASP O 53 -93.86 12.68 56.16
N PHE P 2 -84.95 -5.78 56.44
CA PHE P 2 -84.71 -6.38 57.73
C PHE P 2 -85.45 -7.72 57.80
N ALA P 3 -85.04 -8.62 58.69
CA ALA P 3 -85.75 -9.89 58.81
C ALA P 3 -85.81 -10.32 60.26
N PHE P 4 -86.86 -11.07 60.57
CA PHE P 4 -86.96 -11.77 61.84
C PHE P 4 -86.05 -12.96 61.79
N SER P 6 -85.60 -16.78 62.68
CA SER P 6 -86.37 -17.98 63.06
C SER P 6 -85.35 -18.79 63.87
N GLY Q 4 -23.52 -10.46 21.62
CA GLY Q 4 -23.58 -9.62 20.45
C GLY Q 4 -24.94 -9.46 19.76
N ASP Q 5 -25.94 -10.29 20.14
CA ASP Q 5 -27.30 -10.24 19.63
C ASP Q 5 -28.12 -9.26 20.45
N LEU Q 6 -29.24 -8.79 19.89
CA LEU Q 6 -30.12 -7.86 20.58
C LEU Q 6 -31.46 -8.52 20.93
N TYR Q 7 -31.89 -8.38 22.19
CA TYR Q 7 -33.13 -8.94 22.69
C TYR Q 7 -34.06 -7.83 23.15
N GLU Q 8 -35.36 -8.01 22.94
CA GLU Q 8 -36.27 -6.91 23.27
C GLU Q 8 -36.42 -6.73 24.79
N VAL Q 9 -36.38 -5.48 25.24
CA VAL Q 9 -36.49 -5.12 26.64
C VAL Q 9 -37.93 -4.81 26.96
N GLU Q 10 -38.46 -5.44 27.99
CA GLU Q 10 -39.81 -5.07 28.37
C GLU Q 10 -39.85 -3.92 29.33
N ARG Q 11 -38.94 -3.90 30.31
CA ARG Q 11 -39.04 -2.93 31.38
C ARG Q 11 -37.66 -2.80 32.00
N ILE Q 12 -37.37 -1.61 32.52
CA ILE Q 12 -36.24 -1.41 33.41
C ILE Q 12 -36.78 -1.51 34.84
N VAL Q 13 -36.40 -2.57 35.56
CA VAL Q 13 -37.01 -2.78 36.87
C VAL Q 13 -36.22 -2.10 38.00
N ASP Q 14 -34.93 -1.83 37.81
CA ASP Q 14 -34.12 -1.15 38.81
C ASP Q 14 -32.84 -0.64 38.15
N LYS Q 15 -32.30 0.45 38.69
CA LYS Q 15 -31.02 0.98 38.27
C LYS Q 15 -30.09 1.08 39.48
N ARG Q 16 -28.79 1.15 39.20
CA ARG Q 16 -27.78 1.28 40.24
C ARG Q 16 -26.47 1.74 39.61
N LYS Q 17 -25.69 2.45 40.40
CA LYS Q 17 -24.38 2.91 39.96
C LYS Q 17 -23.35 1.92 40.49
N ASN Q 18 -22.46 1.46 39.61
CA ASN Q 18 -21.50 0.47 40.02
C ASN Q 18 -20.28 1.17 40.62
N LYS Q 19 -19.33 0.36 41.08
CA LYS Q 19 -18.14 0.90 41.72
C LYS Q 19 -17.32 1.74 40.76
N LYS Q 20 -17.28 1.37 39.47
CA LYS Q 20 -16.51 2.19 38.49
C LYS Q 20 -17.21 3.53 38.13
N GLY Q 21 -18.30 3.84 38.83
CA GLY Q 21 -19.03 5.10 38.68
C GLY Q 21 -20.01 5.18 37.53
N LYS Q 22 -20.25 4.07 36.82
CA LYS Q 22 -21.20 3.99 35.71
C LYS Q 22 -22.49 3.33 36.16
N TRP Q 23 -23.58 3.66 35.47
CA TRP Q 23 -24.92 3.17 35.78
C TRP Q 23 -25.19 1.86 35.06
N GLU Q 24 -25.96 0.99 35.72
CA GLU Q 24 -26.41 -0.28 35.16
C GLU Q 24 -27.88 -0.46 35.48
N TYR Q 25 -28.58 -1.15 34.60
CA TYR Q 25 -30.03 -1.28 34.70
C TYR Q 25 -30.41 -2.74 34.74
N LEU Q 26 -31.36 -3.06 35.61
CA LEU Q 26 -31.84 -4.42 35.77
C LEU Q 26 -32.95 -4.61 34.74
N ILE Q 27 -32.72 -5.48 33.77
CA ILE Q 27 -33.57 -5.59 32.60
C ILE Q 27 -34.55 -6.73 32.82
N ARG Q 28 -35.84 -6.43 32.66
CA ARG Q 28 -36.87 -7.46 32.48
C ARG Q 28 -37.00 -7.72 30.99
N TRP Q 29 -36.57 -8.90 30.56
CA TRP Q 29 -36.53 -9.20 29.13
C TRP Q 29 -37.91 -9.61 28.63
N LYS Q 30 -38.34 -8.99 27.53
CA LYS Q 30 -39.64 -9.33 26.96
C LYS Q 30 -39.69 -10.82 26.71
N GLY Q 31 -40.75 -11.46 27.18
CA GLY Q 31 -40.93 -12.89 27.05
C GLY Q 31 -40.38 -13.72 28.19
N TYR Q 32 -39.81 -13.12 29.23
CA TYR Q 32 -39.27 -13.88 30.35
C TYR Q 32 -39.71 -13.23 31.66
N GLY Q 33 -39.53 -13.95 32.76
CA GLY Q 33 -39.91 -13.47 34.07
C GLY Q 33 -38.73 -13.10 34.95
N SER Q 34 -39.07 -12.69 36.18
CA SER Q 34 -38.07 -12.14 37.09
C SER Q 34 -36.88 -13.07 37.32
N THR Q 35 -37.04 -14.39 37.17
CA THR Q 35 -35.87 -15.24 37.32
C THR Q 35 -34.81 -14.91 36.29
N GLU Q 36 -35.20 -14.30 35.16
CA GLU Q 36 -34.28 -14.00 34.08
C GLU Q 36 -33.73 -12.58 34.12
N ASP Q 37 -34.11 -11.76 35.10
CA ASP Q 37 -33.60 -10.39 35.17
C ASP Q 37 -32.08 -10.37 35.28
N THR Q 38 -31.45 -9.44 34.55
CA THR Q 38 -30.00 -9.27 34.56
C THR Q 38 -29.65 -7.79 34.59
N TRP Q 39 -28.52 -7.48 35.22
CA TRP Q 39 -28.00 -6.12 35.26
C TRP Q 39 -27.19 -5.84 34.00
N GLU Q 40 -27.60 -4.82 33.24
CA GLU Q 40 -26.89 -4.54 32.03
C GLU Q 40 -26.35 -3.12 32.12
N PRO Q 41 -25.14 -2.88 31.64
CA PRO Q 41 -24.61 -1.53 31.67
C PRO Q 41 -25.38 -0.62 30.75
N GLU Q 42 -25.37 0.67 31.10
CA GLU Q 42 -26.16 1.69 30.41
C GLU Q 42 -26.06 1.60 28.90
N HIS Q 43 -24.86 1.41 28.38
CA HIS Q 43 -24.66 1.46 26.93
C HIS Q 43 -25.14 0.20 26.23
N HIS Q 44 -25.72 -0.75 26.97
CA HIS Q 44 -26.35 -1.90 26.35
C HIS Q 44 -27.77 -1.62 25.87
N LEU Q 45 -28.42 -0.54 26.31
CA LEU Q 45 -29.79 -0.29 25.86
C LEU Q 45 -29.78 0.44 24.52
N LEU Q 46 -30.29 -0.19 23.48
CA LEU Q 46 -30.28 0.42 22.16
C LEU Q 46 -31.71 0.69 21.71
N HIS Q 47 -31.87 1.82 21.04
CA HIS Q 47 -33.11 2.19 20.38
C HIS Q 47 -32.92 1.94 18.89
N CYS Q 48 -33.81 1.16 18.28
CA CYS Q 48 -33.67 0.73 16.90
C CYS Q 48 -34.84 1.23 16.05
N GLU Q 49 -34.54 1.79 14.89
CA GLU Q 49 -35.54 2.20 13.91
C GLU Q 49 -35.17 1.65 12.53
N GLU Q 50 -36.15 1.57 11.66
CA GLU Q 50 -35.89 1.09 10.32
C GLU Q 50 -34.88 1.98 9.61
N PHE Q 51 -33.91 1.36 8.96
CA PHE Q 51 -32.82 2.06 8.33
C PHE Q 51 -33.12 2.51 6.91
N ILE Q 52 -34.06 1.86 6.21
CA ILE Q 52 -34.36 2.19 4.83
C ILE Q 52 -35.85 2.51 4.74
N ASP Q 53 -36.18 3.80 4.75
CA ASP Q 53 -37.58 4.25 4.71
C ASP Q 53 -38.13 4.13 3.29
N GLU Q 54 -39.40 3.73 3.20
CA GLU Q 54 -40.10 3.49 1.92
C GLU Q 54 -40.12 4.69 0.95
N PHE R 2 -34.10 -2.35 22.64
CA PHE R 2 -33.43 -3.64 22.69
C PHE R 2 -32.13 -3.55 23.50
N ALA R 3 -31.58 -4.65 23.97
CA ALA R 3 -30.35 -4.60 24.74
C ALA R 3 -29.47 -5.83 24.55
N PHE R 4 -28.16 -5.62 24.41
CA PHE R 4 -27.18 -6.72 24.47
C PHE R 4 -27.27 -7.37 25.85
N SER R 6 -25.20 -8.86 28.77
CA SER R 6 -23.86 -9.06 29.38
C SER R 6 -23.91 -10.49 29.97
N GLY S 4 -38.14 -12.50 16.63
CA GLY S 4 -38.26 -11.25 17.35
C GLY S 4 -36.93 -10.69 17.86
N ASP S 5 -35.87 -11.50 17.83
CA ASP S 5 -34.53 -11.05 18.19
C ASP S 5 -33.82 -10.42 17.01
N LEU S 6 -32.80 -9.61 17.31
CA LEU S 6 -32.03 -8.90 16.30
C LEU S 6 -30.61 -9.45 16.20
N TYR S 7 -30.16 -9.68 14.97
CA TYR S 7 -28.83 -10.19 14.70
C TYR S 7 -28.04 -9.14 13.93
N GLU S 8 -26.75 -9.04 14.23
CA GLU S 8 -25.94 -8.01 13.61
C GLU S 8 -25.68 -8.36 12.15
N VAL S 9 -25.82 -7.37 11.29
CA VAL S 9 -25.62 -7.54 9.86
C VAL S 9 -24.17 -7.21 9.55
N GLU S 10 -23.48 -8.10 8.87
CA GLU S 10 -22.15 -7.71 8.46
C GLU S 10 -22.16 -6.97 7.12
N ARG S 11 -22.98 -7.43 6.18
CA ARG S 11 -22.91 -6.88 4.84
C ARG S 11 -24.20 -7.19 4.11
N ILE S 12 -24.58 -6.34 3.16
CA ILE S 12 -25.65 -6.63 2.21
C ILE S 12 -24.99 -7.23 0.98
N VAL S 13 -25.28 -8.51 0.71
CA VAL S 13 -24.57 -9.25 -0.32
C VAL S 13 -25.21 -9.14 -1.71
N ASP S 14 -26.52 -8.93 -1.78
CA ASP S 14 -27.27 -8.82 -3.03
C ASP S 14 -28.60 -8.20 -2.69
N LYS S 15 -29.17 -7.47 -3.64
CA LYS S 15 -30.48 -6.87 -3.46
C LYS S 15 -31.40 -7.27 -4.60
N ARG S 16 -32.71 -7.13 -4.39
CA ARG S 16 -33.63 -7.44 -5.46
C ARG S 16 -34.96 -6.78 -5.15
N LYS S 17 -35.64 -6.35 -6.21
CA LYS S 17 -36.96 -5.75 -6.17
C LYS S 17 -38.01 -6.76 -6.64
N ASN S 18 -39.12 -6.84 -5.92
CA ASN S 18 -40.16 -7.76 -6.34
C ASN S 18 -41.00 -7.10 -7.43
N LYS S 19 -41.95 -7.86 -7.99
CA LYS S 19 -42.83 -7.30 -9.02
C LYS S 19 -43.69 -6.16 -8.45
N LYS S 20 -44.19 -6.32 -7.21
CA LYS S 20 -44.97 -5.30 -6.53
C LYS S 20 -44.14 -4.12 -6.04
N GLY S 21 -42.85 -4.08 -6.37
CA GLY S 21 -41.97 -2.98 -6.02
C GLY S 21 -41.33 -3.01 -4.65
N LYS S 22 -41.40 -4.12 -3.91
CA LYS S 22 -40.80 -4.16 -2.57
C LYS S 22 -39.42 -4.80 -2.62
N TRP S 23 -38.51 -4.22 -1.85
CA TRP S 23 -37.10 -4.59 -1.86
C TRP S 23 -36.79 -5.69 -0.86
N GLU S 24 -35.81 -6.53 -1.20
CA GLU S 24 -35.28 -7.55 -0.31
C GLU S 24 -33.76 -7.56 -0.41
N TYR S 25 -33.10 -7.90 0.69
CA TYR S 25 -31.64 -7.92 0.71
C TYR S 25 -31.15 -9.26 1.20
N LEU S 26 -30.09 -9.75 0.58
CA LEU S 26 -29.42 -10.98 0.99
C LEU S 26 -28.42 -10.59 2.07
N ILE S 27 -28.63 -11.08 3.28
CA ILE S 27 -27.90 -10.60 4.45
C ILE S 27 -26.75 -11.56 4.73
N ARG S 28 -25.54 -11.02 4.83
CA ARG S 28 -24.43 -11.72 5.45
C ARG S 28 -24.43 -11.37 6.94
N TRP S 29 -24.75 -12.35 7.77
CA TRP S 29 -24.87 -12.16 9.21
C TRP S 29 -23.49 -12.22 9.86
N LYS S 30 -23.17 -11.21 10.66
CA LYS S 30 -21.87 -11.17 11.35
C LYS S 30 -21.67 -12.43 12.17
N GLY S 31 -20.48 -13.01 12.05
CA GLY S 31 -20.14 -14.25 12.71
C GLY S 31 -20.47 -15.50 11.90
N TYR S 32 -21.00 -15.37 10.71
CA TYR S 32 -21.35 -16.50 9.89
C TYR S 32 -20.81 -16.27 8.49
N GLY S 33 -20.82 -17.32 7.67
CA GLY S 33 -20.41 -17.25 6.30
C GLY S 33 -21.61 -17.39 5.38
N SER S 34 -21.31 -17.42 4.07
CA SER S 34 -22.35 -17.42 3.05
C SER S 34 -23.35 -18.55 3.22
N THR S 35 -22.98 -19.65 3.90
CA THR S 35 -23.91 -20.76 4.06
C THR S 35 -25.18 -20.35 4.83
N GLU S 36 -25.10 -19.31 5.66
CA GLU S 36 -26.26 -18.87 6.45
C GLU S 36 -26.96 -17.66 5.87
N ASP S 37 -26.48 -17.11 4.74
CA ASP S 37 -27.10 -15.93 4.15
C ASP S 37 -28.59 -16.17 3.92
N THR S 38 -29.38 -15.14 4.18
CA THR S 38 -30.81 -15.22 3.99
C THR S 38 -31.32 -13.92 3.38
N TRP S 39 -32.36 -14.05 2.56
CA TRP S 39 -33.03 -12.89 2.00
C TRP S 39 -34.00 -12.35 3.03
N GLU S 40 -33.85 -11.06 3.33
CA GLU S 40 -34.71 -10.41 4.30
C GLU S 40 -35.43 -9.24 3.67
N PRO S 41 -36.71 -9.01 4.01
CA PRO S 41 -37.42 -7.86 3.48
C PRO S 41 -36.81 -6.57 4.02
N GLU S 42 -36.99 -5.49 3.25
CA GLU S 42 -36.39 -4.20 3.57
C GLU S 42 -36.63 -3.78 5.02
N HIS S 43 -37.85 -3.96 5.52
CA HIS S 43 -38.14 -3.41 6.83
C HIS S 43 -37.56 -4.22 7.96
N HIS S 44 -36.87 -5.31 7.69
CA HIS S 44 -36.15 -6.02 8.74
C HIS S 44 -34.82 -5.37 9.11
N LEU S 45 -34.27 -4.49 8.27
CA LEU S 45 -32.98 -3.88 8.57
C LEU S 45 -33.17 -2.70 9.51
N LEU S 46 -32.60 -2.78 10.70
CA LEU S 46 -32.73 -1.74 11.71
C LEU S 46 -31.37 -1.12 12.01
N HIS S 47 -31.39 0.20 12.24
CA HIS S 47 -30.25 0.95 12.75
C HIS S 47 -30.47 1.22 14.23
N CYS S 48 -29.52 0.82 15.08
CA CYS S 48 -29.67 0.90 16.53
C CYS S 48 -28.60 1.79 17.17
N GLU S 49 -29.02 2.70 18.04
CA GLU S 49 -28.12 3.54 18.81
C GLU S 49 -28.43 3.46 20.30
N GLU S 50 -27.45 3.86 21.11
CA GLU S 50 -27.62 3.89 22.54
C GLU S 50 -28.74 4.85 22.93
N PHE S 51 -29.62 4.39 23.79
CA PHE S 51 -30.83 5.11 24.17
C PHE S 51 -30.58 6.13 25.27
N ILE S 52 -29.50 5.96 26.06
CA ILE S 52 -29.19 6.88 27.15
C ILE S 52 -27.80 7.41 26.86
N ASP S 53 -27.73 8.63 26.31
CA ASP S 53 -26.47 9.24 25.90
C ASP S 53 -26.51 10.76 26.09
N GLU S 54 -25.43 11.32 26.62
CA GLU S 54 -25.26 12.76 26.82
C GLU S 54 -25.44 13.63 25.56
N PHE T 2 -28.50 -3.91 12.38
CA PHE T 2 -28.97 -5.18 12.90
C PHE T 2 -30.23 -5.57 12.13
N ALA T 3 -30.63 -6.84 12.14
CA ALA T 3 -31.82 -7.25 11.40
C ALA T 3 -32.61 -8.39 12.04
N PHE T 4 -33.92 -8.41 11.80
CA PHE T 4 -34.74 -9.58 12.11
C PHE T 4 -34.45 -10.66 11.08
N SER T 6 -35.86 -14.40 8.98
CA SER T 6 -36.98 -15.20 8.43
C SER T 6 -37.93 -14.12 7.88
N GLY U 4 87.81 7.39 -38.29
CA GLY U 4 87.43 6.62 -39.48
C GLY U 4 86.46 5.48 -39.23
N ASP U 5 86.21 5.14 -37.97
CA ASP U 5 85.27 4.06 -37.71
C ASP U 5 83.84 4.55 -37.78
N LEU U 6 82.91 3.62 -38.00
CA LEU U 6 81.49 3.93 -38.10
C LEU U 6 80.77 3.38 -36.88
N TYR U 7 79.90 4.20 -36.29
CA TYR U 7 79.10 3.85 -35.12
C TYR U 7 77.61 3.90 -35.45
N GLU U 8 76.82 3.01 -34.85
CA GLU U 8 75.40 2.95 -35.14
C GLU U 8 74.66 4.15 -34.54
N VAL U 9 73.78 4.73 -35.33
CA VAL U 9 72.98 5.87 -34.91
C VAL U 9 71.63 5.37 -34.41
N GLU U 10 71.24 5.80 -33.22
CA GLU U 10 69.93 5.42 -32.75
C GLU U 10 68.86 6.41 -33.16
N ARG U 11 69.17 7.70 -33.12
CA ARG U 11 68.17 8.74 -33.32
C ARG U 11 68.90 9.99 -33.77
N ILE U 12 68.28 10.76 -34.66
CA ILE U 12 68.69 12.12 -34.95
C ILE U 12 67.87 13.01 -34.04
N VAL U 13 68.56 13.71 -33.15
CA VAL U 13 67.90 14.49 -32.11
C VAL U 13 67.60 15.93 -32.54
N ASP U 14 68.36 16.47 -33.49
CA ASP U 14 68.22 17.88 -33.82
C ASP U 14 68.95 18.19 -35.13
N LYS U 15 68.49 19.22 -35.84
CA LYS U 15 69.15 19.72 -37.05
C LYS U 15 69.50 21.21 -36.88
N ARG U 16 70.47 21.66 -37.68
CA ARG U 16 70.83 23.09 -37.70
C ARG U 16 71.76 23.36 -38.88
N LYS U 17 71.75 24.62 -39.34
CA LYS U 17 72.65 25.09 -40.38
C LYS U 17 73.82 25.81 -39.71
N ASN U 18 75.04 25.46 -40.10
CA ASN U 18 76.20 26.08 -39.49
C ASN U 18 76.51 27.39 -40.21
N LYS U 19 77.52 28.11 -39.71
CA LYS U 19 77.87 29.40 -40.31
C LYS U 19 78.18 29.21 -41.79
N LYS U 20 78.82 28.13 -42.14
CA LYS U 20 79.11 27.82 -43.52
C LYS U 20 77.85 27.37 -44.32
N GLY U 21 76.61 27.38 -43.80
CA GLY U 21 75.46 27.03 -44.62
C GLY U 21 75.24 25.55 -44.87
N LYS U 22 75.99 24.67 -44.22
CA LYS U 22 75.84 23.23 -44.36
C LYS U 22 75.05 22.65 -43.19
N TRP U 23 74.40 21.51 -43.41
CA TRP U 23 73.58 20.92 -42.36
C TRP U 23 74.42 20.09 -41.42
N GLU U 24 74.00 20.07 -40.16
CA GLU U 24 74.60 19.26 -39.12
C GLU U 24 73.50 18.62 -38.31
N TYR U 25 73.72 17.39 -37.84
CA TYR U 25 72.71 16.67 -37.09
C TYR U 25 73.28 16.28 -35.73
N LEU U 26 72.44 16.43 -34.69
CA LEU U 26 72.79 16.03 -33.33
C LEU U 26 72.44 14.56 -33.17
N ILE U 27 73.46 13.73 -32.98
CA ILE U 27 73.33 12.27 -33.09
C ILE U 27 73.20 11.65 -31.70
N ARG U 28 72.15 10.87 -31.50
CA ARG U 28 72.05 9.95 -30.37
C ARG U 28 72.66 8.63 -30.81
N TRP U 29 73.83 8.30 -30.26
CA TRP U 29 74.57 7.10 -30.66
C TRP U 29 74.04 5.85 -29.97
N LYS U 30 73.78 4.80 -30.75
CA LYS U 30 73.28 3.57 -30.17
C LYS U 30 74.21 3.08 -29.05
N GLY U 31 73.60 2.76 -27.89
CA GLY U 31 74.28 2.36 -26.69
C GLY U 31 74.59 3.46 -25.68
N TYR U 32 74.20 4.71 -25.95
CA TYR U 32 74.57 5.84 -25.12
C TYR U 32 73.36 6.70 -24.78
N GLY U 33 73.60 7.62 -23.84
CA GLY U 33 72.61 8.59 -23.42
C GLY U 33 72.94 9.96 -23.97
N SER U 34 72.09 10.93 -23.63
CA SER U 34 72.19 12.27 -24.22
C SER U 34 73.54 12.94 -24.01
N THR U 35 74.27 12.66 -22.92
CA THR U 35 75.54 13.37 -22.69
C THR U 35 76.55 13.11 -23.81
N GLU U 36 76.44 12.01 -24.53
CA GLU U 36 77.39 11.73 -25.59
C GLU U 36 76.90 12.22 -26.95
N ASP U 37 75.73 12.88 -27.03
CA ASP U 37 75.27 13.41 -28.31
C ASP U 37 76.31 14.37 -28.88
N THR U 38 76.54 14.29 -30.19
CA THR U 38 77.50 15.16 -30.86
C THR U 38 76.88 15.69 -32.15
N TRP U 39 77.32 16.89 -32.55
CA TRP U 39 76.92 17.44 -33.83
C TRP U 39 77.81 16.88 -34.91
N GLU U 40 77.21 16.26 -35.93
CA GLU U 40 77.97 15.68 -37.02
C GLU U 40 77.52 16.28 -38.34
N PRO U 41 78.45 16.52 -39.26
CA PRO U 41 78.06 17.02 -40.57
C PRO U 41 77.26 15.99 -41.34
N GLU U 42 76.42 16.50 -42.25
CA GLU U 42 75.48 15.69 -43.01
C GLU U 42 76.13 14.47 -43.64
N HIS U 43 77.31 14.63 -44.22
CA HIS U 43 77.93 13.52 -44.95
C HIS U 43 78.50 12.45 -44.04
N HIS U 44 78.40 12.61 -42.72
CA HIS U 44 78.81 11.55 -41.81
C HIS U 44 77.77 10.46 -41.70
N LEU U 45 76.52 10.71 -42.10
CA LEU U 45 75.48 9.71 -41.93
C LEU U 45 75.54 8.75 -43.11
N LEU U 46 75.88 7.50 -42.84
CA LEU U 46 75.99 6.49 -43.88
C LEU U 46 74.95 5.43 -43.59
N HIS U 47 74.34 4.95 -44.67
CA HIS U 47 73.43 3.81 -44.66
C HIS U 47 74.20 2.62 -45.20
N CYS U 48 74.19 1.52 -44.45
CA CYS U 48 74.99 0.33 -44.74
C CYS U 48 74.12 -0.90 -44.99
N GLU U 49 74.42 -1.63 -46.07
CA GLU U 49 73.70 -2.88 -46.35
C GLU U 49 74.70 -4.01 -46.54
N GLU U 50 74.22 -5.23 -46.35
CA GLU U 50 75.07 -6.39 -46.56
C GLU U 50 75.52 -6.42 -48.00
N PHE U 51 76.82 -6.61 -48.20
CA PHE U 51 77.39 -6.53 -49.53
C PHE U 51 77.35 -7.85 -50.30
N ILE U 52 77.33 -8.98 -49.61
CA ILE U 52 77.33 -10.30 -50.25
C ILE U 52 76.09 -11.03 -49.77
N ASP U 53 75.07 -11.10 -50.63
CA ASP U 53 73.85 -11.77 -50.28
C ASP U 53 73.29 -12.50 -51.49
N PHE V 2 74.62 4.39 -39.75
CA PHE V 2 75.85 4.57 -38.99
C PHE V 2 76.44 5.96 -39.31
N ALA V 3 77.33 6.48 -38.46
CA ALA V 3 77.95 7.76 -38.75
C ALA V 3 79.40 7.82 -38.27
N PHE V 4 80.23 8.59 -38.98
CA PHE V 4 81.58 8.93 -38.52
C PHE V 4 81.43 9.89 -37.37
N SER V 6 82.99 12.82 -35.30
CA SER V 6 83.97 13.91 -35.50
C SER V 6 83.13 15.08 -35.09
N GLY W 4 80.41 -4.15 -32.29
CA GLY W 4 79.16 -3.65 -32.83
C GLY W 4 79.38 -2.47 -33.76
N ASP W 5 80.59 -1.95 -33.74
CA ASP W 5 81.00 -0.87 -34.60
C ASP W 5 81.54 -1.42 -35.92
N LEU W 6 81.63 -0.54 -36.92
CA LEU W 6 82.10 -0.92 -38.25
C LEU W 6 83.49 -0.35 -38.52
N TYR W 7 84.37 -1.18 -39.05
CA TYR W 7 85.72 -0.81 -39.38
C TYR W 7 85.95 -0.95 -40.88
N GLU W 8 86.75 -0.05 -41.44
CA GLU W 8 86.94 -0.03 -42.88
C GLU W 8 87.79 -1.21 -43.36
N VAL W 9 87.34 -1.87 -44.42
CA VAL W 9 88.01 -3.02 -45.00
C VAL W 9 88.90 -2.59 -46.15
N GLU W 10 90.18 -2.97 -46.10
CA GLU W 10 91.12 -2.71 -47.18
C GLU W 10 91.08 -3.79 -48.26
N ARG W 11 91.00 -5.06 -47.88
CA ARG W 11 91.10 -6.14 -48.84
C ARG W 11 90.52 -7.41 -48.23
N ILE W 12 89.94 -8.25 -49.08
CA ILE W 12 89.59 -9.63 -48.72
C ILE W 12 90.76 -10.52 -49.13
N VAL W 13 91.40 -11.15 -48.14
CA VAL W 13 92.62 -11.92 -48.39
C VAL W 13 92.37 -13.38 -48.74
N ASP W 14 91.24 -13.96 -48.33
CA ASP W 14 90.96 -15.37 -48.52
C ASP W 14 89.47 -15.60 -48.32
N LYS W 15 88.95 -16.67 -48.95
CA LYS W 15 87.59 -17.13 -48.73
C LYS W 15 87.65 -18.58 -48.29
N ARG W 16 86.59 -19.03 -47.59
CA ARG W 16 86.42 -20.41 -47.15
C ARG W 16 84.99 -20.63 -46.64
N LYS W 17 84.56 -21.89 -46.61
CA LYS W 17 83.26 -22.29 -46.06
C LYS W 17 83.42 -22.81 -44.62
N ASN W 18 82.52 -22.36 -43.73
CA ASN W 18 82.64 -22.70 -42.31
C ASN W 18 82.03 -24.06 -42.01
N LYS W 19 82.11 -24.45 -40.73
CA LYS W 19 81.62 -25.76 -40.29
C LYS W 19 80.16 -25.96 -40.63
N LYS W 20 79.35 -24.92 -40.45
CA LYS W 20 77.94 -24.92 -40.82
C LYS W 20 77.71 -24.76 -42.32
N GLY W 21 78.78 -24.75 -43.14
CA GLY W 21 78.65 -24.68 -44.59
C GLY W 21 78.42 -23.30 -45.18
N LYS W 22 78.52 -22.25 -44.38
CA LYS W 22 78.38 -20.86 -44.81
C LYS W 22 79.74 -20.23 -45.03
N TRP W 23 79.77 -19.17 -45.86
CA TRP W 23 81.04 -18.57 -46.25
C TRP W 23 81.60 -17.66 -45.16
N GLU W 24 82.93 -17.62 -45.09
CA GLU W 24 83.70 -16.73 -44.23
C GLU W 24 84.82 -16.11 -45.03
N TYR W 25 85.20 -14.87 -44.68
CA TYR W 25 86.23 -14.16 -45.41
C TYR W 25 87.28 -13.65 -44.42
N LEU W 26 88.54 -13.75 -44.82
CA LEU W 26 89.67 -13.25 -44.05
C LEU W 26 89.89 -11.78 -44.39
N ILE W 27 89.69 -10.91 -43.40
CA ILE W 27 89.58 -9.47 -43.64
C ILE W 27 90.92 -8.83 -43.35
N ARG W 28 91.45 -8.09 -44.32
CA ARG W 28 92.53 -7.12 -44.09
C ARG W 28 91.91 -5.78 -43.75
N TRP W 29 92.09 -5.32 -42.51
CA TRP W 29 91.51 -4.07 -42.02
C TRP W 29 92.39 -2.89 -42.41
N LYS W 30 91.79 -1.89 -43.06
CA LYS W 30 92.56 -0.70 -43.47
C LYS W 30 93.25 -0.06 -42.28
N GLY W 31 94.53 0.22 -42.43
CA GLY W 31 95.33 0.77 -41.36
C GLY W 31 96.06 -0.25 -40.51
N TYR W 32 95.96 -1.53 -40.83
CA TYR W 32 96.64 -2.58 -40.09
C TYR W 32 97.31 -3.52 -41.07
N GLY W 33 98.17 -4.38 -40.54
CA GLY W 33 98.86 -5.38 -41.32
C GLY W 33 98.31 -6.78 -41.06
N SER W 34 98.97 -7.76 -41.66
CA SER W 34 98.51 -9.15 -41.58
C SER W 34 98.38 -9.64 -40.15
N THR W 35 99.10 -9.03 -39.21
CA THR W 35 99.00 -9.48 -37.83
C THR W 35 97.59 -9.36 -37.30
N GLU W 36 96.80 -8.45 -37.87
CA GLU W 36 95.45 -8.16 -37.39
C GLU W 36 94.36 -8.82 -38.21
N ASP W 37 94.70 -9.59 -39.25
CA ASP W 37 93.69 -10.25 -40.07
C ASP W 37 92.82 -11.17 -39.23
N THR W 38 91.51 -11.16 -39.53
CA THR W 38 90.56 -11.98 -38.81
C THR W 38 89.56 -12.57 -39.78
N TRP W 39 89.05 -13.74 -39.44
CA TRP W 39 88.00 -14.37 -40.23
C TRP W 39 86.65 -13.78 -39.83
N GLU W 40 85.91 -13.26 -40.81
CA GLU W 40 84.61 -12.68 -40.56
C GLU W 40 83.57 -13.37 -41.42
N PRO W 41 82.37 -13.58 -40.89
CA PRO W 41 81.31 -14.19 -41.70
C PRO W 41 80.83 -13.29 -42.82
N GLU W 42 80.31 -13.91 -43.87
CA GLU W 42 79.87 -13.21 -45.07
C GLU W 42 78.99 -12.00 -44.75
N HIS W 43 78.08 -12.13 -43.80
CA HIS W 43 77.13 -11.05 -43.51
C HIS W 43 77.75 -9.91 -42.71
N HIS W 44 79.02 -9.99 -42.32
CA HIS W 44 79.64 -8.83 -41.69
C HIS W 44 80.07 -7.76 -42.68
N LEU W 45 80.19 -8.08 -43.98
CA LEU W 45 80.67 -7.09 -44.93
C LEU W 45 79.55 -6.16 -45.38
N LEU W 46 79.69 -4.89 -45.05
CA LEU W 46 78.68 -3.89 -45.39
C LEU W 46 79.27 -2.90 -46.38
N HIS W 47 78.44 -2.52 -47.35
CA HIS W 47 78.71 -1.42 -48.26
C HIS W 47 77.93 -0.22 -47.76
N CYS W 48 78.63 0.88 -47.52
CA CYS W 48 78.08 2.10 -46.94
C CYS W 48 78.19 3.27 -47.91
N GLU W 49 77.07 3.98 -48.12
CA GLU W 49 77.02 5.21 -48.90
C GLU W 49 76.31 6.29 -48.08
N GLU W 50 76.51 7.55 -48.46
CA GLU W 50 75.89 8.66 -47.76
C GLU W 50 74.37 8.57 -47.80
N PHE W 51 73.73 8.78 -46.63
CA PHE W 51 72.28 8.59 -46.44
C PHE W 51 71.44 9.79 -46.86
N ILE W 52 72.01 11.00 -46.85
CA ILE W 52 71.30 12.23 -47.21
C ILE W 52 72.07 12.83 -48.39
N ASP W 53 71.60 12.55 -49.60
CA ASP W 53 72.25 12.97 -50.83
C ASP W 53 71.19 13.31 -51.89
N PHE X 2 82.97 -1.72 -45.24
CA PHE X 2 83.22 -1.75 -43.81
C PHE X 2 82.74 -3.09 -43.23
N ALA X 3 83.26 -3.53 -42.10
CA ALA X 3 82.81 -4.80 -41.57
C ALA X 3 82.73 -4.80 -40.05
N PHE X 4 81.78 -5.59 -39.53
CA PHE X 4 81.73 -5.88 -38.10
C PHE X 4 82.94 -6.77 -37.77
N SER X 6 83.85 -9.88 -35.49
CA SER X 6 83.30 -11.01 -34.70
C SER X 6 84.07 -11.19 -33.35
N GLY Y 4 -51.45 15.93 27.53
CA GLY Y 4 -52.03 14.64 27.84
C GLY Y 4 -51.72 13.59 26.79
N ASP Y 5 -51.15 14.07 25.68
CA ASP Y 5 -50.74 13.27 24.54
C ASP Y 5 -49.31 12.75 24.70
N LEU Y 6 -48.97 11.74 23.90
CA LEU Y 6 -47.66 11.10 23.92
C LEU Y 6 -46.87 11.47 22.66
N TYR Y 7 -45.59 11.81 22.85
CA TYR Y 7 -44.71 12.18 21.76
C TYR Y 7 -43.52 11.22 21.75
N GLU Y 8 -43.03 10.92 20.57
CA GLU Y 8 -41.97 9.93 20.47
C GLU Y 8 -40.64 10.49 20.99
N VAL Y 9 -39.94 9.67 21.77
CA VAL Y 9 -38.67 10.00 22.39
C VAL Y 9 -37.54 9.51 21.51
N GLU Y 10 -36.57 10.37 21.21
CA GLU Y 10 -35.44 9.81 20.51
C GLU Y 10 -34.35 9.28 21.44
N ARG Y 11 -34.05 9.98 22.52
CA ARG Y 11 -32.91 9.62 23.36
C ARG Y 11 -33.10 10.24 24.73
N ILE Y 12 -32.59 9.55 25.75
CA ILE Y 12 -32.43 10.11 27.09
C ILE Y 12 -31.05 10.75 27.17
N VAL Y 13 -31.03 12.06 27.39
CA VAL Y 13 -29.79 12.85 27.37
C VAL Y 13 -29.14 12.98 28.73
N ASP Y 14 -29.91 12.90 29.80
CA ASP Y 14 -29.41 13.10 31.15
C ASP Y 14 -30.42 12.56 32.15
N LYS Y 15 -29.94 12.06 33.29
CA LYS Y 15 -30.82 11.67 34.37
C LYS Y 15 -30.43 12.39 35.64
N ARG Y 16 -31.36 12.47 36.59
CA ARG Y 16 -31.05 13.06 37.88
C ARG Y 16 -32.13 12.71 38.90
N LYS Y 17 -31.71 12.64 40.16
CA LYS Y 17 -32.58 12.36 41.29
C LYS Y 17 -33.01 13.68 41.92
N ASN Y 18 -34.31 13.79 42.19
CA ASN Y 18 -34.85 15.02 42.74
C ASN Y 18 -34.60 15.04 44.25
N LYS Y 19 -35.07 16.13 44.89
CA LYS Y 19 -34.86 16.28 46.33
C LYS Y 19 -35.46 15.10 47.10
N LYS Y 20 -36.66 14.66 46.71
CA LYS Y 20 -37.34 13.51 47.32
C LYS Y 20 -36.73 12.16 46.94
N GLY Y 21 -35.65 12.12 46.17
CA GLY Y 21 -35.09 10.85 45.78
C GLY Y 21 -35.76 10.21 44.58
N LYS Y 22 -36.63 10.94 43.87
CA LYS Y 22 -37.31 10.43 42.69
C LYS Y 22 -36.57 10.85 41.43
N TRP Y 23 -36.63 10.02 40.39
CA TRP Y 23 -35.87 10.22 39.17
C TRP Y 23 -36.58 11.08 38.13
N GLU Y 24 -35.77 11.84 37.38
CA GLU Y 24 -36.18 12.66 36.25
C GLU Y 24 -35.22 12.46 35.09
N TYR Y 25 -35.75 12.53 33.87
CA TYR Y 25 -34.93 12.31 32.67
C TYR Y 25 -35.08 13.50 31.73
N LEU Y 26 -33.96 13.87 31.12
CA LEU Y 26 -33.92 14.94 30.13
C LEU Y 26 -34.18 14.33 28.77
N ILE Y 27 -35.31 14.70 28.17
CA ILE Y 27 -35.85 14.00 27.02
C ILE Y 27 -35.44 14.75 25.77
N ARG Y 28 -34.79 14.07 24.84
CA ARG Y 28 -34.61 14.55 23.47
C ARG Y 28 -35.77 14.00 22.66
N TRP Y 29 -36.65 14.88 22.18
CA TRP Y 29 -37.84 14.45 21.45
C TRP Y 29 -37.52 14.16 20.00
N LYS Y 30 -37.94 13.00 19.51
CA LYS Y 30 -37.71 12.65 18.10
C LYS Y 30 -38.28 13.72 17.19
N GLY Y 31 -37.46 14.14 16.22
CA GLY Y 31 -37.82 15.19 15.30
C GLY Y 31 -37.45 16.59 15.74
N TYR Y 32 -36.81 16.73 16.91
CA TYR Y 32 -36.42 18.03 17.44
C TYR Y 32 -34.98 17.95 17.92
N GLY Y 33 -34.41 19.12 18.19
CA GLY Y 33 -33.08 19.25 18.73
C GLY Y 33 -33.10 19.70 20.19
N SER Y 34 -31.89 19.85 20.72
CA SER Y 34 -31.68 20.15 22.14
C SER Y 34 -32.49 21.36 22.59
N THR Y 35 -32.87 22.25 21.67
CA THR Y 35 -33.68 23.41 22.03
C THR Y 35 -35.00 22.99 22.66
N GLU Y 36 -35.48 21.78 22.35
CA GLU Y 36 -36.74 21.30 22.86
C GLU Y 36 -36.59 20.31 24.04
N ASP Y 37 -35.37 20.02 24.47
CA ASP Y 37 -35.19 19.08 25.59
C ASP Y 37 -35.95 19.56 26.82
N THR Y 38 -36.53 18.62 27.54
CA THR Y 38 -37.30 18.89 28.74
C THR Y 38 -36.98 17.83 29.79
N TRP Y 39 -37.07 18.21 31.06
CA TRP Y 39 -36.97 17.22 32.13
C TRP Y 39 -38.33 16.57 32.36
N GLU Y 40 -38.37 15.24 32.29
CA GLU Y 40 -39.64 14.57 32.52
C GLU Y 40 -39.51 13.60 33.68
N PRO Y 41 -40.53 13.47 34.51
CA PRO Y 41 -40.47 12.51 35.60
C PRO Y 41 -40.42 11.10 35.04
N GLU Y 42 -39.82 10.21 35.81
CA GLU Y 42 -39.60 8.83 35.37
C GLU Y 42 -40.86 8.22 34.76
N HIS Y 43 -42.01 8.41 35.42
CA HIS Y 43 -43.22 7.72 34.98
C HIS Y 43 -43.82 8.33 33.71
N HIS Y 44 -43.22 9.38 33.17
CA HIS Y 44 -43.68 9.87 31.87
C HIS Y 44 -43.17 9.00 30.73
N LEU Y 45 -42.15 8.17 30.96
CA LEU Y 45 -41.62 7.33 29.90
C LEU Y 45 -42.47 6.06 29.79
N LEU Y 46 -43.12 5.89 28.65
CA LEU Y 46 -43.98 4.75 28.40
C LEU Y 46 -43.46 3.96 27.20
N HIS Y 47 -43.59 2.65 27.28
CA HIS Y 47 -43.33 1.75 26.16
C HIS Y 47 -44.66 1.30 25.55
N CYS Y 48 -44.80 1.45 24.24
CA CYS Y 48 -46.07 1.19 23.57
C CYS Y 48 -45.95 0.04 22.56
N GLU Y 49 -46.87 -0.91 22.65
CA GLU Y 49 -46.94 -2.03 21.72
C GLU Y 49 -48.34 -2.16 21.16
N GLU Y 50 -48.44 -2.88 20.05
CA GLU Y 50 -49.73 -3.13 19.44
C GLU Y 50 -50.63 -3.92 20.37
N PHE Y 51 -51.86 -3.45 20.50
CA PHE Y 51 -52.82 -4.01 21.42
C PHE Y 51 -53.61 -5.18 20.82
N ILE Y 52 -53.77 -5.25 19.50
CA ILE Y 52 -54.54 -6.31 18.84
C ILE Y 52 -53.67 -6.97 17.77
N ASP Y 53 -53.04 -8.10 18.11
CA ASP Y 53 -52.20 -8.84 17.17
C ASP Y 53 -52.30 -10.35 17.42
N GLU Y 54 -52.50 -11.12 16.34
CA GLU Y 54 -52.67 -12.58 16.38
C GLU Y 54 -51.52 -13.30 17.08
N PHE Z 2 -42.45 6.49 24.03
CA PHE Z 2 -43.20 7.73 24.03
C PHE Z 2 -43.24 8.34 25.43
N ALA Z 3 -43.45 9.64 25.57
CA ALA Z 3 -43.52 10.23 26.90
C ALA Z 3 -44.46 11.41 26.92
N PHE Z 4 -45.07 11.64 28.09
CA PHE Z 4 -45.85 12.84 28.34
C PHE Z 4 -44.86 13.99 28.45
N SER Z 6 -44.26 17.06 30.61
CA SER Z 6 -44.59 17.76 31.87
C SER Z 6 -44.61 19.22 31.44
N GLY AA 4 -48.00 11.60 14.10
CA GLY AA 4 -47.01 10.70 14.66
C GLY AA 4 -47.13 10.59 16.16
N ASP AA 5 -47.96 11.46 16.74
CA ASP AA 5 -48.22 11.49 18.17
C ASP AA 5 -49.30 10.49 18.53
N LEU AA 6 -49.34 10.14 19.82
CA LEU AA 6 -50.30 9.17 20.34
C LEU AA 6 -51.31 9.89 21.22
N TYR AA 7 -52.60 9.61 21.01
CA TYR AA 7 -53.68 10.25 21.74
C TYR AA 7 -54.46 9.19 22.49
N GLU AA 8 -54.91 9.55 23.69
CA GLU AA 8 -55.57 8.55 24.54
C GLU AA 8 -56.93 8.20 23.97
N VAL AA 9 -57.22 6.91 23.91
CA VAL AA 9 -58.50 6.41 23.41
C VAL AA 9 -59.45 6.21 24.59
N GLU AA 10 -60.63 6.84 24.52
CA GLU AA 10 -61.56 6.58 25.62
C GLU AA 10 -62.41 5.34 25.41
N ARG AA 11 -62.86 5.10 24.18
CA ARG AA 11 -63.76 3.98 23.91
C ARG AA 11 -63.66 3.61 22.43
N ILE AA 12 -63.83 2.32 22.15
CA ILE AA 12 -64.09 1.87 20.79
C ILE AA 12 -65.61 1.86 20.62
N VAL AA 13 -66.11 2.73 19.76
CA VAL AA 13 -67.56 2.87 19.62
C VAL AA 13 -68.16 1.96 18.54
N ASP AA 14 -67.35 1.47 17.61
CA ASP AA 14 -67.82 0.60 16.54
C ASP AA 14 -66.63 -0.12 15.93
N LYS AA 15 -66.88 -1.32 15.42
CA LYS AA 15 -65.86 -2.10 14.72
C LYS AA 15 -66.36 -2.45 13.33
N ARG AA 16 -65.43 -2.71 12.40
CA ARG AA 16 -65.84 -3.13 11.06
C ARG AA 16 -64.65 -3.73 10.31
N LYS AA 17 -64.97 -4.65 9.40
CA LYS AA 17 -64.01 -5.29 8.52
C LYS AA 17 -64.11 -4.66 7.13
N ASN AA 18 -62.96 -4.29 6.54
CA ASN AA 18 -62.95 -3.68 5.21
C ASN AA 18 -62.86 -4.75 4.11
N LYS AA 19 -62.83 -4.29 2.85
CA LYS AA 19 -62.76 -5.20 1.72
C LYS AA 19 -61.53 -6.11 1.79
N LYS AA 20 -60.36 -5.55 2.15
CA LYS AA 20 -59.18 -6.40 2.29
C LYS AA 20 -59.25 -7.31 3.52
N GLY AA 21 -60.36 -7.31 4.25
CA GLY AA 21 -60.53 -8.18 5.39
C GLY AA 21 -59.85 -7.72 6.67
N LYS AA 22 -59.32 -6.50 6.70
CA LYS AA 22 -58.62 -6.03 7.90
C LYS AA 22 -59.57 -5.22 8.77
N TRP AA 23 -59.31 -5.24 10.07
CA TRP AA 23 -60.21 -4.58 10.98
C TRP AA 23 -59.91 -3.08 11.07
N GLU AA 24 -60.97 -2.32 11.30
CA GLU AA 24 -60.87 -0.89 11.56
C GLU AA 24 -61.81 -0.59 12.71
N TYR AA 25 -61.42 0.37 13.55
CA TYR AA 25 -62.25 0.66 14.71
C TYR AA 25 -62.54 2.15 14.75
N LEU AA 26 -63.77 2.48 15.10
CA LEU AA 26 -64.21 3.86 15.23
C LEU AA 26 -63.86 4.31 16.65
N ILE AA 27 -62.95 5.28 16.76
CA ILE AA 27 -62.33 5.66 18.04
C ILE AA 27 -63.02 6.90 18.59
N ARG AA 28 -63.45 6.83 19.86
CA ARG AA 28 -63.84 8.00 20.64
C ARG AA 28 -62.60 8.48 21.39
N TRP AA 29 -62.08 9.64 21.00
CA TRP AA 29 -60.83 10.12 21.59
C TRP AA 29 -61.14 10.81 22.91
N LYS AA 30 -60.44 10.39 23.98
CA LYS AA 30 -60.68 10.97 25.30
C LYS AA 30 -60.57 12.49 25.25
N GLY AA 31 -61.57 13.16 25.82
CA GLY AA 31 -61.66 14.60 25.83
C GLY AA 31 -62.46 15.20 24.69
N TYR AA 32 -63.05 14.39 23.82
CA TYR AA 32 -63.82 14.92 22.71
C TYR AA 32 -65.12 14.14 22.59
N GLY AA 33 -66.02 14.69 21.77
CA GLY AA 33 -67.31 14.07 21.51
C GLY AA 33 -67.34 13.41 20.15
N SER AA 34 -68.52 12.88 19.83
CA SER AA 34 -68.67 12.04 18.66
C SER AA 34 -68.19 12.70 17.36
N THR AA 35 -68.22 14.04 17.27
CA THR AA 35 -67.82 14.67 16.00
C THR AA 35 -66.36 14.40 15.63
N GLU AA 36 -65.50 14.11 16.60
CA GLU AA 36 -64.09 13.89 16.27
C GLU AA 36 -63.76 12.41 16.11
N ASP AA 37 -64.75 11.53 16.24
CA ASP AA 37 -64.53 10.10 16.02
C ASP AA 37 -63.97 9.85 14.63
N THR AA 38 -62.98 8.97 14.55
CA THR AA 38 -62.36 8.63 13.28
C THR AA 38 -62.14 7.13 13.23
N TRP AA 39 -62.25 6.57 12.03
CA TRP AA 39 -61.97 5.14 11.83
C TRP AA 39 -60.46 4.93 11.71
N GLU AA 40 -59.92 4.06 12.55
CA GLU AA 40 -58.50 3.80 12.53
C GLU AA 40 -58.24 2.32 12.28
N PRO AA 41 -57.19 1.99 11.51
CA PRO AA 41 -56.84 0.58 11.34
C PRO AA 41 -56.37 -0.04 12.65
N GLU AA 42 -56.54 -1.36 12.71
CA GLU AA 42 -56.23 -2.14 13.90
C GLU AA 42 -54.86 -1.82 14.47
N HIS AA 43 -53.86 -1.67 13.62
CA HIS AA 43 -52.50 -1.53 14.11
C HIS AA 43 -52.20 -0.15 14.69
N HIS AA 44 -53.16 0.77 14.67
CA HIS AA 44 -52.99 2.06 15.30
C HIS AA 44 -53.25 2.03 16.80
N LEU AA 45 -53.95 1.02 17.32
CA LEU AA 45 -54.27 1.02 18.75
C LEU AA 45 -53.10 0.44 19.53
N LEU AA 46 -52.51 1.24 20.40
CA LEU AA 46 -51.34 0.83 21.16
C LEU AA 46 -51.68 0.80 22.63
N HIS AA 47 -51.13 -0.19 23.30
CA HIS AA 47 -51.18 -0.28 24.75
C HIS AA 47 -49.83 0.17 25.29
N CYS AA 48 -49.84 1.16 26.17
CA CYS AA 48 -48.62 1.77 26.70
C CYS AA 48 -48.54 1.58 28.21
N GLU AA 49 -47.39 1.08 28.69
CA GLU AA 49 -47.13 0.96 30.11
C GLU AA 49 -45.83 1.66 30.43
N GLU AA 50 -45.67 2.03 31.71
CA GLU AA 50 -44.45 2.71 32.15
C GLU AA 50 -43.22 1.86 31.88
N PHE AA 51 -42.19 2.47 31.31
CA PHE AA 51 -41.02 1.70 30.90
C PHE AA 51 -40.04 1.49 32.04
N ILE AA 52 -40.01 2.41 33.02
CA ILE AA 52 -39.09 2.36 34.14
C ILE AA 52 -39.92 2.37 35.42
N ASP AA 53 -40.15 1.21 36.00
CA ASP AA 53 -40.93 1.08 37.25
C ASP AA 53 -40.34 -0.02 38.12
N PHE BA 2 -53.76 4.00 23.75
CA PHE BA 2 -53.52 5.18 22.96
C PHE BA 2 -53.54 4.80 21.47
N ALA BA 3 -53.68 5.76 20.57
CA ALA BA 3 -53.69 5.43 19.14
C ALA BA 3 -53.19 6.56 18.24
N PHE BA 4 -52.69 6.19 17.07
CA PHE BA 4 -52.37 7.18 16.06
C PHE BA 4 -53.66 7.62 15.40
N SER BA 6 -55.98 9.10 12.19
CA SER BA 6 -56.08 8.99 10.71
C SER BA 6 -55.32 7.70 10.26
N GLY CA 4 -79.39 3.28 33.14
CA GLY CA 4 -78.13 3.04 33.84
C GLY CA 4 -78.17 3.37 35.32
N ASP CA 5 -79.25 4.02 35.75
CA ASP CA 5 -79.49 4.49 37.12
C ASP CA 5 -80.12 3.43 38.02
N LEU CA 6 -80.06 3.67 39.33
CA LEU CA 6 -80.59 2.78 40.35
C LEU CA 6 -81.84 3.36 40.99
N TYR CA 7 -82.88 2.54 41.08
CA TYR CA 7 -84.16 2.95 41.65
C TYR CA 7 -84.49 2.06 42.84
N GLU CA 8 -85.12 2.64 43.85
CA GLU CA 8 -85.44 1.90 45.07
C GLU CA 8 -86.58 0.90 44.86
N VAL CA 9 -86.40 -0.31 45.39
CA VAL CA 9 -87.40 -1.38 45.28
C VAL CA 9 -88.29 -1.37 46.52
N GLU CA 10 -89.59 -1.29 46.32
CA GLU CA 10 -90.52 -1.41 47.44
C GLU CA 10 -90.87 -2.85 47.76
N ARG CA 11 -91.05 -3.70 46.75
CA ARG CA 11 -91.53 -5.05 46.98
C ARG CA 11 -91.12 -5.94 45.82
N ILE CA 12 -90.85 -7.20 46.14
CA ILE CA 12 -90.74 -8.27 45.14
C ILE CA 12 -92.12 -8.89 45.05
N VAL CA 13 -92.78 -8.73 43.90
CA VAL CA 13 -94.16 -9.18 43.74
C VAL CA 13 -94.25 -10.60 43.23
N ASP CA 14 -93.24 -11.08 42.48
CA ASP CA 14 -93.29 -12.40 41.90
C ASP CA 14 -91.89 -12.81 41.45
N LYS CA 15 -91.67 -14.13 41.45
CA LYS CA 15 -90.44 -14.76 40.97
C LYS CA 15 -90.77 -15.77 39.88
N ARG CA 16 -89.77 -16.09 39.05
CA ARG CA 16 -89.92 -17.11 38.01
C ARG CA 16 -88.56 -17.45 37.44
N LYS CA 17 -88.46 -18.65 36.87
CA LYS CA 17 -87.26 -19.07 36.16
C LYS CA 17 -87.50 -18.87 34.67
N ASN CA 18 -86.56 -18.21 33.99
CA ASN CA 18 -86.73 -17.87 32.58
C ASN CA 18 -86.26 -18.98 31.66
N LYS CA 19 -86.35 -18.71 30.35
CA LYS CA 19 -85.95 -19.69 29.34
C LYS CA 19 -84.51 -20.15 29.57
N LYS CA 20 -83.62 -19.24 29.96
CA LYS CA 20 -82.24 -19.60 30.25
C LYS CA 20 -82.07 -20.33 31.58
N GLY CA 21 -83.16 -20.63 32.29
CA GLY CA 21 -83.08 -21.34 33.56
C GLY CA 21 -82.65 -20.51 34.74
N LYS CA 22 -82.51 -19.19 34.57
CA LYS CA 22 -82.10 -18.24 35.59
C LYS CA 22 -83.31 -17.50 36.17
N TRP CA 23 -83.15 -16.97 37.38
CA TRP CA 23 -84.26 -16.35 38.11
C TRP CA 23 -84.48 -14.88 37.72
N GLU CA 24 -85.75 -14.49 37.74
CA GLU CA 24 -86.22 -13.14 37.46
C GLU CA 24 -87.25 -12.75 38.51
N TYR CA 25 -87.29 -11.47 38.85
CA TYR CA 25 -88.19 -10.95 39.87
C TYR CA 25 -89.01 -9.79 39.31
N LEU CA 26 -90.29 -9.75 39.69
CA LEU CA 26 -91.20 -8.68 39.31
C LEU CA 26 -91.14 -7.57 40.36
N ILE CA 27 -90.62 -6.41 39.98
CA ILE CA 27 -90.23 -5.36 40.92
C ILE CA 27 -91.35 -4.34 41.04
N ARG CA 28 -91.80 -4.09 42.27
CA ARG CA 28 -92.63 -2.94 42.59
C ARG CA 28 -91.71 -1.81 43.00
N TRP CA 29 -91.62 -0.77 42.17
CA TRP CA 29 -90.71 0.35 42.41
C TRP CA 29 -91.34 1.31 43.40
N LYS CA 30 -90.57 1.67 44.45
CA LYS CA 30 -91.07 2.60 45.45
C LYS CA 30 -91.52 3.91 44.79
N GLY CA 31 -92.72 4.36 45.16
CA GLY CA 31 -93.31 5.55 44.58
C GLY CA 31 -94.17 5.33 43.35
N TYR CA 32 -94.39 4.09 42.94
CA TYR CA 32 -95.16 3.77 41.74
C TYR CA 32 -96.19 2.68 42.03
N GLY CA 33 -97.10 2.51 41.06
CA GLY CA 33 -98.14 1.52 41.14
C GLY CA 33 -97.86 0.31 40.25
N SER CA 34 -98.83 -0.62 40.24
CA SER CA 34 -98.64 -1.90 39.56
C SER CA 34 -98.31 -1.73 38.08
N THR CA 35 -98.76 -0.64 37.45
CA THR CA 35 -98.52 -0.44 36.02
C THR CA 35 -97.03 -0.35 35.67
N GLU CA 36 -96.17 0.00 36.63
CA GLU CA 36 -94.75 0.18 36.37
C GLU CA 36 -93.91 -1.03 36.74
N ASP CA 37 -94.52 -2.11 37.22
CA ASP CA 37 -93.77 -3.31 37.59
C ASP CA 37 -93.01 -3.86 36.40
N THR CA 38 -91.78 -4.32 36.64
CA THR CA 38 -90.98 -4.90 35.57
C THR CA 38 -90.29 -6.15 36.09
N TRP CA 39 -90.11 -7.12 35.20
CA TRP CA 39 -89.35 -8.31 35.52
C TRP CA 39 -87.88 -7.99 35.31
N GLU CA 40 -87.08 -8.11 36.36
CA GLU CA 40 -85.66 -7.78 36.27
C GLU CA 40 -84.87 -9.01 36.64
N PRO CA 41 -83.73 -9.23 36.00
CA PRO CA 41 -82.94 -10.40 36.38
C PRO CA 41 -82.40 -10.29 37.80
N GLU CA 42 -82.16 -11.46 38.38
CA GLU CA 42 -81.69 -11.55 39.76
C GLU CA 42 -80.56 -10.58 40.03
N HIS CA 43 -79.59 -10.48 39.10
CA HIS CA 43 -78.42 -9.68 39.42
C HIS CA 43 -78.68 -8.17 39.38
N HIS CA 44 -79.89 -7.73 39.06
CA HIS CA 44 -80.27 -6.31 39.13
C HIS CA 44 -80.60 -5.80 40.54
N LEU CA 45 -80.82 -6.69 41.52
CA LEU CA 45 -81.18 -6.27 42.89
C LEU CA 45 -79.92 -5.94 43.69
N LEU CA 46 -79.76 -4.67 44.08
CA LEU CA 46 -78.55 -4.25 44.78
C LEU CA 46 -78.86 -3.74 46.19
N HIS CA 47 -77.97 -4.08 47.12
CA HIS CA 47 -77.97 -3.54 48.47
C HIS CA 47 -76.87 -2.47 48.56
N CYS CA 48 -77.24 -1.26 48.93
CA CYS CA 48 -76.31 -0.13 48.91
C CYS CA 48 -76.09 0.41 50.33
N GLU CA 49 -74.82 0.59 50.70
CA GLU CA 49 -74.39 1.14 51.98
C GLU CA 49 -73.44 2.31 51.75
N GLU CA 50 -73.26 3.13 52.78
CA GLU CA 50 -72.31 4.25 52.66
C GLU CA 50 -70.91 3.72 52.36
N PHE CA 51 -70.27 4.35 51.35
CA PHE CA 51 -68.97 3.93 50.83
C PHE CA 51 -67.82 4.44 51.66
N ILE CA 52 -68.00 5.55 52.37
CA ILE CA 52 -66.98 6.19 53.21
C ILE CA 52 -67.56 6.35 54.61
N ASP CA 53 -67.15 5.50 55.55
CA ASP CA 53 -67.67 5.62 56.92
C ASP CA 53 -66.61 5.28 57.98
N PHE DA 2 -82.00 -1.41 46.01
CA PHE DA 2 -82.19 -0.61 44.81
C PHE DA 2 -82.07 -1.53 43.60
N ALA DA 3 -82.63 -1.15 42.45
CA ALA DA 3 -82.49 -2.00 41.26
C ALA DA 3 -82.41 -1.21 39.94
N PHE DA 4 -81.73 -1.80 38.95
CA PHE DA 4 -81.73 -1.26 37.59
C PHE DA 4 -83.01 -1.61 36.84
N SER DA 6 -84.77 -1.98 33.65
CA SER DA 6 -84.36 -2.25 32.25
C SER DA 6 -85.17 -3.45 31.81
N GLY EA 4 -84.36 10.79 45.08
CA GLY EA 4 -84.40 9.49 45.73
C GLY EA 4 -83.72 8.39 44.95
N ASP EA 5 -83.37 8.69 43.71
CA ASP EA 5 -82.68 7.71 42.89
C ASP EA 5 -81.17 7.83 43.08
N LEU EA 6 -80.46 6.78 42.65
CA LEU EA 6 -79.00 6.71 42.71
C LEU EA 6 -78.41 6.80 41.32
N TYR EA 7 -77.37 7.63 41.17
CA TYR EA 7 -76.70 7.85 39.90
C TYR EA 7 -75.24 7.43 40.04
N GLU EA 8 -74.68 6.88 38.97
CA GLU EA 8 -73.29 6.43 39.03
C GLU EA 8 -72.31 7.59 39.06
N VAL EA 9 -71.31 7.50 39.92
CA VAL EA 9 -70.28 8.53 40.07
C VAL EA 9 -69.11 8.16 39.19
N GLU EA 10 -68.73 9.06 38.29
CA GLU EA 10 -67.57 8.84 37.42
C GLU EA 10 -66.26 9.28 38.06
N ARG EA 11 -66.28 10.39 38.79
CA ARG EA 11 -65.05 10.98 39.28
C ARG EA 11 -65.38 11.87 40.46
N ILE EA 12 -64.50 11.91 41.45
CA ILE EA 12 -64.54 12.94 42.47
C ILE EA 12 -63.58 14.04 42.00
N VAL EA 13 -64.14 15.21 41.67
CA VAL EA 13 -63.33 16.25 41.04
C VAL EA 13 -62.61 17.08 42.06
N ASP EA 14 -63.17 17.17 43.27
CA ASP EA 14 -62.61 17.98 44.33
C ASP EA 14 -63.25 17.53 45.64
N LYS EA 15 -62.48 17.64 46.72
CA LYS EA 15 -62.96 17.36 48.06
C LYS EA 15 -62.76 18.59 48.92
N ARG EA 16 -63.49 18.66 50.04
CA ARG EA 16 -63.37 19.78 50.98
C ARG EA 16 -64.04 19.41 52.30
N LYS EA 17 -63.55 20.00 53.37
CA LYS EA 17 -64.12 19.86 54.69
C LYS EA 17 -64.93 21.10 55.01
N ASN EA 18 -66.15 20.91 55.51
CA ASN EA 18 -66.95 22.06 55.87
C ASN EA 18 -66.57 22.46 57.30
N LYS EA 19 -67.22 23.52 57.81
CA LYS EA 19 -66.94 23.98 59.17
C LYS EA 19 -67.22 22.89 60.21
N LYS EA 20 -68.30 22.11 60.02
CA LYS EA 20 -68.65 21.06 60.99
C LYS EA 20 -67.71 19.88 60.96
N GLY EA 21 -66.63 19.90 60.20
CA GLY EA 21 -65.72 18.78 60.17
C GLY EA 21 -66.17 17.65 59.28
N LYS EA 22 -67.25 17.84 58.53
CA LYS EA 22 -67.75 16.83 57.62
C LYS EA 22 -67.30 17.14 56.20
N TRP EA 23 -67.12 16.09 55.42
CA TRP EA 23 -66.59 16.19 54.07
C TRP EA 23 -67.70 16.34 53.03
N GLU EA 24 -67.36 17.02 51.92
CA GLU EA 24 -68.25 17.13 50.78
C GLU EA 24 -67.43 16.91 49.50
N TYR EA 25 -68.06 16.29 48.51
CA TYR EA 25 -67.34 15.89 47.31
C TYR EA 25 -68.05 16.44 46.08
N LEU EA 26 -67.25 16.93 45.13
CA LEU EA 26 -67.77 17.45 43.87
C LEU EA 26 -67.86 16.28 42.90
N ILE EA 27 -69.08 15.90 42.55
CA ILE EA 27 -69.31 14.63 41.89
C ILE EA 27 -69.41 14.86 40.40
N ARG EA 28 -68.60 14.12 39.63
CA ARG EA 28 -68.80 14.03 38.19
C ARG EA 28 -69.71 12.82 37.94
N TRP EA 29 -70.91 13.10 37.45
CA TRP EA 29 -71.88 12.04 37.23
C TRP EA 29 -71.63 11.37 35.88
N LYS EA 30 -71.47 10.05 35.90
CA LYS EA 30 -71.26 9.31 34.66
C LYS EA 30 -72.38 9.59 33.67
N GLY EA 31 -72.00 9.91 32.44
CA GLY EA 31 -72.96 10.28 31.41
C GLY EA 31 -73.26 11.76 31.30
N TYR EA 32 -72.62 12.61 32.09
CA TYR EA 32 -72.88 14.05 32.04
C TYR EA 32 -71.55 14.80 32.02
N GLY EA 33 -71.63 16.10 31.79
CA GLY EA 33 -70.48 16.97 31.75
C GLY EA 33 -70.35 17.85 32.99
N SER EA 34 -69.33 18.71 32.95
CA SER EA 34 -69.03 19.58 34.09
C SER EA 34 -70.23 20.46 34.46
N THR EA 35 -71.10 20.75 33.48
CA THR EA 35 -72.27 21.60 33.73
C THR EA 35 -73.19 20.98 34.79
N GLU EA 36 -73.11 19.66 34.98
CA GLU EA 36 -73.96 18.97 35.94
C GLU EA 36 -73.23 18.63 37.24
N ASP EA 37 -71.95 18.99 37.38
CA ASP EA 37 -71.24 18.71 38.63
C ASP EA 37 -71.94 19.35 39.82
N THR EA 38 -72.03 18.62 40.92
CA THR EA 38 -72.69 19.09 42.14
C THR EA 38 -71.90 18.65 43.36
N TRP EA 39 -71.97 19.47 44.40
CA TRP EA 39 -71.35 19.13 45.68
C TRP EA 39 -72.29 18.24 46.47
N GLU EA 40 -71.80 17.08 46.91
CA GLU EA 40 -72.60 16.12 47.63
C GLU EA 40 -71.98 15.81 48.99
N PRO EA 41 -72.80 15.61 50.02
CA PRO EA 41 -72.24 15.22 51.33
C PRO EA 41 -71.65 13.82 51.27
N GLU EA 42 -70.69 13.57 52.16
CA GLU EA 42 -69.96 12.29 52.18
C GLU EA 42 -70.91 11.08 52.17
N HIS EA 43 -71.96 11.11 52.98
CA HIS EA 43 -72.79 9.93 53.13
C HIS EA 43 -73.73 9.68 51.93
N HIS EA 44 -73.73 10.56 50.93
CA HIS EA 44 -74.52 10.28 49.74
C HIS EA 44 -73.86 9.25 48.84
N LEU EA 45 -72.56 9.03 49.01
CA LEU EA 45 -71.82 8.09 48.19
C LEU EA 45 -72.02 6.67 48.73
N LEU EA 46 -72.61 5.80 47.91
CA LEU EA 46 -72.97 4.44 48.29
C LEU EA 46 -72.21 3.40 47.48
N HIS EA 47 -71.86 2.29 48.13
CA HIS EA 47 -71.33 1.10 47.47
C HIS EA 47 -72.43 0.05 47.35
N CYS EA 48 -72.66 -0.45 46.14
CA CYS EA 48 -73.76 -1.37 45.88
C CYS EA 48 -73.24 -2.72 45.41
N GLU EA 49 -73.74 -3.78 46.02
CA GLU EA 49 -73.42 -5.15 45.65
C GLU EA 49 -74.73 -5.87 45.37
N GLU EA 50 -74.63 -7.01 44.68
CA GLU EA 50 -75.79 -7.82 44.43
C GLU EA 50 -76.41 -8.31 45.73
N PHE EA 51 -77.73 -8.18 45.83
CA PHE EA 51 -78.43 -8.55 47.05
C PHE EA 51 -78.72 -10.04 47.10
N ILE EA 52 -78.72 -10.71 45.93
CA ILE EA 52 -78.95 -12.16 45.81
C ILE EA 52 -77.75 -12.73 45.08
N ASP EA 53 -76.83 -13.36 45.80
CA ASP EA 53 -75.63 -13.94 45.20
C ASP EA 53 -75.28 -15.28 45.83
N PHE FA 2 -72.23 4.70 43.55
CA PHE FA 2 -73.39 5.46 43.11
C PHE FA 2 -73.73 6.52 44.17
N ALA FA 3 -74.36 7.63 43.80
CA ALA FA 3 -74.65 8.63 44.82
C ALA FA 3 -76.00 9.29 44.67
N PHE FA 4 -76.51 9.72 45.82
CA PHE FA 4 -77.68 10.59 45.84
C PHE FA 4 -77.27 11.98 45.33
N SER FA 6 -77.83 15.54 45.70
CA SER FA 6 -78.43 16.52 46.64
C SER FA 6 -78.94 17.68 45.73
N GLY GA 4 -50.22 -6.29 40.09
CA GLY GA 4 -50.67 -5.54 38.91
C GLY GA 4 -52.18 -5.57 38.73
N ASP GA 5 -52.85 -6.41 39.53
CA ASP GA 5 -54.29 -6.60 39.44
C ASP GA 5 -55.06 -5.52 40.18
N LEU GA 6 -56.33 -5.38 39.81
CA LEU GA 6 -57.26 -4.42 40.41
C LEU GA 6 -58.33 -5.18 41.20
N TYR GA 7 -58.57 -4.76 42.44
CA TYR GA 7 -59.53 -5.38 43.32
C TYR GA 7 -60.62 -4.37 43.68
N GLU GA 8 -61.85 -4.86 43.80
CA GLU GA 8 -62.96 -3.95 44.07
C GLU GA 8 -62.86 -3.42 45.50
N VAL GA 9 -63.14 -2.13 45.64
CA VAL GA 9 -63.14 -1.48 46.95
C VAL GA 9 -64.53 -1.56 47.53
N GLU GA 10 -64.64 -2.10 48.73
CA GLU GA 10 -65.90 -2.18 49.44
C GLU GA 10 -66.17 -0.92 50.27
N ARG GA 11 -65.15 -0.39 50.92
CA ARG GA 11 -65.36 0.74 51.82
C ARG GA 11 -64.05 1.47 51.99
N ILE GA 12 -64.16 2.78 52.15
CA ILE GA 12 -63.08 3.61 52.67
C ILE GA 12 -63.32 3.78 54.16
N VAL GA 13 -62.42 3.24 54.97
CA VAL GA 13 -62.60 3.22 56.41
C VAL GA 13 -62.07 4.47 57.09
N ASP GA 14 -61.07 5.12 56.51
CA ASP GA 14 -60.47 6.29 57.12
C ASP GA 14 -59.66 7.01 56.05
N LYS GA 15 -59.47 8.31 56.25
CA LYS GA 15 -58.64 9.14 55.39
C LYS GA 15 -57.53 9.76 56.23
N ARG GA 16 -56.45 10.17 55.57
CA ARG GA 16 -55.35 10.86 56.23
C ARG GA 16 -54.43 11.48 55.19
N LYS GA 17 -53.74 12.55 55.59
CA LYS GA 17 -52.73 13.19 54.75
C LYS GA 17 -51.37 12.65 55.17
N ASN GA 18 -50.57 12.26 54.18
CA ASN GA 18 -49.27 11.67 54.46
C ASN GA 18 -48.23 12.78 54.62
N LYS GA 19 -46.98 12.39 54.91
CA LYS GA 19 -45.92 13.38 55.12
C LYS GA 19 -45.76 14.27 53.90
N LYS GA 20 -45.80 13.68 52.69
CA LYS GA 20 -45.64 14.43 51.44
C LYS GA 20 -46.83 15.28 51.08
N GLY GA 21 -47.85 15.39 51.93
CA GLY GA 21 -49.01 16.21 51.60
C GLY GA 21 -50.01 15.56 50.67
N LYS GA 22 -49.82 14.28 50.36
CA LYS GA 22 -50.74 13.53 49.52
C LYS GA 22 -51.66 12.70 50.40
N TRP GA 23 -52.86 12.43 49.88
CA TRP GA 23 -53.88 11.72 50.64
C TRP GA 23 -53.70 10.21 50.54
N GLU GA 24 -54.06 9.53 51.62
CA GLU GA 24 -54.04 8.07 51.68
C GLU GA 24 -55.33 7.56 52.31
N TYR GA 25 -55.79 6.41 51.85
CA TYR GA 25 -57.05 5.86 52.30
C TYR GA 25 -56.85 4.43 52.78
N LEU GA 26 -57.51 4.10 53.88
CA LEU GA 26 -57.51 2.74 54.43
C LEU GA 26 -58.61 1.94 53.75
N ILE GA 27 -58.22 0.91 53.00
CA ILE GA 27 -59.13 0.23 52.07
C ILE GA 27 -59.70 -1.02 52.73
N ARG GA 28 -61.03 -1.10 52.75
CA ARG GA 28 -61.74 -2.35 53.02
C ARG GA 28 -62.00 -3.05 51.69
N TRP GA 29 -61.34 -4.19 51.49
CA TRP GA 29 -61.43 -4.90 50.23
C TRP GA 29 -62.67 -5.78 50.19
N LYS GA 30 -63.48 -5.62 49.13
CA LYS GA 30 -64.67 -6.44 49.00
C LYS GA 30 -64.30 -7.92 49.02
N GLY GA 31 -65.00 -8.67 49.85
CA GLY GA 31 -64.72 -10.08 50.01
C GLY GA 31 -63.71 -10.42 51.09
N TYR GA 32 -63.18 -9.42 51.81
CA TYR GA 32 -62.24 -9.66 52.90
C TYR GA 32 -62.70 -8.85 54.11
N GLY GA 33 -62.11 -9.16 55.26
CA GLY GA 33 -62.41 -8.46 56.49
C GLY GA 33 -61.31 -7.49 56.91
N SER GA 34 -61.54 -6.88 58.08
CA SER GA 34 -60.65 -5.85 58.60
C SER GA 34 -59.21 -6.33 58.75
N THR GA 35 -59.01 -7.64 58.93
CA THR GA 35 -57.65 -8.14 59.06
C THR GA 35 -56.81 -7.87 57.81
N GLU GA 36 -57.44 -7.71 56.64
CA GLU GA 36 -56.73 -7.48 55.38
C GLU GA 36 -56.72 -6.03 54.90
N ASP GA 37 -57.28 -5.08 55.66
CA ASP GA 37 -57.22 -3.67 55.25
C ASP GA 37 -55.79 -3.21 55.10
N THR GA 38 -55.55 -2.39 54.07
CA THR GA 38 -54.23 -1.81 53.82
C THR GA 38 -54.41 -0.35 53.45
N TRP GA 39 -53.41 0.47 53.77
CA TRP GA 39 -53.40 1.85 53.34
C TRP GA 39 -52.90 1.96 51.90
N GLU GA 40 -53.71 2.60 51.05
CA GLU GA 40 -53.37 2.77 49.64
C GLU GA 40 -53.38 4.25 49.28
N PRO GA 41 -52.48 4.70 48.40
CA PRO GA 41 -52.51 6.10 47.97
C PRO GA 41 -53.73 6.46 47.12
N GLU GA 42 -54.07 7.75 47.16
CA GLU GA 42 -55.25 8.28 46.46
C GLU GA 42 -55.29 7.82 45.01
N HIS GA 43 -54.16 7.83 44.33
CA HIS GA 43 -54.19 7.55 42.90
C HIS GA 43 -54.40 6.07 42.60
N HIS GA 44 -54.59 5.24 43.61
CA HIS GA 44 -54.93 3.83 43.41
C HIS GA 44 -56.41 3.61 43.14
N LEU GA 45 -57.29 4.55 43.48
CA LEU GA 45 -58.72 4.34 43.33
C LEU GA 45 -59.10 4.67 41.89
N LEU GA 46 -59.58 3.65 41.17
CA LEU GA 46 -59.90 3.79 39.76
C LEU GA 46 -61.39 3.56 39.54
N HIS GA 47 -61.95 4.32 38.62
CA HIS GA 47 -63.29 4.06 38.10
C HIS GA 47 -63.14 3.37 36.74
N CYS GA 48 -63.80 2.23 36.58
CA CYS GA 48 -63.68 1.41 35.39
C CYS GA 48 -65.00 1.37 34.64
N GLU GA 49 -64.95 1.65 33.34
CA GLU GA 49 -66.10 1.61 32.46
C GLU GA 49 -65.78 0.69 31.29
N GLU GA 50 -66.83 0.22 30.63
CA GLU GA 50 -66.66 -0.64 29.47
C GLU GA 50 -65.89 0.07 28.38
N PHE GA 51 -64.91 -0.63 27.81
CA PHE GA 51 -64.01 -0.08 26.81
C PHE GA 51 -64.55 -0.16 25.39
N ILE GA 52 -65.41 -1.13 25.09
CA ILE GA 52 -65.97 -1.31 23.75
C ILE GA 52 -67.48 -1.30 23.92
N ASP GA 53 -68.11 -0.15 23.66
CA ASP GA 53 -69.57 -0.01 23.77
C ASP GA 53 -70.09 0.90 22.67
N PHE HA 2 -62.49 0.20 41.77
CA PHE HA 2 -61.49 -0.81 42.05
C PHE HA 2 -60.18 -0.14 42.49
N ALA HA 3 -59.24 -0.88 43.08
CA ALA HA 3 -57.94 -0.30 43.47
C ALA HA 3 -56.74 -1.26 43.34
N PHE HA 4 -55.54 -0.68 43.25
CA PHE HA 4 -54.27 -1.43 43.33
C PHE HA 4 -53.85 -1.75 44.77
N SER HA 6 -51.07 -3.14 47.70
CA SER HA 6 -49.64 -3.15 48.14
C SER HA 6 -49.70 -2.12 49.30
N GLY IA 4 -64.20 -12.09 39.83
CA GLY IA 4 -64.68 -10.77 40.17
C GLY IA 4 -63.60 -9.69 40.25
N ASP IA 5 -62.33 -10.11 40.23
CA ASP IA 5 -61.19 -9.19 40.21
C ASP IA 5 -60.84 -8.82 38.77
N LEU IA 6 -60.12 -7.72 38.60
CA LEU IA 6 -59.71 -7.27 37.27
C LEU IA 6 -58.25 -7.60 37.03
N TYR IA 7 -57.96 -8.17 35.88
CA TYR IA 7 -56.61 -8.57 35.52
C TYR IA 7 -56.16 -7.77 34.33
N GLU IA 8 -54.90 -7.37 34.32
CA GLU IA 8 -54.45 -6.51 33.24
C GLU IA 8 -54.35 -7.33 31.97
N VAL IA 9 -54.86 -6.75 30.89
CA VAL IA 9 -54.85 -7.39 29.58
C VAL IA 9 -53.60 -6.93 28.85
N GLU IA 10 -52.82 -7.88 28.37
CA GLU IA 10 -51.68 -7.50 27.55
C GLU IA 10 -52.04 -7.35 26.08
N ARG IA 11 -52.90 -8.22 25.55
CA ARG IA 11 -53.18 -8.18 24.13
C ARG IA 11 -54.49 -8.88 23.85
N ILE IA 12 -55.18 -8.41 22.83
CA ILE IA 12 -56.30 -9.12 22.23
C ILE IA 12 -55.79 -9.92 21.04
N VAL IA 13 -55.85 -11.25 21.14
CA VAL IA 13 -55.28 -12.16 20.17
C VAL IA 13 -56.24 -12.55 19.05
N ASP IA 14 -57.55 -12.50 19.30
CA ASP IA 14 -58.53 -12.96 18.32
C ASP IA 14 -59.91 -12.43 18.69
N LYS IA 15 -60.75 -12.25 17.67
CA LYS IA 15 -62.13 -11.85 17.87
C LYS IA 15 -63.01 -12.92 17.26
N ARG IA 16 -64.27 -13.00 17.71
CA ARG IA 16 -65.23 -13.94 17.15
C ARG IA 16 -66.62 -13.62 17.71
N LYS IA 17 -67.63 -14.03 16.96
CA LYS IA 17 -69.02 -13.90 17.37
C LYS IA 17 -69.52 -15.21 17.97
N ASN IA 18 -70.24 -15.10 19.10
CA ASN IA 18 -70.78 -16.31 19.74
C ASN IA 18 -72.14 -16.63 19.11
N LYS IA 19 -72.73 -17.75 19.56
CA LYS IA 19 -74.02 -18.19 19.02
C LYS IA 19 -75.09 -17.13 19.18
N LYS IA 20 -75.13 -16.48 20.34
CA LYS IA 20 -76.11 -15.40 20.55
C LYS IA 20 -75.78 -14.13 19.78
N GLY IA 21 -74.77 -14.14 18.90
CA GLY IA 21 -74.44 -12.99 18.08
C GLY IA 21 -73.62 -11.91 18.74
N LYS IA 22 -73.07 -12.18 19.92
CA LYS IA 22 -72.26 -11.23 20.66
C LYS IA 22 -70.79 -11.49 20.39
N TRP IA 23 -69.99 -10.43 20.53
CA TRP IA 23 -68.57 -10.49 20.24
C TRP IA 23 -67.80 -10.96 21.46
N GLU IA 24 -66.76 -11.75 21.21
CA GLU IA 24 -65.88 -12.24 22.25
C GLU IA 24 -64.44 -12.08 21.78
N TYR IA 25 -63.55 -11.84 22.74
CA TYR IA 25 -62.17 -11.57 22.43
C TYR IA 25 -61.31 -12.56 23.19
N LEU IA 26 -60.27 -13.07 22.52
CA LEU IA 26 -59.32 -13.99 23.13
C LEU IA 26 -58.20 -13.19 23.77
N ILE IA 27 -58.10 -13.27 25.09
CA ILE IA 27 -57.28 -12.35 25.86
C ILE IA 27 -55.96 -13.03 26.21
N ARG IA 28 -54.86 -12.34 25.91
CA ARG IA 28 -53.54 -12.65 26.45
C ARG IA 28 -53.40 -11.85 27.73
N TRP IA 29 -53.34 -12.54 28.86
CA TRP IA 29 -53.27 -11.85 30.14
C TRP IA 29 -51.84 -11.46 30.43
N LYS IA 30 -51.63 -10.20 30.84
CA LYS IA 30 -50.29 -9.70 31.15
C LYS IA 30 -49.60 -10.58 32.20
N GLY IA 31 -48.36 -10.97 31.91
CA GLY IA 31 -47.64 -11.85 32.79
C GLY IA 31 -47.83 -13.32 32.51
N TYR IA 32 -48.58 -13.68 31.48
CA TYR IA 32 -48.83 -15.08 31.16
C TYR IA 32 -48.62 -15.29 29.66
N GLY IA 33 -48.58 -16.56 29.27
CA GLY IA 33 -48.46 -16.96 27.89
C GLY IA 33 -49.76 -17.54 27.38
N SER IA 34 -49.70 -18.02 26.13
CA SER IA 34 -50.89 -18.54 25.45
C SER IA 34 -51.57 -19.65 26.23
N THR IA 35 -50.86 -20.33 27.13
CA THR IA 35 -51.48 -21.40 27.92
C THR IA 35 -52.66 -20.90 28.74
N GLU IA 36 -52.65 -19.63 29.12
CA GLU IA 36 -53.70 -19.08 29.97
C GLU IA 36 -54.71 -18.22 29.22
N ASP IA 37 -54.58 -18.10 27.90
CA ASP IA 37 -55.54 -17.30 27.13
C ASP IA 37 -56.96 -17.83 27.30
N THR IA 38 -57.91 -16.91 27.47
CA THR IA 38 -59.31 -17.25 27.62
C THR IA 38 -60.14 -16.31 26.77
N TRP IA 39 -61.26 -16.82 26.25
CA TRP IA 39 -62.22 -16.02 25.50
C TRP IA 39 -63.16 -15.27 26.45
N GLU IA 40 -63.22 -13.95 26.31
CA GLU IA 40 -64.05 -13.16 27.21
C GLU IA 40 -65.12 -12.38 26.45
N PRO IA 41 -66.32 -12.23 27.02
CA PRO IA 41 -67.34 -11.44 26.34
C PRO IA 41 -66.92 -9.98 26.24
N GLU IA 42 -67.46 -9.30 25.23
CA GLU IA 42 -67.05 -7.92 24.94
C GLU IA 42 -67.08 -7.02 26.18
N HIS IA 43 -68.15 -7.08 26.97
CA HIS IA 43 -68.31 -6.13 28.07
C HIS IA 43 -67.40 -6.44 29.26
N HIS IA 44 -66.52 -7.46 29.16
CA HIS IA 44 -65.54 -7.72 30.21
C HIS IA 44 -64.33 -6.81 30.14
N LEU IA 45 -64.07 -6.19 28.99
CA LEU IA 45 -62.90 -5.32 28.86
C LEU IA 45 -63.23 -3.95 29.44
N LEU IA 46 -62.51 -3.55 30.48
CA LEU IA 46 -62.79 -2.30 31.16
C LEU IA 46 -61.65 -1.31 30.97
N HIS IA 47 -62.01 -0.04 30.83
CA HIS IA 47 -61.06 1.05 30.84
C HIS IA 47 -61.11 1.73 32.21
N CYS IA 48 -59.96 1.79 32.88
CA CYS IA 48 -59.88 2.31 34.23
C CYS IA 48 -59.02 3.56 34.28
N GLU IA 49 -59.58 4.64 34.84
CA GLU IA 49 -58.91 5.90 35.05
C GLU IA 49 -59.04 6.24 36.52
N GLU IA 50 -58.21 7.18 36.99
CA GLU IA 50 -58.22 7.57 38.39
C GLU IA 50 -59.57 8.14 38.81
N PHE IA 51 -60.04 7.68 39.98
CA PHE IA 51 -61.36 8.02 40.52
C PHE IA 51 -61.38 9.37 41.21
N ILE IA 52 -60.23 9.86 41.72
CA ILE IA 52 -60.17 11.13 42.43
C ILE IA 52 -59.17 12.04 41.71
N ASP IA 53 -59.68 12.94 40.87
CA ASP IA 53 -58.88 13.90 40.11
C ASP IA 53 -59.78 14.80 39.28
N PHE JA 2 -58.25 -3.36 31.62
CA PHE JA 2 -58.35 -4.52 32.48
C PHE JA 2 -59.61 -5.33 32.13
N ALA JA 3 -59.61 -6.64 32.35
CA ALA JA 3 -60.80 -7.45 32.05
C ALA JA 3 -61.14 -8.41 33.17
N PHE JA 4 -62.42 -8.73 33.31
CA PHE JA 4 -62.84 -9.84 34.16
C PHE JA 4 -62.42 -11.15 33.47
N SER JA 6 -63.66 -14.71 32.80
CA SER JA 6 -64.73 -15.72 32.76
C SER JA 6 -64.08 -17.00 32.16
N GLY KA 4 -13.56 13.77 1.33
CA GLY KA 4 -12.75 12.57 1.55
C GLY KA 4 -13.06 11.95 2.89
N ASP KA 5 -13.84 12.68 3.68
CA ASP KA 5 -14.28 12.34 5.03
C ASP KA 5 -15.56 11.49 5.01
N LEU KA 6 -15.82 10.82 6.14
CA LEU KA 6 -17.02 10.01 6.32
C LEU KA 6 -17.98 10.68 7.29
N TYR KA 7 -19.25 10.73 6.93
CA TYR KA 7 -20.30 11.33 7.73
C TYR KA 7 -21.33 10.27 8.09
N GLU KA 8 -21.87 10.38 9.29
CA GLU KA 8 -22.79 9.36 9.79
C GLU KA 8 -24.14 9.44 9.08
N VAL KA 9 -24.65 8.28 8.67
CA VAL KA 9 -25.90 8.15 7.95
C VAL KA 9 -27.03 7.85 8.93
N GLU KA 10 -28.12 8.61 8.84
CA GLU KA 10 -29.30 8.35 9.65
C GLU KA 10 -30.20 7.29 8.99
N ARG KA 11 -30.45 7.44 7.69
CA ARG KA 11 -31.43 6.62 7.01
C ARG KA 11 -31.14 6.67 5.52
N ILE KA 12 -31.49 5.60 4.80
CA ILE KA 12 -31.61 5.66 3.35
C ILE KA 12 -33.07 5.94 3.03
N VAL KA 13 -33.36 7.12 2.49
CA VAL KA 13 -34.74 7.52 2.23
C VAL KA 13 -35.24 7.16 0.84
N ASP KA 14 -34.34 6.85 -0.10
CA ASP KA 14 -34.75 6.46 -1.45
C ASP KA 14 -33.60 5.79 -2.18
N LYS KA 15 -33.95 4.92 -3.14
CA LYS KA 15 -32.98 4.28 -4.04
C LYS KA 15 -33.36 4.58 -5.49
N ARG KA 16 -32.38 4.48 -6.38
CA ARG KA 16 -32.62 4.67 -7.81
C ARG KA 16 -31.39 4.23 -8.60
N LYS KA 17 -31.62 3.85 -9.86
CA LYS KA 17 -30.55 3.46 -10.77
C LYS KA 17 -30.21 4.64 -11.68
N ASN KA 18 -28.92 4.97 -11.81
CA ASN KA 18 -28.58 6.13 -12.62
C ASN KA 18 -28.39 5.76 -14.09
N LYS KA 19 -28.14 6.79 -14.91
CA LYS KA 19 -27.99 6.59 -16.34
C LYS KA 19 -26.92 5.55 -16.65
N LYS KA 20 -25.80 5.57 -15.93
CA LYS KA 20 -24.73 4.59 -16.14
C LYS KA 20 -25.07 3.20 -15.60
N GLY KA 21 -26.27 2.97 -15.07
CA GLY KA 21 -26.61 1.64 -14.61
C GLY KA 21 -26.09 1.26 -13.24
N LYS KA 22 -25.54 2.21 -12.49
CA LYS KA 22 -25.07 1.99 -11.13
C LYS KA 22 -26.11 2.49 -10.13
N TRP KA 23 -26.12 1.91 -8.93
CA TRP KA 23 -27.12 2.26 -7.93
C TRP KA 23 -26.69 3.47 -7.11
N GLU KA 24 -27.68 4.28 -6.74
CA GLU KA 24 -27.47 5.46 -5.91
C GLU KA 24 -28.56 5.51 -4.86
N TYR KA 25 -28.20 6.02 -3.68
CA TYR KA 25 -29.11 6.07 -2.56
C TYR KA 25 -29.24 7.50 -2.06
N LEU KA 26 -30.46 7.88 -1.70
CA LEU KA 26 -30.74 9.20 -1.17
C LEU KA 26 -30.52 9.17 0.33
N ILE KA 27 -29.51 9.91 0.80
CA ILE KA 27 -28.99 9.78 2.15
C ILE KA 27 -29.57 10.88 3.03
N ARG KA 28 -30.22 10.49 4.11
CA ARG KA 28 -30.53 11.41 5.21
C ARG KA 28 -29.35 11.36 6.18
N TRP KA 29 -28.60 12.46 6.25
CA TRP KA 29 -27.39 12.51 7.08
C TRP KA 29 -27.75 12.82 8.54
N LYS KA 30 -27.24 12.01 9.46
CA LYS KA 30 -27.48 12.23 10.89
C LYS KA 30 -27.14 13.65 11.31
N GLY KA 31 -28.08 14.27 12.03
CA GLY KA 31 -27.95 15.65 12.44
C GLY KA 31 -28.55 16.67 11.48
N TYR KA 32 -29.17 16.22 10.39
CA TYR KA 32 -29.70 17.14 9.40
C TYR KA 32 -31.09 16.70 8.98
N GLY KA 33 -31.76 17.59 8.23
CA GLY KA 33 -33.08 17.34 7.71
C GLY KA 33 -33.07 17.09 6.21
N SER KA 34 -34.28 16.91 5.66
CA SER KA 34 -34.43 16.55 4.26
C SER KA 34 -33.79 17.59 3.35
N THR KA 35 -33.68 18.83 3.82
CA THR KA 35 -33.04 19.87 3.04
C THR KA 35 -31.60 19.50 2.68
N GLU KA 36 -30.96 18.61 3.45
CA GLU KA 36 -29.57 18.24 3.27
C GLU KA 36 -29.36 16.90 2.59
N ASP KA 37 -30.44 16.18 2.26
CA ASP KA 37 -30.37 14.88 1.62
C ASP KA 37 -29.63 14.98 0.29
N THR KA 38 -28.79 13.98 0.00
CA THR KA 38 -28.04 13.97 -1.24
C THR KA 38 -28.00 12.54 -1.78
N TRP KA 39 -27.95 12.43 -3.12
CA TRP KA 39 -27.83 11.13 -3.76
C TRP KA 39 -26.38 10.72 -3.77
N GLU KA 40 -26.10 9.57 -3.18
CA GLU KA 40 -24.73 9.10 -3.10
C GLU KA 40 -24.62 7.75 -3.78
N PRO KA 41 -23.50 7.47 -4.45
CA PRO KA 41 -23.33 6.17 -5.06
C PRO KA 41 -23.28 5.07 -4.00
N GLU KA 42 -23.65 3.87 -4.44
CA GLU KA 42 -23.68 2.70 -3.58
C GLU KA 42 -22.40 2.52 -2.80
N HIS KA 43 -21.25 2.69 -3.45
CA HIS KA 43 -19.99 2.37 -2.79
C HIS KA 43 -19.54 3.46 -1.80
N HIS KA 44 -20.30 4.53 -1.66
CA HIS KA 44 -20.05 5.53 -0.64
C HIS KA 44 -20.56 5.09 0.72
N LEU KA 45 -21.42 4.07 0.80
CA LEU KA 45 -21.94 3.62 2.09
C LEU KA 45 -20.99 2.60 2.73
N LEU KA 46 -20.36 2.98 3.83
CA LEU KA 46 -19.40 2.10 4.50
C LEU KA 46 -19.93 1.77 5.89
N HIS KA 47 -19.71 0.51 6.31
CA HIS KA 47 -19.96 0.05 7.67
C HIS KA 47 -18.63 0.04 8.40
N CYS KA 48 -18.58 0.69 9.56
CA CYS KA 48 -17.33 0.86 10.31
C CYS KA 48 -17.42 0.22 11.69
N GLU KA 49 -16.39 -0.56 12.04
CA GLU KA 49 -16.29 -1.16 13.37
C GLU KA 49 -14.95 -0.81 13.99
N GLU KA 50 -14.87 -0.92 15.32
CA GLU KA 50 -13.62 -0.67 16.01
C GLU KA 50 -12.58 -1.67 15.52
N PHE KA 51 -11.39 -1.16 15.18
CA PHE KA 51 -10.34 -1.98 14.61
C PHE KA 51 -9.49 -2.68 15.68
N ILE KA 52 -9.42 -2.09 16.88
CA ILE KA 52 -8.60 -2.62 17.97
C ILE KA 52 -9.53 -2.84 19.17
N ASP KA 53 -9.94 -4.08 19.40
CA ASP KA 53 -10.83 -4.41 20.50
C ASP KA 53 -10.44 -5.75 21.11
N PHE LA 2 -21.68 4.83 7.72
CA PHE LA 2 -21.14 6.13 7.37
C PHE LA 2 -21.12 6.25 5.85
N ALA LA 3 -20.96 7.45 5.30
CA ALA LA 3 -20.87 7.62 3.86
C ALA LA 3 -20.02 8.81 3.42
N PHE LA 4 -19.33 8.68 2.29
CA PHE LA 4 -18.68 9.81 1.62
C PHE LA 4 -19.77 10.73 1.11
N SER LA 6 -21.12 13.84 -1.66
CA SER LA 6 -20.93 14.31 -3.07
C SER LA 6 -20.48 13.01 -3.84
N GLY MA 4 -17.85 14.38 15.26
CA GLY MA 4 -18.46 13.08 15.13
C GLY MA 4 -18.10 12.40 13.81
N ASP MA 5 -17.43 13.13 12.93
CA ASP MA 5 -17.08 12.63 11.62
C ASP MA 5 -15.83 11.79 11.70
N LEU MA 6 -15.60 10.97 10.68
CA LEU MA 6 -14.42 10.11 10.60
C LEU MA 6 -13.45 10.65 9.54
N TYR MA 7 -12.18 10.69 9.90
CA TYR MA 7 -11.12 11.16 9.01
C TYR MA 7 -10.17 10.00 8.74
N GLU MA 8 -9.66 9.94 7.52
CA GLU MA 8 -8.85 8.80 7.14
C GLU MA 8 -7.47 8.86 7.79
N VAL MA 9 -7.02 7.72 8.30
CA VAL MA 9 -5.73 7.61 8.98
C VAL MA 9 -4.66 7.17 7.99
N GLU MA 10 -3.54 7.90 7.95
CA GLU MA 10 -2.43 7.47 7.11
C GLU MA 10 -1.56 6.45 7.84
N ARG MA 11 -1.25 6.70 9.10
CA ARG MA 11 -0.30 5.89 9.83
C ARG MA 11 -0.56 6.10 11.30
N ILE MA 12 -0.30 5.06 12.09
CA ILE MA 12 -0.21 5.18 13.54
C ILE MA 12 1.26 5.46 13.85
N VAL MA 13 1.53 6.65 14.41
CA VAL MA 13 2.90 7.08 14.64
C VAL MA 13 3.44 6.66 16.00
N ASP MA 14 2.58 6.48 16.99
CA ASP MA 14 3.02 6.18 18.34
C ASP MA 14 1.86 5.64 19.16
N LYS MA 15 2.22 4.85 20.19
CA LYS MA 15 1.31 4.36 21.20
C LYS MA 15 1.81 4.82 22.56
N ARG MA 16 0.91 4.81 23.55
CA ARG MA 16 1.22 5.10 24.95
C ARG MA 16 0.01 4.72 25.78
N LYS MA 17 0.23 4.41 27.05
CA LYS MA 17 -0.86 4.12 27.98
C LYS MA 17 -1.14 5.37 28.82
N ASN MA 18 -2.42 5.70 28.95
CA ASN MA 18 -2.82 6.93 29.61
C ASN MA 18 -2.84 6.74 31.13
N LYS MA 19 -3.13 7.83 31.84
CA LYS MA 19 -3.18 7.76 33.30
C LYS MA 19 -4.22 6.75 33.77
N LYS MA 20 -5.40 6.74 33.15
CA LYS MA 20 -6.42 5.79 33.56
C LYS MA 20 -6.11 4.35 33.13
N GLY MA 21 -4.94 4.07 32.57
CA GLY MA 21 -4.59 2.73 32.16
C GLY MA 21 -5.16 2.28 30.83
N LYS MA 22 -5.78 3.18 30.07
CA LYS MA 22 -6.33 2.90 28.75
C LYS MA 22 -5.37 3.38 27.66
N TRP MA 23 -5.48 2.77 26.48
CA TRP MA 23 -4.54 3.04 25.39
C TRP MA 23 -4.90 4.29 24.60
N GLU MA 24 -3.86 4.97 24.12
CA GLU MA 24 -3.98 6.12 23.25
C GLU MA 24 -2.97 5.99 22.11
N TYR MA 25 -3.32 6.47 20.92
CA TYR MA 25 -2.44 6.36 19.75
C TYR MA 25 -2.23 7.71 19.10
N LEU MA 26 -1.02 7.96 18.63
CA LEU MA 26 -0.69 9.19 17.94
C LEU MA 26 -0.98 9.00 16.45
N ILE MA 27 -1.97 9.71 15.92
CA ILE MA 27 -2.50 9.46 14.60
C ILE MA 27 -1.90 10.46 13.61
N ARG MA 28 -1.31 9.94 12.53
CA ARG MA 28 -0.98 10.72 11.33
C ARG MA 28 -2.16 10.70 10.37
N TRP MA 29 -2.81 11.85 10.19
CA TRP MA 29 -4.03 11.94 9.40
C TRP MA 29 -3.71 12.06 7.91
N LYS MA 30 -4.39 11.25 7.11
CA LYS MA 30 -4.17 11.26 5.67
C LYS MA 30 -4.34 12.67 5.12
N GLY MA 31 -3.37 13.10 4.31
CA GLY MA 31 -3.39 14.42 3.71
C GLY MA 31 -2.74 15.50 4.54
N TYR MA 32 -2.17 15.16 5.71
CA TYR MA 32 -1.55 16.13 6.58
C TYR MA 32 -0.19 15.64 7.05
N GLY MA 33 0.58 16.59 7.57
CA GLY MA 33 1.89 16.34 8.12
C GLY MA 33 1.86 16.35 9.64
N SER MA 34 3.04 16.22 10.23
CA SER MA 34 3.18 16.07 11.68
C SER MA 34 2.53 17.21 12.49
N THR MA 35 2.34 18.40 11.90
CA THR MA 35 1.74 19.50 12.65
C THR MA 35 0.34 19.15 13.13
N GLU MA 36 -0.34 18.24 12.45
CA GLU MA 36 -1.72 17.91 12.77
C GLU MA 36 -1.85 16.62 13.57
N ASP MA 37 -0.75 15.95 13.91
CA ASP MA 37 -0.84 14.69 14.65
C ASP MA 37 -1.54 14.90 15.98
N THR MA 38 -2.41 13.97 16.33
CA THR MA 38 -3.19 14.05 17.56
C THR MA 38 -3.26 12.69 18.24
N TRP MA 39 -3.33 12.72 19.56
CA TRP MA 39 -3.50 11.49 20.32
C TRP MA 39 -4.97 11.12 20.41
N GLU MA 40 -5.29 9.89 20.00
CA GLU MA 40 -6.67 9.45 20.02
C GLU MA 40 -6.83 8.16 20.82
N PRO MA 41 -7.90 8.04 21.58
CA PRO MA 41 -8.12 6.80 22.32
C PRO MA 41 -8.38 5.63 21.38
N GLU MA 42 -8.06 4.44 21.89
CA GLU MA 42 -8.14 3.20 21.11
C GLU MA 42 -9.44 3.06 20.32
N HIS MA 43 -10.58 3.36 20.94
CA HIS MA 43 -11.84 3.06 20.29
C HIS MA 43 -12.19 4.06 19.20
N HIS MA 44 -11.36 5.08 18.99
CA HIS MA 44 -11.62 6.00 17.89
C HIS MA 44 -11.21 5.42 16.55
N LEU MA 45 -10.37 4.38 16.53
CA LEU MA 45 -9.89 3.82 15.28
C LEU MA 45 -10.94 2.84 14.76
N LEU MA 46 -11.54 3.15 13.61
CA LEU MA 46 -12.55 2.28 13.04
C LEU MA 46 -12.05 1.74 11.70
N HIS MA 47 -12.38 0.48 11.41
CA HIS MA 47 -12.15 -0.10 10.10
C HIS MA 47 -13.45 -0.11 9.33
N CYS MA 48 -13.45 0.47 8.14
CA CYS MA 48 -14.65 0.69 7.35
C CYS MA 48 -14.59 -0.09 6.04
N GLU MA 49 -15.65 -0.86 5.76
CA GLU MA 49 -15.79 -1.59 4.50
C GLU MA 49 -17.13 -1.22 3.87
N GLU MA 50 -17.26 -1.48 2.56
CA GLU MA 50 -18.52 -1.19 1.87
C GLU MA 50 -19.65 -2.05 2.43
N PHE MA 51 -20.80 -1.42 2.68
CA PHE MA 51 -21.90 -2.12 3.30
C PHE MA 51 -22.71 -2.95 2.31
N ILE MA 52 -22.66 -2.60 1.02
CA ILE MA 52 -23.43 -3.27 -0.01
C ILE MA 52 -22.45 -3.75 -1.08
N ASP MA 53 -22.15 -5.05 -1.09
CA ASP MA 53 -21.29 -5.66 -2.10
C ASP MA 53 -21.84 -7.04 -2.42
N PHE NA 2 -10.09 4.62 9.54
CA PHE NA 2 -10.55 5.96 9.84
C PHE NA 2 -10.60 6.16 11.37
N ALA NA 3 -10.57 7.40 11.85
CA ALA NA 3 -10.62 7.65 13.30
C ALA NA 3 -11.42 8.93 13.63
N PHE NA 4 -12.10 8.91 14.79
CA PHE NA 4 -12.74 10.09 15.36
C PHE NA 4 -11.70 11.04 15.93
N SER NA 6 -10.66 13.45 18.76
CA SER NA 6 -11.00 13.70 20.18
C SER NA 6 -11.19 15.22 20.37
N GLY OA 4 87.33 -1.48 -70.37
CA GLY OA 4 88.32 -0.66 -69.69
C GLY OA 4 87.67 0.31 -68.73
N ASP OA 5 86.34 0.45 -68.81
CA ASP OA 5 85.64 1.32 -67.87
C ASP OA 5 85.27 0.54 -66.61
N LEU OA 6 85.13 1.28 -65.50
CA LEU OA 6 84.76 0.72 -64.20
C LEU OA 6 83.36 1.19 -63.82
N TYR OA 7 82.52 0.25 -63.43
CA TYR OA 7 81.14 0.55 -63.06
C TYR OA 7 80.93 0.21 -61.60
N GLU OA 8 80.10 1.00 -60.90
CA GLU OA 8 79.96 0.81 -59.48
C GLU OA 8 79.18 -0.47 -59.18
N VAL OA 9 79.68 -1.25 -58.22
CA VAL OA 9 79.07 -2.52 -57.85
C VAL OA 9 78.12 -2.26 -56.70
N GLU OA 10 76.87 -2.69 -56.86
CA GLU OA 10 76.01 -2.52 -55.69
C GLU OA 10 76.03 -3.73 -54.77
N ARG OA 11 76.14 -4.93 -55.32
CA ARG OA 11 76.05 -6.14 -54.52
C ARG OA 11 76.72 -7.29 -55.26
N ILE OA 12 77.28 -8.21 -54.49
CA ILE OA 12 77.68 -9.52 -54.99
C ILE OA 12 76.54 -10.48 -54.71
N VAL OA 13 75.93 -11.00 -55.77
CA VAL OA 13 74.76 -11.85 -55.62
C VAL OA 13 75.13 -13.32 -55.48
N ASP OA 14 76.25 -13.75 -56.07
CA ASP OA 14 76.64 -15.15 -55.98
C ASP OA 14 78.07 -15.30 -56.46
N LYS OA 15 78.75 -16.32 -55.94
CA LYS OA 15 80.09 -16.69 -56.36
C LYS OA 15 80.10 -18.15 -56.80
N ARG OA 16 81.09 -18.51 -57.62
CA ARG OA 16 81.28 -19.87 -58.13
C ARG OA 16 82.68 -20.00 -58.73
N LYS OA 17 83.18 -21.23 -58.78
CA LYS OA 17 84.49 -21.55 -59.37
C LYS OA 17 84.30 -22.04 -60.79
N ASN OA 18 85.08 -21.47 -61.72
CA ASN OA 18 85.02 -21.83 -63.14
C ASN OA 18 85.98 -22.99 -63.45
N LYS OA 19 86.03 -23.34 -64.74
CA LYS OA 19 86.82 -24.48 -65.19
C LYS OA 19 88.30 -24.34 -64.84
N LYS OA 20 88.89 -23.17 -65.05
CA LYS OA 20 90.32 -23.05 -64.70
C LYS OA 20 90.58 -23.02 -63.17
N GLY OA 21 89.55 -23.19 -62.35
CA GLY OA 21 89.70 -23.20 -60.91
C GLY OA 21 89.79 -21.83 -60.27
N LYS OA 22 89.55 -20.76 -61.04
CA LYS OA 22 89.56 -19.40 -60.52
C LYS OA 22 88.13 -18.96 -60.22
N TRP OA 23 88.01 -18.01 -59.29
CA TRP OA 23 86.68 -17.60 -58.86
C TRP OA 23 86.07 -16.58 -59.80
N GLU OA 24 84.75 -16.61 -59.90
CA GLU OA 24 83.97 -15.65 -60.65
C GLU OA 24 82.81 -15.20 -59.77
N TYR OA 25 82.44 -13.93 -59.85
CA TYR OA 25 81.40 -13.38 -59.01
C TYR OA 25 80.29 -12.75 -59.83
N LEU OA 26 79.06 -13.00 -59.38
CA LEU OA 26 77.87 -12.46 -60.03
C LEU OA 26 77.56 -11.09 -59.46
N ILE OA 27 77.71 -10.06 -60.29
CA ILE OA 27 77.69 -8.67 -59.87
C ILE OA 27 76.31 -8.10 -60.10
N ARG OA 28 75.73 -7.51 -59.05
CA ARG OA 28 74.57 -6.63 -59.18
C ARG OA 28 75.13 -5.22 -59.37
N TRP OA 29 74.96 -4.64 -60.55
CA TRP OA 29 75.55 -3.35 -60.88
C TRP OA 29 74.68 -2.23 -60.32
N LYS OA 30 75.30 -1.27 -59.63
CA LYS OA 30 74.57 -0.15 -59.08
C LYS OA 30 73.81 0.59 -60.18
N GLY OA 31 72.51 0.81 -59.94
CA GLY OA 31 71.63 1.46 -60.90
C GLY OA 31 70.89 0.54 -61.86
N TYR OA 32 71.05 -0.78 -61.74
CA TYR OA 32 70.44 -1.74 -62.63
C TYR OA 32 69.81 -2.84 -61.81
N GLY OA 33 69.02 -3.68 -62.48
CA GLY OA 33 68.32 -4.76 -61.86
C GLY OA 33 68.91 -6.11 -62.17
N SER OA 34 68.22 -7.15 -61.71
CA SER OA 34 68.70 -8.51 -61.88
C SER OA 34 68.93 -8.85 -63.35
N THR OA 35 68.21 -8.16 -64.24
CA THR OA 35 68.33 -8.39 -65.68
C THR OA 35 69.73 -8.10 -66.19
N GLU OA 36 70.50 -7.25 -65.50
CA GLU OA 36 71.84 -6.85 -65.92
C GLU OA 36 72.97 -7.58 -65.20
N ASP OA 37 72.66 -8.53 -64.32
CA ASP OA 37 73.70 -9.29 -63.63
C ASP OA 37 74.60 -10.00 -64.63
N THR OA 38 75.90 -9.98 -64.35
CA THR OA 38 76.89 -10.62 -65.20
C THR OA 38 77.91 -11.32 -64.31
N TRP OA 39 78.42 -12.44 -64.79
CA TRP OA 39 79.50 -13.13 -64.08
C TRP OA 39 80.83 -12.48 -64.45
N GLU OA 40 81.59 -12.07 -63.43
CA GLU OA 40 82.87 -11.45 -63.69
C GLU OA 40 83.98 -12.19 -62.95
N PRO OA 41 85.17 -12.25 -63.53
CA PRO OA 41 86.30 -12.90 -62.85
C PRO OA 41 86.74 -12.13 -61.61
N GLU OA 42 87.30 -12.88 -60.66
CA GLU OA 42 87.67 -12.33 -59.37
C GLU OA 42 88.49 -11.05 -59.47
N HIS OA 43 89.43 -10.99 -60.41
CA HIS OA 43 90.34 -9.85 -60.42
C HIS OA 43 89.69 -8.60 -61.00
N HIS OA 44 88.43 -8.67 -61.43
CA HIS OA 44 87.70 -7.51 -61.93
C HIS OA 44 87.20 -6.58 -60.83
N LEU OA 45 87.12 -7.06 -59.57
CA LEU OA 45 86.60 -6.25 -58.47
C LEU OA 45 87.70 -5.35 -57.92
N LEU OA 46 87.52 -4.04 -58.03
CA LEU OA 46 88.52 -3.09 -57.54
C LEU OA 46 87.94 -2.24 -56.43
N HIS OA 47 88.79 -1.91 -55.45
CA HIS OA 47 88.48 -0.93 -54.42
C HIS OA 47 89.25 0.36 -54.73
N CYS OA 48 88.52 1.47 -54.81
CA CYS OA 48 89.06 2.75 -55.26
C CYS OA 48 89.02 3.78 -54.14
N GLU OA 49 90.13 4.50 -53.98
CA GLU OA 49 90.27 5.58 -53.03
C GLU OA 49 90.73 6.84 -53.77
N GLU OA 50 90.53 8.00 -53.15
CA GLU OA 50 90.98 9.26 -53.74
C GLU OA 50 92.50 9.25 -53.90
N PHE OA 51 92.96 9.69 -55.08
CA PHE OA 51 94.39 9.59 -55.41
C PHE OA 51 95.21 10.78 -54.90
N ILE OA 52 94.61 11.95 -54.73
CA ILE OA 52 95.34 13.14 -54.27
C ILE OA 52 94.68 13.62 -52.97
N ASP OA 53 95.29 13.27 -51.84
CA ASP OA 53 94.74 13.59 -50.52
C ASP OA 53 95.83 13.95 -49.52
N PHE PA 2 84.00 -0.87 -57.36
CA PHE PA 2 83.61 -0.88 -58.76
C PHE PA 2 84.21 -2.12 -59.45
N ALA PA 3 83.80 -2.45 -60.67
CA ALA PA 3 84.37 -3.61 -61.40
C ALA PA 3 84.39 -3.44 -62.92
N PHE PA 4 85.15 -4.32 -63.59
CA PHE PA 4 85.22 -4.38 -65.05
C PHE PA 4 84.12 -5.29 -65.63
N GLY QA 4 78.89 9.06 -62.58
CA GLY QA 4 79.17 8.07 -61.54
C GLY QA 4 80.07 6.88 -61.93
N ASP QA 5 80.35 6.70 -63.21
CA ASP QA 5 81.29 5.65 -63.61
C ASP QA 5 82.70 6.19 -63.63
N LEU QA 6 83.67 5.27 -63.63
CA LEU QA 6 85.08 5.61 -63.62
C LEU QA 6 85.69 5.30 -64.99
N TYR QA 7 86.44 6.27 -65.51
CA TYR QA 7 87.09 6.17 -66.80
C TYR QA 7 88.59 6.34 -66.62
N GLU QA 8 89.37 5.60 -67.38
CA GLU QA 8 90.81 5.61 -67.19
C GLU QA 8 91.41 6.93 -67.64
N VAL QA 9 92.32 7.47 -66.82
CA VAL QA 9 92.99 8.71 -67.12
C VAL QA 9 94.28 8.43 -67.87
N GLU QA 10 94.46 9.07 -69.02
CA GLU QA 10 95.69 8.99 -69.79
C GLU QA 10 96.73 10.01 -69.31
N ARG QA 11 96.30 11.23 -69.00
CA ARG QA 11 97.24 12.30 -68.74
C ARG QA 11 96.52 13.40 -67.98
N ILE QA 12 97.23 14.08 -67.10
CA ILE QA 12 96.76 15.33 -66.54
C ILE QA 12 97.33 16.42 -67.44
N VAL QA 13 96.44 17.11 -68.17
CA VAL QA 13 96.87 18.05 -69.20
C VAL QA 13 97.07 19.47 -68.68
N ASP QA 14 96.46 19.84 -67.56
CA ASP QA 14 96.59 21.19 -67.02
C ASP QA 14 96.08 21.19 -65.58
N LYS QA 15 96.55 22.18 -64.81
CA LYS QA 15 96.06 22.42 -63.46
C LYS QA 15 95.46 23.82 -63.37
N ARG QA 16 94.59 24.02 -62.38
CA ARG QA 16 94.04 25.33 -62.05
C ARG QA 16 93.29 25.23 -60.73
N LYS QA 17 93.24 26.34 -60.01
CA LYS QA 17 92.45 26.44 -58.79
C LYS QA 17 91.15 27.18 -59.12
N ASN QA 18 90.02 26.66 -58.63
CA ASN QA 18 88.73 27.28 -58.90
C ASN QA 18 88.46 28.39 -57.88
N LYS QA 19 87.31 29.07 -58.02
CA LYS QA 19 86.99 30.20 -57.14
C LYS QA 19 86.96 29.80 -55.67
N LYS QA 20 86.40 28.62 -55.36
CA LYS QA 20 86.31 28.13 -53.97
C LYS QA 20 87.66 27.67 -53.38
N GLY QA 21 88.81 27.82 -54.03
CA GLY QA 21 90.10 27.42 -53.47
C GLY QA 21 90.45 25.95 -53.61
N LYS QA 22 89.66 25.18 -54.34
CA LYS QA 22 89.95 23.77 -54.59
C LYS QA 22 90.58 23.61 -55.97
N TRP QA 23 91.38 22.56 -56.12
CA TRP QA 23 92.09 22.33 -57.36
C TRP QA 23 91.21 21.58 -58.37
N GLU QA 24 91.45 21.87 -59.65
CA GLU QA 24 90.80 21.17 -60.74
C GLU QA 24 91.85 20.80 -61.77
N TYR QA 25 91.65 19.64 -62.42
CA TYR QA 25 92.64 19.13 -63.37
C TYR QA 25 91.99 18.86 -64.73
N LEU QA 26 92.73 19.19 -65.79
CA LEU QA 26 92.28 18.98 -67.15
C LEU QA 26 92.67 17.56 -67.56
N ILE QA 27 91.68 16.72 -67.78
CA ILE QA 27 91.90 15.28 -67.90
C ILE QA 27 91.99 14.90 -69.37
N ARG QA 28 93.09 14.28 -69.75
CA ARG QA 28 93.19 13.56 -71.01
C ARG QA 28 92.78 12.11 -70.76
N TRP QA 29 91.65 11.72 -71.30
CA TRP QA 29 91.09 10.39 -71.06
C TRP QA 29 91.74 9.36 -71.97
N LYS QA 30 92.17 8.24 -71.40
CA LYS QA 30 92.72 7.18 -72.23
C LYS QA 30 91.70 6.75 -73.28
N GLY QA 31 92.13 6.66 -74.52
CA GLY QA 31 91.31 6.28 -75.64
C GLY QA 31 90.61 7.41 -76.38
N TYR QA 32 90.79 8.66 -75.96
CA TYR QA 32 90.15 9.80 -76.61
C TYR QA 32 91.18 10.90 -76.81
N GLY QA 33 90.81 11.90 -77.60
CA GLY QA 33 91.67 13.02 -77.94
C GLY QA 33 91.33 14.30 -77.18
N SER QA 34 92.00 15.38 -77.59
CA SER QA 34 91.78 16.67 -76.93
C SER QA 34 90.33 17.12 -77.00
N THR QA 35 89.56 16.65 -77.99
CA THR QA 35 88.15 17.07 -78.11
C THR QA 35 87.35 16.66 -76.89
N GLU QA 36 87.82 15.62 -76.18
CA GLU QA 36 87.12 15.05 -75.04
C GLU QA 36 87.70 15.48 -73.68
N ASP QA 37 88.77 16.30 -73.65
CA ASP QA 37 89.31 16.73 -72.36
C ASP QA 37 88.26 17.45 -71.54
N THR QA 38 88.28 17.22 -70.23
CA THR QA 38 87.33 17.82 -69.31
C THR QA 38 88.05 18.24 -68.05
N TRP QA 39 87.58 19.33 -67.45
CA TRP QA 39 88.09 19.76 -66.16
C TRP QA 39 87.40 18.99 -65.04
N GLU QA 40 88.19 18.37 -64.17
CA GLU QA 40 87.63 17.62 -63.05
C GLU QA 40 88.21 18.10 -61.74
N PRO QA 41 87.41 18.10 -60.67
CA PRO QA 41 87.95 18.47 -59.36
C PRO QA 41 88.94 17.42 -58.87
N GLU QA 42 89.85 17.87 -57.99
CA GLU QA 42 90.93 17.01 -57.49
C GLU QA 42 90.42 15.65 -57.00
N HIS QA 43 89.32 15.65 -56.27
CA HIS QA 43 88.87 14.41 -55.63
C HIS QA 43 88.20 13.44 -56.60
N HIS QA 44 88.13 13.79 -57.89
CA HIS QA 44 87.62 12.84 -58.88
C HIS QA 44 88.65 11.79 -59.27
N LEU QA 45 89.93 12.06 -59.04
CA LEU QA 45 91.01 11.14 -59.41
C LEU QA 45 91.18 10.07 -58.34
N LEU QA 46 90.97 8.81 -58.74
CA LEU QA 46 91.01 7.69 -57.82
C LEU QA 46 92.10 6.70 -58.22
N HIS QA 47 92.74 6.10 -57.22
CA HIS QA 47 93.66 4.96 -57.38
C HIS QA 47 92.90 3.70 -57.00
N CYS QA 48 92.85 2.73 -57.91
CA CYS QA 48 92.06 1.51 -57.72
C CYS QA 48 92.98 0.29 -57.68
N GLU QA 49 92.74 -0.58 -56.68
CA GLU QA 49 93.46 -1.83 -56.52
C GLU QA 49 92.46 -2.96 -56.41
N GLU QA 50 92.93 -4.18 -56.63
CA GLU QA 50 92.08 -5.35 -56.53
C GLU QA 50 91.56 -5.54 -55.12
N PHE QA 51 90.27 -5.82 -55.00
CA PHE QA 51 89.61 -5.92 -53.71
C PHE QA 51 89.76 -7.31 -53.11
N ILE QA 52 89.94 -8.34 -53.94
CA ILE QA 52 90.10 -9.71 -53.47
C ILE QA 52 91.46 -10.18 -53.99
N ASP QA 53 92.47 -10.10 -53.12
CA ASP QA 53 93.85 -10.45 -53.45
C ASP QA 53 94.50 -11.12 -52.25
N GLU QA 54 95.08 -12.31 -52.48
CA GLU QA 54 95.71 -13.15 -51.44
C GLU QA 54 96.70 -12.40 -50.55
N PHE RA 2 91.96 6.34 -62.32
CA PHE RA 2 90.67 6.48 -62.96
C PHE RA 2 89.99 7.76 -62.43
N ALA RA 3 88.96 8.25 -63.10
CA ALA RA 3 88.26 9.44 -62.59
C ALA RA 3 86.75 9.42 -62.89
N PHE RA 4 85.98 10.09 -62.03
CA PHE RA 4 84.57 10.38 -62.31
C PHE RA 4 84.50 11.50 -63.37
N SER RA 6 82.69 14.39 -64.52
CA SER RA 6 81.71 15.45 -64.22
C SER RA 6 81.57 16.16 -65.57
N GLY SA 4 4.93 -14.77 1.98
CA GLY SA 4 5.22 -13.58 1.20
C GLY SA 4 3.94 -12.89 0.77
N ASP SA 5 2.83 -13.59 0.97
CA ASP SA 5 1.52 -13.07 0.63
C ASP SA 5 0.94 -12.21 1.75
N LEU SA 6 -0.05 -11.41 1.39
CA LEU SA 6 -0.72 -10.53 2.34
C LEU SA 6 -2.12 -11.06 2.59
N TYR SA 7 -2.50 -11.11 3.86
CA TYR SA 7 -3.79 -11.59 4.26
C TYR SA 7 -4.56 -10.47 4.93
N GLU SA 8 -5.86 -10.44 4.68
CA GLU SA 8 -6.65 -9.32 5.18
C GLU SA 8 -6.84 -9.44 6.69
N VAL SA 9 -6.61 -8.33 7.40
CA VAL SA 9 -6.70 -8.28 8.85
C VAL SA 9 -8.10 -7.84 9.23
N GLU SA 10 -8.76 -8.63 10.07
CA GLU SA 10 -10.07 -8.24 10.56
C GLU SA 10 -9.97 -7.34 11.77
N ARG SA 11 -9.08 -7.66 12.71
CA ARG SA 11 -9.09 -6.94 13.97
C ARG SA 11 -7.75 -7.13 14.65
N ILE SA 12 -7.35 -6.13 15.43
CA ILE SA 12 -6.25 -6.30 16.37
C ILE SA 12 -6.84 -6.69 17.71
N VAL SA 13 -6.53 -7.91 18.15
CA VAL SA 13 -7.11 -8.47 19.36
C VAL SA 13 -6.28 -8.19 20.62
N ASP SA 14 -4.96 -8.04 20.47
CA ASP SA 14 -4.10 -7.82 21.62
C ASP SA 14 -2.76 -7.30 21.16
N LYS SA 15 -2.10 -6.54 22.03
CA LYS SA 15 -0.74 -6.08 21.81
C LYS SA 15 0.15 -6.57 22.95
N ARG SA 16 1.45 -6.65 22.69
CA ARG SA 16 2.44 -7.05 23.69
C ARG SA 16 3.83 -6.70 23.17
N LYS SA 17 4.76 -6.53 24.11
CA LYS SA 17 6.16 -6.23 23.81
C LYS SA 17 6.99 -7.52 23.87
N ASN SA 18 7.81 -7.75 22.83
CA ASN SA 18 8.62 -8.96 22.70
C ASN SA 18 10.00 -8.81 23.34
N LYS SA 19 10.79 -9.89 23.25
CA LYS SA 19 12.11 -9.94 23.89
C LYS SA 19 13.03 -8.82 23.42
N LYS SA 20 13.07 -8.54 22.13
CA LYS SA 20 13.92 -7.48 21.60
C LYS SA 20 13.38 -6.06 21.92
N GLY SA 21 12.30 -5.93 22.71
CA GLY SA 21 11.75 -4.63 23.07
C GLY SA 21 10.84 -3.99 22.05
N LYS SA 22 10.48 -4.72 20.99
CA LYS SA 22 9.59 -4.28 19.93
C LYS SA 22 8.16 -4.79 20.15
N TRP SA 23 7.20 -4.10 19.53
CA TRP SA 23 5.79 -4.44 19.69
C TRP SA 23 5.38 -5.57 18.74
N GLU SA 24 4.44 -6.41 19.21
CA GLU SA 24 3.83 -7.46 18.43
C GLU SA 24 2.33 -7.43 18.68
N TYR SA 25 1.54 -7.76 17.66
CA TYR SA 25 0.09 -7.64 17.73
C TYR SA 25 -0.58 -8.96 17.43
N LEU SA 26 -1.63 -9.26 18.19
CA LEU SA 26 -2.39 -10.49 17.98
C LEU SA 26 -3.49 -10.20 16.97
N ILE SA 27 -3.36 -10.81 15.80
CA ILE SA 27 -4.15 -10.44 14.62
C ILE SA 27 -5.31 -11.42 14.46
N ARG SA 28 -6.54 -10.89 14.38
CA ARG SA 28 -7.69 -11.67 13.95
C ARG SA 28 -7.79 -11.56 12.44
N TRP SA 29 -7.54 -12.66 11.74
CA TRP SA 29 -7.50 -12.64 10.28
C TRP SA 29 -8.92 -12.71 9.74
N LYS SA 30 -9.27 -11.80 8.83
CA LYS SA 30 -10.61 -11.76 8.26
C LYS SA 30 -10.99 -13.09 7.64
N GLY SA 31 -12.18 -13.57 7.97
CA GLY SA 31 -12.66 -14.87 7.53
C GLY SA 31 -12.33 -16.04 8.44
N TYR SA 32 -11.69 -15.81 9.57
CA TYR SA 32 -11.28 -16.88 10.48
C TYR SA 32 -11.68 -16.50 11.91
N GLY SA 33 -11.60 -17.50 12.79
CA GLY SA 33 -11.92 -17.33 14.19
C GLY SA 33 -10.68 -17.34 15.06
N SER SA 34 -10.93 -17.27 16.37
CA SER SA 34 -9.83 -17.13 17.32
C SER SA 34 -8.79 -18.26 17.19
N THR SA 35 -9.20 -19.46 16.75
CA THR SA 35 -8.24 -20.55 16.64
C THR SA 35 -7.10 -20.23 15.69
N GLU SA 36 -7.31 -19.29 14.77
CA GLU SA 36 -6.29 -18.93 13.81
C GLU SA 36 -5.54 -17.66 14.18
N ASP SA 37 -5.84 -17.04 15.31
CA ASP SA 37 -5.13 -15.81 15.71
C ASP SA 37 -3.64 -16.07 15.84
N THR SA 38 -2.83 -15.10 15.41
CA THR SA 38 -1.38 -15.22 15.51
C THR SA 38 -0.76 -13.89 15.93
N TRP SA 39 0.36 -13.98 16.65
CA TRP SA 39 1.12 -12.80 17.03
C TRP SA 39 2.04 -12.42 15.89
N GLU SA 40 1.93 -11.17 15.43
CA GLU SA 40 2.72 -10.70 14.31
C GLU SA 40 3.53 -9.47 14.70
N PRO SA 41 4.75 -9.33 14.20
CA PRO SA 41 5.56 -8.16 14.54
C PRO SA 41 4.96 -6.89 13.96
N GLU SA 42 5.26 -5.76 14.63
CA GLU SA 42 4.64 -4.49 14.28
C GLU SA 42 4.71 -4.23 12.79
N HIS SA 43 5.84 -4.48 12.17
CA HIS SA 43 6.02 -4.12 10.77
C HIS SA 43 5.27 -5.05 9.80
N HIS SA 44 4.56 -6.05 10.29
CA HIS SA 44 3.76 -6.88 9.39
C HIS SA 44 2.42 -6.25 9.00
N LEU SA 45 1.92 -5.27 9.74
CA LEU SA 45 0.62 -4.67 9.43
C LEU SA 45 0.80 -3.61 8.36
N LEU SA 46 0.23 -3.83 7.20
CA LEU SA 46 0.37 -2.91 6.08
C LEU SA 46 -0.98 -2.30 5.77
N HIS SA 47 -0.98 -1.03 5.41
CA HIS SA 47 -2.17 -0.40 4.89
C HIS SA 47 -2.02 -0.28 3.37
N CYS SA 48 -2.98 -0.85 2.64
CA CYS SA 48 -2.93 -0.94 1.19
C CYS SA 48 -4.06 -0.12 0.57
N GLU SA 49 -3.71 0.75 -0.37
CA GLU SA 49 -4.67 1.56 -1.11
C GLU SA 49 -4.41 1.42 -2.60
N GLU SA 50 -5.38 1.85 -3.39
CA GLU SA 50 -5.27 1.77 -4.84
C GLU SA 50 -4.04 2.50 -5.35
N PHE SA 51 -3.29 1.82 -6.23
CA PHE SA 51 -2.04 2.33 -6.77
C PHE SA 51 -2.23 3.25 -7.98
N ILE SA 52 -3.35 3.12 -8.70
CA ILE SA 52 -3.65 3.93 -9.88
C ILE SA 52 -5.00 4.61 -9.66
N ASP SA 53 -4.98 5.92 -9.43
CA ASP SA 53 -6.24 6.69 -9.25
C ASP SA 53 -6.15 8.07 -9.90
N PHE TA 2 -3.99 -5.10 5.85
CA PHE TA 2 -3.52 -6.44 5.57
C PHE TA 2 -2.24 -6.77 6.37
N ALA TA 3 -1.88 -8.04 6.53
CA ALA TA 3 -0.63 -8.36 7.24
C ALA TA 3 0.13 -9.57 6.69
N PHE TA 4 1.41 -9.67 7.07
CA PHE TA 4 2.13 -10.90 6.79
C PHE TA 4 1.96 -11.96 7.87
N SER TA 6 3.35 -14.79 9.19
CA SER TA 6 4.66 -15.46 9.18
C SER TA 6 4.91 -15.88 10.64
N GLY UA 4 -9.48 -12.79 -2.03
CA GLY UA 4 -9.35 -11.71 -1.08
C GLY UA 4 -7.93 -11.45 -0.65
N ASP UA 5 -7.00 -12.33 -1.01
CA ASP UA 5 -5.61 -12.17 -0.63
C ASP UA 5 -4.87 -11.29 -1.64
N LEU UA 6 -3.76 -10.73 -1.19
CA LEU UA 6 -2.91 -9.87 -2.01
C LEU UA 6 -1.58 -10.58 -2.30
N TYR UA 7 -1.17 -10.57 -3.57
CA TYR UA 7 0.09 -11.19 -3.99
C TYR UA 7 1.00 -10.16 -4.62
N GLU UA 8 2.30 -10.32 -4.39
CA GLU UA 8 3.25 -9.31 -4.85
C GLU UA 8 3.34 -9.31 -6.37
N VAL UA 9 3.31 -8.14 -6.96
CA VAL UA 9 3.39 -7.97 -8.40
C VAL UA 9 4.85 -7.76 -8.76
N GLU UA 10 5.37 -8.60 -9.65
CA GLU UA 10 6.73 -8.46 -10.12
C GLU UA 10 6.82 -7.50 -11.30
N ARG UA 11 5.86 -7.56 -12.20
CA ARG UA 11 5.98 -6.79 -13.44
C ARG UA 11 4.58 -6.57 -13.99
N ILE UA 12 4.38 -5.41 -14.61
CA ILE UA 12 3.23 -5.20 -15.47
C ILE UA 12 3.67 -5.47 -16.89
N VAL UA 13 3.17 -6.56 -17.48
CA VAL UA 13 3.63 -6.96 -18.81
C VAL UA 13 2.78 -6.40 -19.96
N ASP UA 14 1.52 -6.03 -19.71
CA ASP UA 14 0.66 -5.58 -20.80
C ASP UA 14 -0.52 -4.78 -20.24
N LYS UA 15 -1.02 -3.84 -21.05
CA LYS UA 15 -2.20 -3.02 -20.78
C LYS UA 15 -3.25 -3.20 -21.86
N ARG UA 16 -4.51 -2.91 -21.54
CA ARG UA 16 -5.60 -2.94 -22.52
C ARG UA 16 -6.84 -2.26 -21.94
N LYS UA 17 -7.66 -1.70 -22.81
CA LYS UA 17 -8.95 -1.10 -22.42
C LYS UA 17 -10.07 -2.11 -22.68
N ASN UA 18 -10.96 -2.27 -21.71
CA ASN UA 18 -12.06 -3.22 -21.86
C ASN UA 18 -13.23 -2.54 -22.56
N LYS UA 19 -14.33 -3.29 -22.74
CA LYS UA 19 -15.48 -2.75 -23.46
C LYS UA 19 -16.00 -1.47 -22.84
N LYS UA 20 -16.09 -1.42 -21.51
CA LYS UA 20 -16.55 -0.23 -20.80
C LYS UA 20 -15.53 0.90 -20.76
N GLY UA 21 -14.37 0.77 -21.41
CA GLY UA 21 -13.38 1.83 -21.37
C GLY UA 21 -12.51 1.87 -20.14
N LYS UA 22 -12.56 0.83 -19.30
CA LYS UA 22 -11.76 0.73 -18.09
C LYS UA 22 -10.51 -0.10 -18.36
N TRP UA 23 -9.45 0.20 -17.60
CA TRP UA 23 -8.15 -0.42 -17.83
C TRP UA 23 -7.99 -1.73 -17.07
N GLU UA 24 -7.28 -2.68 -17.68
CA GLU UA 24 -6.93 -3.95 -17.08
C GLU UA 24 -5.48 -4.27 -17.42
N TYR UA 25 -4.78 -4.91 -16.48
CA TYR UA 25 -3.35 -5.14 -16.65
C TYR UA 25 -3.00 -6.61 -16.50
N LEU UA 26 -2.08 -7.08 -17.36
CA LEU UA 26 -1.58 -8.45 -17.31
C LEU UA 26 -0.40 -8.50 -16.34
N ILE UA 27 -0.57 -9.26 -15.27
CA ILE UA 27 0.30 -9.23 -14.10
C ILE UA 27 1.30 -10.38 -14.15
N ARG UA 28 2.57 -10.07 -13.96
CA ARG UA 28 3.57 -11.07 -13.61
C ARG UA 28 3.68 -11.16 -12.09
N TRP UA 29 3.25 -12.27 -11.51
CA TRP UA 29 3.24 -12.42 -10.06
C TRP UA 29 4.63 -12.83 -9.59
N LYS UA 30 5.21 -12.10 -8.63
CA LYS UA 30 6.56 -12.40 -8.17
C LYS UA 30 6.66 -13.85 -7.73
N GLY UA 31 7.70 -14.53 -8.23
CA GLY UA 31 7.91 -15.93 -7.97
C GLY UA 31 7.28 -16.88 -8.96
N TYR UA 32 6.65 -16.37 -10.03
CA TYR UA 32 5.95 -17.16 -11.02
C TYR UA 32 6.38 -16.72 -12.41
N GLY UA 33 6.02 -17.55 -13.40
CA GLY UA 33 6.32 -17.28 -14.80
C GLY UA 33 5.10 -16.92 -15.62
N SER UA 34 5.35 -16.76 -16.93
CA SER UA 34 4.30 -16.36 -17.88
C SER UA 34 3.12 -17.30 -17.87
N THR UA 35 3.31 -18.55 -17.44
CA THR UA 35 2.22 -19.51 -17.36
C THR UA 35 1.13 -19.05 -16.39
N GLU UA 36 1.48 -18.20 -15.43
CA GLU UA 36 0.55 -17.73 -14.41
C GLU UA 36 0.01 -16.32 -14.66
N ASP UA 37 0.37 -15.65 -15.75
CA ASP UA 37 -0.11 -14.29 -15.98
C ASP UA 37 -1.63 -14.24 -16.00
N THR UA 38 -2.16 -13.17 -15.41
CA THR UA 38 -3.60 -12.96 -15.33
C THR UA 38 -3.91 -11.49 -15.61
N TRP UA 39 -5.04 -11.27 -16.26
CA TRP UA 39 -5.47 -9.91 -16.50
C TRP UA 39 -6.22 -9.41 -15.27
N GLU UA 40 -5.77 -8.27 -14.73
CA GLU UA 40 -6.38 -7.72 -13.54
C GLU UA 40 -6.84 -6.29 -13.79
N PRO UA 41 -8.00 -5.91 -13.28
CA PRO UA 41 -8.46 -4.53 -13.42
C PRO UA 41 -7.61 -3.54 -12.64
N GLU UA 42 -7.62 -2.29 -13.12
CA GLU UA 42 -6.79 -1.23 -12.56
C GLU UA 42 -6.86 -1.20 -11.04
N HIS UA 43 -8.07 -1.36 -10.47
CA HIS UA 43 -8.24 -1.21 -9.02
C HIS UA 43 -7.74 -2.42 -8.23
N HIS UA 44 -7.27 -3.49 -8.88
CA HIS UA 44 -6.69 -4.58 -8.11
C HIS UA 44 -5.24 -4.30 -7.67
N LEU UA 45 -4.57 -3.33 -8.30
CA LEU UA 45 -3.18 -3.00 -7.96
C LEU UA 45 -3.15 -2.09 -6.74
N LEU UA 46 -2.59 -2.59 -5.65
CA LEU UA 46 -2.51 -1.83 -4.41
C LEU UA 46 -1.06 -1.53 -4.08
N HIS UA 47 -0.83 -0.34 -3.55
CA HIS UA 47 0.44 0.05 -2.97
C HIS UA 47 0.33 -0.08 -1.46
N CYS UA 48 1.22 -0.85 -0.85
CA CYS UA 48 1.14 -1.15 0.58
C CYS UA 48 2.31 -0.55 1.33
N GLU UA 49 2.01 0.18 2.40
CA GLU UA 49 3.01 0.78 3.28
C GLU UA 49 2.74 0.32 4.70
N GLU UA 50 3.79 0.38 5.52
CA GLU UA 50 3.67 -0.04 6.91
C GLU UA 50 2.68 0.85 7.60
N PHE UA 51 1.75 0.24 8.34
CA PHE UA 51 0.69 0.99 8.99
C PHE UA 51 1.13 1.56 10.34
N ILE UA 52 2.10 0.92 11.01
CA ILE UA 52 2.57 1.35 12.32
C ILE UA 52 4.09 1.54 12.26
N ASP UA 53 4.53 2.80 12.10
CA ASP UA 53 5.94 3.17 12.05
C ASP UA 53 6.12 4.49 12.75
N GLU UA 54 7.33 4.75 13.24
CA GLU UA 54 7.60 5.97 14.00
C GLU UA 54 7.90 7.18 13.11
N PHE UA 55 8.52 6.98 11.95
CA PHE UA 55 9.11 8.10 11.20
C PHE UA 55 8.71 8.11 9.72
N PHE VA 2 1.11 -4.79 -4.71
CA PHE VA 2 0.44 -6.07 -4.55
C PHE VA 2 -0.87 -6.06 -5.35
N ALA VA 3 -1.44 -7.23 -5.63
CA ALA VA 3 -2.68 -7.29 -6.39
C ALA VA 3 -3.56 -8.47 -6.02
N PHE VA 4 -4.86 -8.27 -6.14
CA PHE VA 4 -5.82 -9.37 -6.02
C PHE VA 4 -5.78 -10.23 -7.25
N SER VA 6 -7.78 -12.66 -9.83
CA SER VA 6 -9.15 -12.94 -10.32
N GLY WA 4 19.13 11.56 -11.43
CA GLY WA 4 19.67 10.21 -11.41
C GLY WA 4 19.34 9.37 -10.17
N ASP WA 5 18.79 10.00 -9.13
CA ASP WA 5 18.40 9.31 -7.93
C ASP WA 5 16.98 8.73 -8.04
N LEU WA 6 16.68 7.77 -7.18
CA LEU WA 6 15.38 7.11 -7.17
C LEU WA 6 14.55 7.61 -5.99
N TYR WA 7 13.31 7.97 -6.27
CA TYR WA 7 12.39 8.45 -5.27
C TYR WA 7 11.16 7.55 -5.21
N GLU WA 8 10.62 7.39 -4.01
CA GLU WA 8 9.50 6.47 -3.82
C GLU WA 8 8.21 7.01 -4.44
N VAL WA 9 7.51 6.14 -5.16
CA VAL WA 9 6.25 6.47 -5.83
C VAL WA 9 5.09 6.06 -4.92
N GLU WA 10 4.21 7.02 -4.62
CA GLU WA 10 3.01 6.74 -3.85
C GLU WA 10 1.83 6.32 -4.72
N ARG WA 11 1.63 6.96 -5.87
CA ARG WA 11 0.44 6.67 -6.66
C ARG WA 11 0.67 7.14 -8.09
N ILE WA 12 0.10 6.40 -9.03
CA ILE WA 12 -0.06 6.85 -10.41
C ILE WA 12 -1.45 7.43 -10.51
N VAL WA 13 -1.53 8.76 -10.64
CA VAL WA 13 -2.82 9.45 -10.62
C VAL WA 13 -3.41 9.62 -12.01
N ASP WA 14 -2.58 9.62 -13.05
CA ASP WA 14 -3.07 9.82 -14.41
C ASP WA 14 -2.04 9.24 -15.37
N LYS WA 15 -2.54 8.76 -16.50
CA LYS WA 15 -1.73 8.24 -17.58
C LYS WA 15 -2.08 8.96 -18.88
N ARG WA 16 -1.18 8.88 -19.86
CA ARG WA 16 -1.44 9.44 -21.18
C ARG WA 16 -0.46 8.82 -22.17
N LYS WA 17 -0.90 8.69 -23.42
CA LYS WA 17 -0.10 8.16 -24.51
C LYS WA 17 0.47 9.35 -25.26
N ASN WA 18 1.78 9.34 -25.50
CA ASN WA 18 2.44 10.48 -26.12
C ASN WA 18 2.42 10.40 -27.64
N LYS WA 19 3.09 11.36 -28.28
CA LYS WA 19 3.10 11.42 -29.74
C LYS WA 19 3.64 10.12 -30.35
N LYS WA 20 4.75 9.61 -29.83
CA LYS WA 20 5.36 8.36 -30.31
C LYS WA 20 4.61 7.10 -29.85
N GLY WA 21 3.46 7.23 -29.19
CA GLY WA 21 2.69 6.08 -28.79
C GLY WA 21 3.15 5.36 -27.54
N LYS WA 22 4.11 5.91 -26.80
CA LYS WA 22 4.58 5.31 -25.58
C LYS WA 22 3.87 5.97 -24.40
N TRP WA 23 3.79 5.24 -23.30
CA TRP WA 23 3.02 5.68 -22.13
C TRP WA 23 3.83 6.56 -21.18
N GLU WA 24 3.13 7.52 -20.55
CA GLU WA 24 3.68 8.41 -19.53
C GLU WA 24 2.70 8.48 -18.36
N TYR WA 25 3.23 8.58 -17.13
CA TYR WA 25 2.43 8.53 -15.92
C TYR WA 25 2.68 9.72 -15.01
N LEU WA 26 1.61 10.24 -14.43
CA LEU WA 26 1.69 11.36 -13.49
C LEU WA 26 1.92 10.79 -12.10
N ILE WA 27 3.10 11.06 -11.54
CA ILE WA 27 3.59 10.36 -10.36
C ILE WA 27 3.25 11.20 -9.13
N ARG WA 28 2.55 10.58 -8.17
CA ARG WA 28 2.44 11.15 -6.84
C ARG WA 28 3.63 10.65 -6.03
N TRP WA 29 4.52 11.57 -5.67
CA TRP WA 29 5.74 11.21 -4.95
C TRP WA 29 5.47 11.12 -3.45
N LYS WA 30 5.73 9.95 -2.87
CA LYS WA 30 5.54 9.75 -1.44
C LYS WA 30 6.27 10.83 -0.65
N GLY WA 31 5.56 11.45 0.30
CA GLY WA 31 6.12 12.54 1.06
C GLY WA 31 5.86 13.93 0.49
N TYR WA 32 5.12 14.02 -0.61
CA TYR WA 32 4.78 15.29 -1.25
C TYR WA 32 3.31 15.32 -1.60
N GLY WA 33 2.82 16.52 -1.95
CA GLY WA 33 1.46 16.71 -2.40
C GLY WA 33 1.43 16.96 -3.90
N SER WA 34 0.21 17.20 -4.41
CA SER WA 34 0.02 17.35 -5.85
C SER WA 34 0.86 18.47 -6.45
N THR WA 35 1.26 19.47 -5.65
CA THR WA 35 2.08 20.55 -6.19
C THR WA 35 3.41 20.05 -6.75
N GLU WA 36 3.87 18.89 -6.32
CA GLU WA 36 5.14 18.34 -6.78
C GLU WA 36 4.98 17.25 -7.85
N ASP WA 37 3.75 16.91 -8.24
CA ASP WA 37 3.53 15.87 -9.24
C ASP WA 37 4.25 16.19 -10.54
N THR WA 38 4.78 15.14 -11.17
CA THR WA 38 5.47 15.25 -12.45
C THR WA 38 5.11 14.07 -13.33
N TRP WA 39 5.02 14.30 -14.63
CA TRP WA 39 4.79 13.21 -15.58
C TRP WA 39 6.11 12.51 -15.88
N GLU WA 40 6.11 11.20 -15.71
CA GLU WA 40 7.32 10.46 -15.95
C GLU WA 40 7.09 9.40 -17.01
N PRO WA 41 8.07 9.12 -17.87
CA PRO WA 41 7.88 8.08 -18.88
C PRO WA 41 7.79 6.69 -18.25
N GLU WA 42 7.10 5.80 -18.96
CA GLU WA 42 6.80 4.46 -18.46
C GLU WA 42 8.02 3.78 -17.86
N HIS WA 43 9.17 3.86 -18.55
CA HIS WA 43 10.38 3.14 -18.17
C HIS WA 43 11.10 3.74 -16.97
N HIS WA 44 10.61 4.85 -16.40
CA HIS WA 44 11.20 5.36 -15.17
C HIS WA 44 10.73 4.60 -13.93
N LEU WA 45 9.64 3.84 -14.02
CA LEU WA 45 9.10 3.14 -12.86
C LEU WA 45 9.86 1.83 -12.66
N LEU WA 46 10.54 1.71 -11.50
CA LEU WA 46 11.42 0.59 -11.20
C LEU WA 46 10.87 -0.23 -10.03
N HIS WA 47 11.08 -1.54 -10.11
CA HIS WA 47 10.87 -2.45 -8.99
C HIS WA 47 12.24 -2.83 -8.41
N CYS WA 48 12.41 -2.64 -7.10
CA CYS WA 48 13.69 -2.86 -6.44
C CYS WA 48 13.60 -3.98 -5.39
N GLU WA 49 14.54 -4.92 -5.46
CA GLU WA 49 14.62 -6.04 -4.52
C GLU WA 49 16.03 -6.08 -3.92
N GLU WA 50 16.16 -6.77 -2.79
CA GLU WA 50 17.48 -6.92 -2.18
C GLU WA 50 18.42 -7.65 -3.14
N PHE WA 51 19.63 -7.11 -3.30
CA PHE WA 51 20.63 -7.58 -4.25
C PHE WA 51 21.45 -8.75 -3.70
N ILE WA 52 21.55 -8.88 -2.38
CA ILE WA 52 22.35 -9.92 -1.73
C ILE WA 52 21.34 -10.67 -0.85
N ASP WA 53 20.88 -11.84 -1.30
CA ASP WA 53 19.84 -12.51 -0.52
C ASP WA 53 19.95 -14.03 -0.45
N GLU WA 54 19.34 -14.72 -1.44
CA GLU WA 54 18.85 -16.15 -1.39
C GLU WA 54 17.38 -16.22 -0.92
N PHE XA 2 9.89 2.63 -7.10
CA PHE XA 2 10.64 3.87 -7.11
C PHE XA 2 10.73 4.39 -8.55
N ALA XA 3 10.96 5.69 -8.73
CA ALA XA 3 11.05 6.22 -10.08
C ALA XA 3 12.07 7.33 -10.17
N PHE XA 4 12.68 7.46 -11.36
CA PHE XA 4 13.52 8.62 -11.67
C PHE XA 4 12.62 9.81 -11.92
N SER XA 6 12.38 13.31 -13.76
CA SER XA 6 13.03 14.04 -14.89
C SER XA 6 11.94 14.18 -15.95
N GLY YA 4 15.35 7.41 2.99
CA GLY YA 4 14.30 6.61 2.37
C GLY YA 4 14.36 6.59 0.86
N ASP YA 5 15.15 7.49 0.27
CA ASP YA 5 15.39 7.52 -1.18
C ASP YA 5 16.51 6.57 -1.56
N LEU YA 6 16.58 6.22 -2.84
CA LEU YA 6 17.58 5.29 -3.32
C LEU YA 6 18.63 6.03 -4.13
N TYR YA 7 19.91 5.76 -3.81
CA TYR YA 7 21.06 6.35 -4.46
C TYR YA 7 21.91 5.25 -5.07
N GLU YA 8 22.52 5.54 -6.21
CA GLU YA 8 23.33 4.56 -6.94
C GLU YA 8 24.67 4.31 -6.25
N VAL YA 9 25.02 3.03 -6.12
CA VAL YA 9 26.27 2.62 -5.51
C VAL YA 9 27.31 2.52 -6.60
N GLU YA 10 28.42 3.24 -6.44
CA GLU YA 10 29.50 3.12 -7.39
C GLU YA 10 30.40 1.95 -7.05
N ARG YA 11 30.68 1.73 -5.75
CA ARG YA 11 31.66 0.74 -5.36
C ARG YA 11 31.37 0.28 -3.94
N ILE YA 12 31.68 -1.00 -3.69
CA ILE YA 12 31.78 -1.53 -2.34
C ILE YA 12 33.26 -1.43 -1.96
N VAL YA 13 33.55 -0.61 -0.95
CA VAL YA 13 34.94 -0.33 -0.58
C VAL YA 13 35.45 -1.31 0.48
N ASP YA 14 34.56 -1.87 1.30
CA ASP YA 14 34.95 -2.77 2.37
C ASP YA 14 33.72 -3.52 2.89
N LYS YA 15 33.96 -4.72 3.42
CA LYS YA 15 32.94 -5.55 4.06
C LYS YA 15 33.36 -5.84 5.49
N ARG YA 16 32.39 -6.18 6.34
CA ARG YA 16 32.68 -6.56 7.72
C ARG YA 16 31.43 -7.18 8.34
N LYS YA 17 31.65 -8.05 9.31
CA LYS YA 17 30.60 -8.68 10.08
C LYS YA 17 30.42 -7.89 11.36
N ASN YA 18 29.18 -7.52 11.68
CA ASN YA 18 28.95 -6.70 12.86
C ASN YA 18 28.82 -7.60 14.10
N LYS YA 19 28.62 -6.97 15.27
CA LYS YA 19 28.57 -7.72 16.52
C LYS YA 19 27.50 -8.80 16.48
N LYS YA 20 26.32 -8.48 15.92
CA LYS YA 20 25.22 -9.42 15.74
C LYS YA 20 25.47 -10.44 14.62
N GLY YA 21 26.65 -10.42 14.00
CA GLY YA 21 27.00 -11.39 12.96
C GLY YA 21 26.48 -11.08 11.58
N LYS YA 22 25.89 -9.90 11.36
CA LYS YA 22 25.36 -9.50 10.06
C LYS YA 22 26.38 -8.63 9.33
N TRP YA 23 26.33 -8.68 8.01
CA TRP YA 23 27.32 -8.03 7.17
C TRP YA 23 26.98 -6.56 6.93
N GLU YA 24 28.02 -5.75 6.84
CA GLU YA 24 27.92 -4.34 6.54
C GLU YA 24 28.92 -4.01 5.44
N TYR YA 25 28.56 -3.05 4.59
CA TYR YA 25 29.37 -2.70 3.44
C TYR YA 25 29.63 -1.21 3.45
N LEU YA 26 30.86 -0.83 3.08
CA LEU YA 26 31.25 0.58 2.97
C LEU YA 26 31.00 1.03 1.54
N ILE YA 27 30.02 1.94 1.35
CA ILE YA 27 29.50 2.26 0.04
C ILE YA 27 30.14 3.55 -0.48
N ARG YA 28 30.72 3.49 -1.67
CA ARG YA 28 31.14 4.66 -2.45
C ARG YA 28 29.98 5.07 -3.35
N TRP YA 29 29.39 6.24 -3.08
CA TRP YA 29 28.21 6.67 -3.82
C TRP YA 29 28.62 7.32 -5.14
N LYS YA 30 28.00 6.87 -6.24
CA LYS YA 30 28.33 7.45 -7.55
C LYS YA 30 28.17 8.96 -7.53
N GLY YA 31 29.20 9.67 -8.00
CA GLY YA 31 29.18 11.10 -8.01
C GLY YA 31 29.74 11.76 -6.77
N TYR YA 32 30.24 10.99 -5.81
CA TYR YA 32 30.75 11.57 -4.57
C TYR YA 32 32.11 10.96 -4.28
N GLY YA 33 32.83 11.54 -3.32
CA GLY YA 33 34.15 11.08 -2.94
C GLY YA 33 34.18 10.32 -1.62
N SER YA 34 35.39 9.94 -1.24
CA SER YA 34 35.60 9.11 -0.07
C SER YA 34 35.05 9.74 1.21
N THR YA 35 34.96 11.08 1.25
CA THR YA 35 34.48 11.76 2.45
C THR YA 35 33.06 11.34 2.81
N GLU YA 36 32.27 10.89 1.83
CA GLU YA 36 30.88 10.55 2.04
C GLU YA 36 30.62 9.05 2.22
N ASP YA 37 31.67 8.22 2.17
CA ASP YA 37 31.52 6.79 2.35
C ASP YA 37 30.86 6.47 3.69
N THR YA 38 29.92 5.51 3.67
CA THR YA 38 29.17 5.14 4.85
C THR YA 38 28.97 3.63 4.90
N TRP YA 39 28.99 3.07 6.09
CA TRP YA 39 28.76 1.64 6.26
C TRP YA 39 27.25 1.36 6.27
N GLU YA 40 26.82 0.45 5.40
CA GLU YA 40 25.42 0.14 5.22
C GLU YA 40 25.16 -1.33 5.49
N PRO YA 41 24.01 -1.67 6.07
CA PRO YA 41 23.66 -3.09 6.23
C PRO YA 41 23.36 -3.73 4.88
N GLU YA 42 23.60 -5.05 4.83
CA GLU YA 42 23.49 -5.83 3.60
C GLU YA 42 22.19 -5.55 2.85
N HIS YA 43 21.07 -5.48 3.57
CA HIS YA 43 19.76 -5.34 2.96
C HIS YA 43 19.48 -3.93 2.42
N HIS YA 44 20.43 -3.00 2.55
CA HIS YA 44 20.28 -1.69 1.93
C HIS YA 44 20.61 -1.68 0.45
N LEU YA 45 21.33 -2.68 -0.06
CA LEU YA 45 21.70 -2.71 -1.47
C LEU YA 45 20.56 -3.33 -2.25
N LEU YA 46 19.96 -2.58 -3.18
CA LEU YA 46 18.84 -3.07 -3.95
C LEU YA 46 19.19 -3.21 -5.43
N HIS YA 47 18.64 -4.24 -6.06
CA HIS YA 47 18.70 -4.38 -7.50
C HIS YA 47 17.35 -3.93 -8.06
N CYS YA 48 17.39 -2.93 -8.95
CA CYS YA 48 16.21 -2.27 -9.49
C CYS YA 48 16.04 -2.48 -10.99
N GLU YA 49 14.85 -2.94 -11.39
CA GLU YA 49 14.50 -3.17 -12.79
C GLU YA 49 13.23 -2.44 -13.14
N GLU YA 50 13.02 -2.28 -14.44
CA GLU YA 50 11.80 -1.64 -14.95
C GLU YA 50 10.55 -2.42 -14.57
N PHE YA 51 9.54 -1.70 -14.06
CA PHE YA 51 8.34 -2.32 -13.51
C PHE YA 51 7.29 -2.63 -14.58
N ILE YA 52 7.28 -1.90 -15.69
CA ILE YA 52 6.26 -2.11 -16.72
C ILE YA 52 6.98 -2.51 -18.01
N ASP YA 53 6.96 -3.81 -18.31
CA ASP YA 53 7.64 -4.39 -19.47
C ASP YA 53 6.79 -5.47 -20.14
N PHE ZA 2 21.25 0.12 -6.50
CA PHE ZA 2 20.93 1.31 -5.73
C PHE ZA 2 20.86 0.98 -4.24
N ALA ZA 3 21.13 1.95 -3.35
CA ALA ZA 3 21.08 1.69 -1.90
C ALA ZA 3 20.52 2.83 -1.04
N PHE ZA 4 19.78 2.45 0.02
CA PHE ZA 4 19.35 3.40 1.07
C PHE ZA 4 20.53 3.89 1.87
N SER ZA 6 21.77 4.73 5.28
CA SER ZA 6 21.47 4.55 6.72
C SER ZA 6 21.85 5.84 7.50
#